data_8DPM
#
_entry.id   8DPM
#
_cell.length_a   1.00
_cell.length_b   1.00
_cell.length_c   1.00
_cell.angle_alpha   90.00
_cell.angle_beta   90.00
_cell.angle_gamma   90.00
#
_symmetry.space_group_name_H-M   'P 1'
#
loop_
_entity.id
_entity.type
_entity.pdbx_description
1 polymer 'Glycoprotein GP1'
2 polymer 'Glycoprotein GP2'
3 polymer 'Antibody 6D6 scFv'
4 polymer 'Antibody 9.20.1A2 Fab heavy chain'
5 polymer 'Antibody 9.20.1A2 Fab light chain'
6 branched alpha-D-mannopyranose-(1-3)-alpha-D-mannopyranose-(1-6)-[alpha-D-mannopyranose-(1-3)]beta-D-mannopyranose-(1-4)-2-acetamido-2-deoxy-beta-D-glucopyranose-(1-4)-2-acetamido-2-deoxy-beta-D-glucopyranose
7 non-polymer 2-acetamido-2-deoxy-beta-D-glucopyranose
#
loop_
_entity_poly.entity_id
_entity_poly.type
_entity_poly.pdbx_seq_one_letter_code
_entity_poly.pdbx_strand_id
1 'polypeptide(L)'
;IPLGVIHNSTLQVSDVDKLVCRDKLSSTNQLRSVGLNLEGNGVATDVPSATKRWGFRSGVPPKVVNYEAGEWAENCYNLE
IKKPDGSECLPAAPDGIRGFPRCRYVHKVSGTGPCAGDFAFHKEGAFFLYDRLASTVIYRGTTFAEGVVAFLILPQAKKD
FFSSHPLREPVNATEDPSSGYYSTTIRYQATGFGTNETEYLFEVDNLTYVQLESRFTPQFLLQLNETIYTSGKRSNTTGK
LIWKVNPEIDTTIGEWAFWETKKNLTRKIRSEELSFTVVS
;
F,A,K
2 'polypeptide(L)'
;EAIVNAQPKCNPNLHYWTTQDEGAAIGLAWIPYFGPAAEGIYTEGLMHNQDGLICGLRQLANETTQALQLFLRATTELRT
FSILNRKAIDFLLQRWGGTCHILGPDCCIEPHDWTKNITDKIDQIIHDFVDKTLPD
;
G,B,L
3 'polypeptide(L)'
;QVQLQQSGTELVKPGASVKLSCKASGYTFTSYWMHWVKQRPGQGLEWIGEINPRNGRTDFSEKFKSKATLTVDTSSSTAF
IQLSSLTSEDSAVYYCARWGYYGSSDYWGQGTALTVSSGTGGSGGGGSGGGGSGGGASDIVVTQSHKFMSTSVGDRVSIT
CKASQDVSVAVAWYQQKTGQSPKLLIYSASYRITGVPDRFTGSGSGTDFTFTISSVQAEDMAVYYCQQHYSTPPWTFGGG
TKL
;
H,C,M
4 'polypeptide(L)'
;EVQLVESGGDLVQPGGSLRLSCAASGITLSGVWMNWVRQAPGKGLEWIGRIKSTSDGGRADFAAPARGRFTMSRDESKNK
LFLQMNNLGIEDTGMYYCFTRVQRDGTKDDFWGRGTLVTVSS
;
I,D,N
5 'polypeptide(L)'
;QSVLTQPPSVSGAPGQTVTISCTGSYSNIGAGYDVQWYQHLPGTAPKLLIYDNVHRPSGVPDRFSGSKSGTSASLAITGL
QTEDEADYYCQSYDSRLRDQWVFGGGTKLTVL
;
J,E,O
#
loop_
_chem_comp.id
_chem_comp.type
_chem_comp.name
_chem_comp.formula
BMA D-saccharide, beta linking beta-D-mannopyranose 'C6 H12 O6'
MAN D-saccharide, alpha linking alpha-D-mannopyranose 'C6 H12 O6'
NAG D-saccharide, beta linking 2-acetamido-2-deoxy-beta-D-glucopyranose 'C8 H15 N O6'
#
# COMPACT_ATOMS: atom_id res chain seq x y z
N ILE A 1 18.42 19.82 1.51
CA ILE A 1 19.17 18.60 1.26
C ILE A 1 20.42 18.90 0.44
N PRO A 2 21.59 18.54 0.99
CA PRO A 2 22.84 18.78 0.27
C PRO A 2 22.88 18.04 -1.06
N LEU A 3 23.54 18.66 -2.03
CA LEU A 3 23.68 18.09 -3.37
C LEU A 3 25.16 18.09 -3.73
N GLY A 4 25.55 17.14 -4.59
CA GLY A 4 26.93 17.01 -4.98
C GLY A 4 27.16 17.17 -6.47
N VAL A 5 28.00 18.13 -6.84
CA VAL A 5 28.35 18.39 -8.23
C VAL A 5 29.82 18.04 -8.42
N ILE A 6 30.10 17.19 -9.41
CA ILE A 6 31.45 16.70 -9.66
C ILE A 6 32.11 17.71 -10.60
N HIS A 7 32.82 18.67 -10.02
CA HIS A 7 33.56 19.67 -10.77
C HIS A 7 34.97 19.16 -11.02
N ASN A 8 35.36 19.12 -12.30
CA ASN A 8 36.68 18.64 -12.75
C ASN A 8 37.12 17.40 -11.98
N SER A 9 36.25 16.38 -11.99
CA SER A 9 36.51 15.10 -11.34
C SER A 9 36.73 15.27 -9.83
N THR A 10 36.10 16.28 -9.24
CA THR A 10 36.18 16.50 -7.80
C THR A 10 34.80 16.87 -7.28
N LEU A 11 34.38 16.21 -6.21
CA LEU A 11 33.05 16.40 -5.66
C LEU A 11 33.04 17.58 -4.69
N GLN A 12 32.01 18.42 -4.80
CA GLN A 12 31.81 19.56 -3.92
C GLN A 12 30.34 19.61 -3.52
N VAL A 13 30.08 19.93 -2.26
CA VAL A 13 28.70 20.01 -1.77
C VAL A 13 28.05 21.26 -2.34
N SER A 14 26.94 21.08 -3.04
CA SER A 14 26.23 22.19 -3.68
C SER A 14 25.17 22.74 -2.71
N ASP A 15 25.65 23.46 -1.70
CA ASP A 15 24.75 24.11 -0.75
C ASP A 15 24.08 25.35 -1.34
N VAL A 16 24.59 25.88 -2.44
CA VAL A 16 24.02 27.05 -3.10
C VAL A 16 23.78 26.70 -4.56
N ASP A 17 22.55 26.91 -5.03
CA ASP A 17 22.21 26.60 -6.41
C ASP A 17 22.79 27.63 -7.38
N LYS A 18 23.21 28.78 -6.90
CA LYS A 18 23.79 29.85 -7.72
C LYS A 18 25.30 29.69 -7.91
N LEU A 19 25.83 28.46 -7.80
CA LEU A 19 27.27 28.26 -7.87
C LEU A 19 27.86 28.82 -9.15
N VAL A 20 27.49 28.24 -10.30
CA VAL A 20 28.05 28.63 -11.59
C VAL A 20 27.22 28.02 -12.71
N CYS A 21 27.16 28.72 -13.84
CA CYS A 21 26.55 28.16 -15.04
C CYS A 21 27.36 27.01 -15.63
N ARG A 22 28.59 26.81 -15.15
CA ARG A 22 29.41 25.68 -15.61
C ARG A 22 28.73 24.35 -15.29
N ASP A 23 28.07 24.26 -14.14
CA ASP A 23 27.32 23.06 -13.80
C ASP A 23 26.18 22.86 -14.79
N LYS A 24 26.12 21.66 -15.38
CA LYS A 24 25.15 21.35 -16.42
C LYS A 24 24.28 20.17 -15.97
N LEU A 25 22.98 20.30 -16.16
CA LEU A 25 22.02 19.24 -15.88
C LEU A 25 21.18 19.05 -17.15
N SER A 26 21.69 18.24 -18.08
CA SER A 26 21.00 18.05 -19.35
C SER A 26 19.81 17.13 -19.20
N SER A 27 19.91 16.11 -18.35
CA SER A 27 18.84 15.14 -18.18
C SER A 27 18.86 14.61 -16.76
N THR A 28 17.78 13.93 -16.38
CA THR A 28 17.67 13.35 -15.04
C THR A 28 18.66 12.21 -14.82
N ASN A 29 19.27 11.68 -15.88
CA ASN A 29 20.25 10.61 -15.70
C ASN A 29 21.46 11.10 -14.93
N GLN A 30 21.79 12.39 -15.04
CA GLN A 30 22.89 12.95 -14.25
C GLN A 30 22.56 12.90 -12.76
N LEU A 31 21.31 13.18 -12.40
CA LEU A 31 20.90 13.06 -11.00
C LEU A 31 20.91 11.60 -10.58
N ARG A 32 21.54 11.32 -9.44
CA ARG A 32 21.64 9.96 -8.94
C ARG A 32 21.73 10.02 -7.42
N SER A 33 21.05 9.08 -6.76
CA SER A 33 21.08 8.94 -5.31
C SER A 33 21.86 7.68 -4.96
N VAL A 34 23.05 7.86 -4.40
CA VAL A 34 23.94 6.75 -4.07
C VAL A 34 23.81 6.47 -2.59
N GLY A 35 23.51 5.22 -2.25
CA GLY A 35 23.43 4.81 -0.86
C GLY A 35 24.70 4.12 -0.39
N LEU A 36 25.52 4.84 0.37
CA LEU A 36 26.80 4.33 0.84
C LEU A 36 26.67 3.76 2.24
N ASN A 37 27.27 2.59 2.44
CA ASN A 37 27.22 1.93 3.73
C ASN A 37 28.11 2.65 4.74
N LEU A 38 27.88 2.36 6.02
CA LEU A 38 28.68 2.93 7.09
C LEU A 38 29.98 2.18 7.32
N GLU A 39 30.13 0.98 6.76
CA GLU A 39 31.39 0.25 6.93
C GLU A 39 32.55 0.97 6.27
N GLY A 40 32.30 1.66 5.15
CA GLY A 40 33.35 2.45 4.52
C GLY A 40 33.82 3.59 5.40
N ASN A 41 32.93 4.16 6.21
CA ASN A 41 33.30 5.24 7.11
C ASN A 41 34.16 4.78 8.27
N GLY A 42 34.31 3.47 8.47
CA GLY A 42 35.16 2.94 9.51
C GLY A 42 34.46 2.57 10.81
N VAL A 43 33.12 2.51 10.82
CA VAL A 43 32.43 2.14 12.04
C VAL A 43 32.62 0.65 12.33
N ALA A 44 32.36 0.27 13.58
CA ALA A 44 32.52 -1.12 13.99
C ALA A 44 31.47 -1.99 13.31
N THR A 45 31.91 -3.09 12.70
CA THR A 45 31.03 -4.01 12.00
C THR A 45 30.66 -5.23 12.82
N ASP A 46 31.18 -5.34 14.06
CA ASP A 46 30.88 -6.49 14.90
C ASP A 46 29.41 -6.46 15.31
N VAL A 47 28.81 -7.66 15.37
CA VAL A 47 27.40 -7.76 15.78
C VAL A 47 27.17 -7.20 17.18
N PRO A 48 27.96 -7.53 18.20
CA PRO A 48 27.74 -6.90 19.52
C PRO A 48 27.92 -5.39 19.50
N SER A 49 28.68 -4.85 18.55
CA SER A 49 28.87 -3.42 18.45
C SER A 49 27.87 -2.75 17.51
N ALA A 50 27.42 -3.46 16.47
CA ALA A 50 26.47 -2.88 15.54
C ALA A 50 25.07 -2.78 16.14
N THR A 51 24.66 -3.80 16.89
CA THR A 51 23.32 -3.80 17.48
C THR A 51 23.15 -2.73 18.54
N LYS A 52 24.24 -2.23 19.12
CA LYS A 52 24.14 -1.14 20.08
C LYS A 52 23.73 0.17 19.43
N ARG A 53 23.92 0.30 18.12
CA ARG A 53 23.52 1.51 17.40
C ARG A 53 22.06 1.50 16.97
N TRP A 54 21.33 0.42 17.25
CA TRP A 54 19.93 0.29 16.88
C TRP A 54 19.08 0.35 18.14
N GLY A 55 18.05 1.19 18.11
CA GLY A 55 17.16 1.34 19.24
C GLY A 55 15.71 1.27 18.81
N PHE A 56 14.87 0.89 19.76
CA PHE A 56 13.43 0.74 19.53
C PHE A 56 12.70 1.97 20.08
N ARG A 57 11.80 2.51 19.26
CA ARG A 57 11.00 3.66 19.65
C ARG A 57 9.59 3.50 19.13
N SER A 58 8.65 4.18 19.78
CA SER A 58 7.25 4.16 19.39
C SER A 58 6.76 5.59 19.19
N GLY A 59 5.89 5.78 18.19
CA GLY A 59 5.34 7.07 17.88
C GLY A 59 5.95 7.74 16.66
N VAL A 60 7.07 7.24 16.15
CA VAL A 60 7.70 7.79 14.96
C VAL A 60 7.37 6.88 13.78
N PRO A 61 6.59 7.34 12.80
CA PRO A 61 6.26 6.47 11.67
C PRO A 61 7.51 6.17 10.85
N PRO A 62 7.59 4.97 10.26
CA PRO A 62 8.71 4.66 9.38
C PRO A 62 8.68 5.49 8.11
N LYS A 63 9.88 5.78 7.59
CA LYS A 63 10.03 6.53 6.35
C LYS A 63 11.00 5.81 5.45
N VAL A 64 10.70 5.79 4.15
CA VAL A 64 11.51 5.10 3.15
C VAL A 64 11.89 6.10 2.08
N VAL A 65 13.18 6.14 1.74
CA VAL A 65 13.71 7.02 0.70
C VAL A 65 14.42 6.16 -0.33
N ASN A 66 14.14 6.42 -1.61
CA ASN A 66 14.69 5.62 -2.70
C ASN A 66 16.10 6.07 -3.06
N TYR A 67 16.97 5.11 -3.31
CA TYR A 67 18.30 5.36 -3.85
C TYR A 67 18.56 4.39 -4.98
N GLU A 68 19.08 4.90 -6.11
CA GLU A 68 19.31 4.06 -7.27
C GLU A 68 20.62 3.29 -7.16
N ALA A 69 21.73 3.99 -7.06
CA ALA A 69 23.03 3.34 -6.96
C ALA A 69 23.34 2.98 -5.51
N GLY A 70 24.03 1.86 -5.34
CA GLY A 70 24.40 1.38 -4.01
C GLY A 70 25.88 1.06 -3.95
N GLU A 71 26.29 0.57 -2.78
CA GLU A 71 27.67 0.18 -2.53
C GLU A 71 27.69 -1.26 -2.03
N TRP A 72 28.67 -2.02 -2.52
CA TRP A 72 28.86 -3.39 -2.04
C TRP A 72 29.14 -3.39 -0.55
N ALA A 73 28.40 -4.20 0.19
CA ALA A 73 28.50 -4.25 1.64
C ALA A 73 29.22 -5.52 2.07
N GLU A 74 30.29 -5.36 2.83
CA GLU A 74 31.04 -6.49 3.36
C GLU A 74 30.45 -7.05 4.65
N ASN A 75 29.49 -6.35 5.26
CA ASN A 75 28.86 -6.79 6.50
C ASN A 75 27.40 -6.36 6.47
N CYS A 76 26.51 -7.32 6.24
CA CYS A 76 25.07 -7.08 6.28
C CYS A 76 24.45 -7.78 7.48
N TYR A 77 23.25 -7.35 7.84
CA TYR A 77 22.55 -7.87 9.01
C TYR A 77 21.16 -8.31 8.61
N ASN A 78 20.69 -9.38 9.25
CA ASN A 78 19.35 -9.94 9.00
C ASN A 78 18.74 -10.24 10.36
N LEU A 79 18.00 -9.28 10.91
CA LEU A 79 17.43 -9.43 12.24
C LEU A 79 16.15 -10.25 12.18
N GLU A 80 16.10 -11.32 12.97
CA GLU A 80 14.91 -12.15 13.12
C GLU A 80 14.54 -12.28 14.58
N ILE A 81 14.76 -11.22 15.37
CA ILE A 81 14.54 -11.29 16.80
C ILE A 81 13.03 -11.32 17.10
N LYS A 82 12.69 -11.89 18.25
CA LYS A 82 11.31 -11.97 18.70
C LYS A 82 11.26 -11.68 20.19
N LYS A 83 10.08 -11.33 20.67
CA LYS A 83 9.90 -11.09 22.09
C LYS A 83 10.09 -12.39 22.87
N PRO A 84 10.46 -12.29 24.15
CA PRO A 84 10.74 -13.51 24.93
C PRO A 84 9.57 -14.46 25.03
N ASP A 85 8.34 -13.98 24.87
CA ASP A 85 7.16 -14.83 24.87
C ASP A 85 6.81 -15.34 23.48
N GLY A 86 7.61 -15.03 22.47
CA GLY A 86 7.35 -15.46 21.11
C GLY A 86 6.63 -14.45 20.25
N SER A 87 6.32 -13.27 20.78
CA SER A 87 5.64 -12.25 19.99
C SER A 87 6.59 -11.62 18.99
N GLU A 88 6.01 -11.08 17.92
CA GLU A 88 6.80 -10.43 16.89
C GLU A 88 7.42 -9.14 17.43
N CYS A 89 8.68 -8.90 17.06
CA CYS A 89 9.42 -7.73 17.52
C CYS A 89 9.62 -6.68 16.42
N LEU A 90 9.76 -7.10 15.16
CA LEU A 90 9.97 -6.21 14.05
C LEU A 90 8.84 -6.32 13.04
N PRO A 91 8.44 -5.24 12.41
CA PRO A 91 7.37 -5.31 11.41
C PRO A 91 7.81 -6.10 10.18
N ALA A 92 6.84 -6.76 9.57
CA ALA A 92 7.12 -7.50 8.34
C ALA A 92 7.46 -6.54 7.20
N ALA A 93 8.34 -7.00 6.32
CA ALA A 93 8.77 -6.17 5.20
C ALA A 93 7.61 -5.99 4.22
N PRO A 94 7.21 -4.75 3.91
CA PRO A 94 6.10 -4.56 2.98
C PRO A 94 6.48 -4.90 1.55
N ASP A 95 5.52 -4.85 0.64
CA ASP A 95 5.80 -5.12 -0.76
C ASP A 95 6.78 -4.08 -1.31
N GLY A 96 7.78 -4.56 -2.05
CA GLY A 96 8.83 -3.72 -2.57
C GLY A 96 10.08 -3.65 -1.72
N ILE A 97 10.03 -4.12 -0.49
CA ILE A 97 11.18 -4.15 0.40
C ILE A 97 11.78 -5.55 0.34
N ARG A 98 13.04 -5.64 -0.12
CA ARG A 98 13.76 -6.90 -0.21
C ARG A 98 15.10 -6.75 0.47
N GLY A 99 15.82 -7.86 0.58
CA GLY A 99 17.12 -7.83 1.20
C GLY A 99 18.13 -7.05 0.39
N PHE A 100 19.21 -6.65 1.05
CA PHE A 100 20.27 -5.92 0.37
C PHE A 100 20.88 -6.81 -0.70
N PRO A 101 21.06 -6.31 -1.93
CA PRO A 101 21.42 -7.20 -3.05
C PRO A 101 22.80 -7.82 -2.91
N ARG A 102 23.82 -7.02 -2.63
CA ARG A 102 25.21 -7.47 -2.60
C ARG A 102 25.71 -7.43 -1.17
N CYS A 103 25.94 -8.61 -0.59
CA CYS A 103 26.40 -8.74 0.79
C CYS A 103 27.47 -9.82 0.85
N ARG A 104 28.69 -9.44 1.23
CA ARG A 104 29.73 -10.44 1.42
C ARG A 104 29.41 -11.35 2.59
N TYR A 105 28.93 -10.79 3.69
CA TYR A 105 28.50 -11.55 4.85
C TYR A 105 27.13 -11.05 5.30
N VAL A 106 26.27 -11.98 5.69
CA VAL A 106 24.92 -11.68 6.16
C VAL A 106 24.85 -12.16 7.59
N HIS A 107 25.01 -11.24 8.55
CA HIS A 107 24.95 -11.57 9.97
C HIS A 107 23.48 -11.73 10.35
N LYS A 108 22.97 -12.94 10.16
CA LYS A 108 21.57 -13.24 10.46
C LYS A 108 21.45 -13.43 11.97
N VAL A 109 21.07 -12.36 12.66
CA VAL A 109 21.00 -12.35 14.11
C VAL A 109 19.56 -12.69 14.52
N SER A 110 19.39 -13.84 15.16
CA SER A 110 18.10 -14.25 15.73
C SER A 110 18.23 -14.37 17.23
N GLY A 111 17.09 -14.48 17.90
CA GLY A 111 17.06 -14.64 19.33
C GLY A 111 15.92 -13.86 19.93
N THR A 112 16.05 -13.56 21.22
CA THR A 112 15.04 -12.85 21.98
C THR A 112 15.62 -11.57 22.56
N GLY A 113 14.74 -10.59 22.78
CA GLY A 113 15.13 -9.33 23.36
C GLY A 113 13.94 -8.42 23.61
N PRO A 114 14.12 -7.45 24.49
CA PRO A 114 13.03 -6.48 24.73
C PRO A 114 12.75 -5.66 23.50
N CYS A 115 11.47 -5.33 23.30
CA CYS A 115 11.01 -4.56 22.14
C CYS A 115 10.13 -3.43 22.69
N ALA A 116 10.78 -2.33 23.07
CA ALA A 116 10.09 -1.21 23.70
C ALA A 116 9.36 -0.32 22.70
N GLY A 117 9.57 -0.52 21.41
CA GLY A 117 8.90 0.29 20.41
C GLY A 117 8.43 -0.57 19.25
N ASP A 118 7.51 0.00 18.48
CA ASP A 118 6.98 -0.70 17.32
C ASP A 118 8.01 -0.86 16.21
N PHE A 119 9.02 0.02 16.16
CA PHE A 119 10.02 -0.02 15.11
C PHE A 119 11.40 0.16 15.72
N ALA A 120 12.41 -0.37 15.04
CA ALA A 120 13.79 -0.27 15.47
C ALA A 120 14.50 0.79 14.63
N PHE A 121 14.89 1.89 15.27
CA PHE A 121 15.53 3.00 14.59
C PHE A 121 17.05 2.94 14.80
N HIS A 122 17.75 3.84 14.12
CA HIS A 122 19.21 3.92 14.21
C HIS A 122 19.58 5.09 15.13
N LYS A 123 20.37 4.79 16.16
CA LYS A 123 20.72 5.82 17.14
C LYS A 123 21.59 6.92 16.54
N GLU A 124 22.38 6.60 15.51
CA GLU A 124 23.22 7.60 14.87
C GLU A 124 22.46 8.40 13.81
N GLY A 125 21.19 8.08 13.56
CA GLY A 125 20.41 8.78 12.57
C GLY A 125 20.56 8.26 11.16
N ALA A 126 21.36 7.21 10.94
CA ALA A 126 21.56 6.68 9.61
C ALA A 126 20.35 5.85 9.17
N PHE A 127 20.40 5.42 7.92
CA PHE A 127 19.33 4.62 7.33
C PHE A 127 19.71 3.15 7.31
N PHE A 128 18.72 2.30 7.06
CA PHE A 128 18.91 0.87 6.88
C PHE A 128 18.68 0.56 5.40
N LEU A 129 19.78 0.41 4.66
CA LEU A 129 19.68 0.21 3.22
C LEU A 129 19.10 -1.16 2.91
N TYR A 130 18.25 -1.20 1.88
CA TYR A 130 17.63 -2.44 1.43
C TYR A 130 17.90 -2.63 -0.06
N ASP A 131 17.16 -3.55 -0.69
CA ASP A 131 17.35 -3.89 -2.10
C ASP A 131 17.56 -2.65 -2.97
N ARG A 132 16.61 -1.73 -2.96
CA ARG A 132 16.79 -0.46 -3.65
C ARG A 132 16.17 0.70 -2.87
N LEU A 133 15.82 0.50 -1.60
CA LEU A 133 15.16 1.50 -0.79
C LEU A 133 15.88 1.65 0.54
N ALA A 134 15.96 2.87 1.03
CA ALA A 134 16.57 3.17 2.32
C ALA A 134 15.47 3.50 3.32
N SER A 135 15.39 2.73 4.40
CA SER A 135 14.37 2.90 5.41
C SER A 135 15.01 3.23 6.75
N THR A 136 14.29 4.02 7.55
CA THR A 136 14.76 4.39 8.87
C THR A 136 14.48 3.33 9.93
N VAL A 137 13.79 2.25 9.57
CA VAL A 137 13.42 1.21 10.52
C VAL A 137 13.95 -0.14 10.00
N ILE A 138 13.91 -1.13 10.89
CA ILE A 138 14.38 -2.48 10.59
C ILE A 138 13.16 -3.38 10.42
N TYR A 139 13.15 -4.14 9.32
CA TYR A 139 12.06 -5.06 9.03
C TYR A 139 12.48 -6.49 9.32
N ARG A 140 11.51 -7.30 9.75
CA ARG A 140 11.80 -8.66 10.17
C ARG A 140 12.22 -9.53 8.99
N GLY A 141 13.28 -10.31 9.18
CA GLY A 141 13.71 -11.27 8.18
C GLY A 141 14.07 -10.67 6.84
N THR A 142 14.73 -9.51 6.85
CA THR A 142 15.15 -8.84 5.63
C THR A 142 16.58 -8.38 5.79
N THR A 143 17.45 -8.82 4.87
CA THR A 143 18.85 -8.43 4.92
C THR A 143 18.99 -6.94 4.67
N PHE A 144 19.80 -6.27 5.49
CA PHE A 144 20.02 -4.84 5.35
C PHE A 144 21.44 -4.50 5.73
N ALA A 145 21.90 -3.35 5.24
CA ALA A 145 23.20 -2.80 5.61
C ALA A 145 22.98 -1.37 6.06
N GLU A 146 23.40 -1.06 7.28
CA GLU A 146 23.25 0.29 7.82
C GLU A 146 24.13 1.25 7.02
N GLY A 147 23.52 2.26 6.42
CA GLY A 147 24.25 3.17 5.58
C GLY A 147 23.54 4.50 5.45
N VAL A 148 24.08 5.35 4.57
CA VAL A 148 23.56 6.69 4.35
C VAL A 148 23.43 6.92 2.85
N VAL A 149 22.57 7.87 2.50
CA VAL A 149 22.21 8.15 1.11
C VAL A 149 22.75 9.53 0.73
N ALA A 150 23.36 9.62 -0.44
CA ALA A 150 23.89 10.87 -0.98
C ALA A 150 23.25 11.16 -2.33
N PHE A 151 22.91 12.43 -2.55
CA PHE A 151 22.36 12.89 -3.83
C PHE A 151 23.43 13.71 -4.55
N LEU A 152 23.70 13.34 -5.80
CA LEU A 152 24.77 13.97 -6.57
C LEU A 152 24.33 14.14 -8.02
N ILE A 153 25.01 15.05 -8.71
CA ILE A 153 24.82 15.27 -10.15
C ILE A 153 26.01 14.66 -10.86
N LEU A 154 25.75 13.66 -11.69
CA LEU A 154 26.81 13.02 -12.46
C LEU A 154 27.23 13.90 -13.64
N PRO A 155 28.48 13.81 -14.07
CA PRO A 155 28.92 14.59 -15.22
C PRO A 155 28.29 14.08 -16.51
N GLN A 156 28.49 14.86 -17.57
CA GLN A 156 27.98 14.51 -18.89
C GLN A 156 28.60 13.22 -19.42
N TYR A 181 30.17 -13.55 -6.87
CA TYR A 181 29.28 -13.08 -5.82
C TYR A 181 28.71 -14.24 -5.01
N TYR A 182 29.03 -14.26 -3.71
CA TYR A 182 28.49 -15.26 -2.81
C TYR A 182 28.42 -14.67 -1.41
N SER A 183 27.33 -14.98 -0.70
CA SER A 183 27.08 -14.49 0.64
C SER A 183 27.27 -15.62 1.64
N THR A 184 28.02 -15.34 2.71
CA THR A 184 28.29 -16.31 3.76
C THR A 184 27.46 -15.90 4.98
N THR A 185 26.31 -16.54 5.15
CA THR A 185 25.45 -16.24 6.28
C THR A 185 26.08 -16.72 7.59
N ILE A 186 26.01 -15.88 8.61
CA ILE A 186 26.54 -16.19 9.93
C ILE A 186 25.36 -16.18 10.92
N ARG A 187 25.25 -17.24 11.71
CA ARG A 187 24.13 -17.41 12.63
C ARG A 187 24.50 -16.89 14.01
N TYR A 188 23.60 -16.09 14.60
CA TYR A 188 23.78 -15.56 15.93
C TYR A 188 22.53 -15.83 16.77
N GLN A 189 22.73 -16.09 18.05
CA GLN A 189 21.64 -16.27 19.01
C GLN A 189 21.83 -15.24 20.12
N ALA A 190 21.04 -14.17 20.07
CA ALA A 190 21.16 -13.06 20.99
C ALA A 190 20.03 -13.10 22.01
N THR A 191 20.39 -13.00 23.29
CA THR A 191 19.42 -12.91 24.37
C THR A 191 19.56 -11.54 25.02
N GLY A 192 18.47 -10.78 25.03
CA GLY A 192 18.51 -9.42 25.54
C GLY A 192 18.95 -8.42 24.50
N PHE A 193 18.29 -8.44 23.34
CA PHE A 193 18.64 -7.53 22.26
C PHE A 193 18.28 -6.09 22.64
N GLY A 194 19.24 -5.19 22.53
CA GLY A 194 19.03 -3.81 22.86
C GLY A 194 19.36 -3.43 24.28
N THR A 195 20.00 -4.31 25.05
CA THR A 195 20.37 -4.03 26.42
C THR A 195 21.86 -4.28 26.60
N ASN A 196 22.42 -3.67 27.65
CA ASN A 196 23.84 -3.83 27.91
C ASN A 196 24.20 -5.24 28.38
N GLU A 197 23.21 -6.01 28.82
CA GLU A 197 23.41 -7.41 29.17
C GLU A 197 22.87 -8.26 28.03
N THR A 198 23.72 -8.47 27.02
CA THR A 198 23.35 -9.25 25.84
C THR A 198 24.38 -10.36 25.65
N GLU A 199 23.88 -11.58 25.46
CA GLU A 199 24.72 -12.75 25.25
C GLU A 199 24.50 -13.29 23.85
N TYR A 200 25.60 -13.57 23.15
CA TYR A 200 25.55 -14.08 21.79
C TYR A 200 26.07 -15.52 21.78
N LEU A 201 25.31 -16.42 21.16
CA LEU A 201 25.67 -17.83 21.05
C LEU A 201 25.93 -18.45 22.43
N ALA B 2 34.29 22.24 -1.87
CA ALA B 2 35.30 21.78 -0.92
C ALA B 2 34.69 20.87 0.13
N ILE B 3 35.11 19.61 0.14
CA ILE B 3 34.62 18.61 1.08
C ILE B 3 35.79 18.14 1.94
N VAL B 4 35.63 18.22 3.26
CA VAL B 4 36.63 17.76 4.21
C VAL B 4 36.09 16.50 4.86
N ASN B 5 36.77 15.37 4.62
CA ASN B 5 36.33 14.08 5.14
C ASN B 5 36.73 13.98 6.61
N ALA B 6 35.75 14.03 7.51
CA ALA B 6 35.99 13.93 8.93
C ALA B 6 35.87 12.50 9.46
N GLN B 7 35.61 11.54 8.58
CA GLN B 7 35.47 10.16 9.01
C GLN B 7 36.82 9.61 9.46
N PRO B 8 36.84 8.74 10.46
CA PRO B 8 38.11 8.17 10.93
C PRO B 8 38.85 7.38 9.86
N LYS B 9 38.12 6.71 8.97
CA LYS B 9 38.74 5.91 7.92
C LYS B 9 37.88 5.96 6.68
N CYS B 10 38.51 6.17 5.53
CA CYS B 10 37.84 6.18 4.24
C CYS B 10 38.29 4.98 3.41
N ASN B 11 37.34 4.33 2.75
CA ASN B 11 37.67 3.22 1.86
C ASN B 11 37.95 3.78 0.48
N PRO B 12 39.19 3.69 -0.03
CA PRO B 12 39.47 4.26 -1.36
C PRO B 12 38.69 3.62 -2.49
N ASN B 13 38.40 2.33 -2.39
CA ASN B 13 37.70 1.62 -3.46
C ASN B 13 36.20 1.64 -3.19
N LEU B 14 35.43 2.04 -4.20
CA LEU B 14 33.98 2.08 -4.12
C LEU B 14 33.42 1.01 -5.06
N HIS B 15 33.19 -0.18 -4.52
CA HIS B 15 32.56 -1.26 -5.27
C HIS B 15 31.05 -1.02 -5.25
N TYR B 16 30.50 -0.61 -6.38
CA TYR B 16 29.12 -0.15 -6.45
C TYR B 16 28.28 -1.12 -7.28
N TRP B 17 27.03 -1.30 -6.87
CA TRP B 17 26.04 -2.05 -7.62
C TRP B 17 24.93 -1.10 -8.06
N THR B 18 24.46 -1.30 -9.28
CA THR B 18 23.42 -0.45 -9.85
C THR B 18 22.58 -1.28 -10.81
N THR B 19 21.37 -0.81 -11.08
CA THR B 19 20.53 -1.44 -12.08
C THR B 19 21.10 -1.19 -13.48
N GLN B 20 20.49 -1.83 -14.47
CA GLN B 20 20.94 -1.67 -15.84
C GLN B 20 20.72 -0.23 -16.32
N ASP B 21 21.50 0.16 -17.32
CA ASP B 21 21.50 1.53 -17.81
C ASP B 21 20.17 1.94 -18.44
N GLU B 22 19.28 0.99 -18.75
CA GLU B 22 17.97 1.19 -19.36
C GLU B 22 18.07 1.66 -20.79
N GLY B 23 19.27 1.92 -21.31
CA GLY B 23 19.45 2.32 -22.69
C GLY B 23 20.52 1.50 -23.38
N ALA B 24 21.13 0.58 -22.64
CA ALA B 24 22.16 -0.28 -23.18
C ALA B 24 21.56 -1.38 -24.03
N ALA B 25 22.43 -2.16 -24.67
CA ALA B 25 21.99 -3.25 -25.52
C ALA B 25 21.35 -4.36 -24.71
N ILE B 26 20.17 -4.81 -25.14
CA ILE B 26 19.44 -5.88 -24.48
C ILE B 26 18.93 -6.83 -25.54
N GLY B 27 18.69 -8.08 -25.13
CA GLY B 27 18.16 -9.09 -26.01
C GLY B 27 16.73 -9.46 -25.67
N LEU B 28 16.54 -10.66 -25.13
CA LEU B 28 15.24 -11.10 -24.65
C LEU B 28 15.06 -10.85 -23.15
N ALA B 29 16.08 -10.28 -22.49
CA ALA B 29 16.02 -10.10 -21.04
C ALA B 29 15.09 -8.95 -20.62
N TRP B 30 14.73 -8.05 -21.54
CA TRP B 30 13.84 -6.97 -21.16
C TRP B 30 12.42 -7.47 -20.89
N ILE B 31 12.05 -8.62 -21.43
CA ILE B 31 10.74 -9.21 -21.13
C ILE B 31 10.77 -9.77 -19.71
N PRO B 32 9.84 -9.40 -18.84
CA PRO B 32 9.85 -9.92 -17.47
C PRO B 32 9.76 -11.44 -17.39
N TYR B 33 9.03 -12.07 -18.32
CA TYR B 33 8.91 -13.52 -18.29
C TYR B 33 10.24 -14.21 -18.58
N PHE B 34 11.00 -13.68 -19.54
CA PHE B 34 12.30 -14.24 -19.89
C PHE B 34 13.46 -13.55 -19.19
N GLY B 35 13.19 -12.47 -18.46
CA GLY B 35 14.25 -11.71 -17.83
C GLY B 35 14.75 -12.37 -16.57
N PRO B 36 15.83 -11.82 -16.02
CA PRO B 36 16.40 -12.36 -14.79
C PRO B 36 15.56 -11.98 -13.58
N ALA B 37 15.87 -12.62 -12.45
CA ALA B 37 15.18 -12.35 -11.20
C ALA B 37 15.61 -10.97 -10.67
N ALA B 38 15.08 -10.63 -9.49
CA ALA B 38 15.38 -9.33 -8.89
C ALA B 38 16.87 -9.20 -8.56
N GLU B 39 17.54 -10.31 -8.27
CA GLU B 39 18.96 -10.26 -7.95
C GLU B 39 19.83 -10.09 -9.19
N GLY B 40 19.43 -10.66 -10.32
CA GLY B 40 20.26 -10.65 -11.50
C GLY B 40 20.24 -9.37 -12.31
N ILE B 41 19.32 -8.45 -12.01
CA ILE B 41 19.22 -7.22 -12.80
C ILE B 41 20.34 -6.23 -12.47
N TYR B 42 21.01 -6.39 -11.34
CA TYR B 42 22.05 -5.45 -10.94
C TYR B 42 23.34 -5.70 -11.71
N THR B 43 24.01 -4.61 -12.07
CA THR B 43 25.33 -4.67 -12.69
C THR B 43 26.34 -4.03 -11.75
N GLU B 44 27.47 -4.71 -11.55
CA GLU B 44 28.47 -4.27 -10.59
C GLU B 44 29.58 -3.49 -11.30
N GLY B 45 30.46 -2.90 -10.49
CA GLY B 45 31.58 -2.15 -11.03
C GLY B 45 32.46 -1.66 -9.89
N LEU B 46 33.60 -1.10 -10.28
CA LEU B 46 34.55 -0.53 -9.35
C LEU B 46 34.79 0.93 -9.70
N MET B 47 34.87 1.78 -8.69
CA MET B 47 34.94 3.22 -8.87
C MET B 47 36.11 3.80 -8.09
N HIS B 48 37.30 3.20 -8.26
CA HIS B 48 38.53 3.73 -7.68
C HIS B 48 38.96 4.95 -8.50
N ASN B 49 38.26 6.06 -8.27
CA ASN B 49 38.42 7.29 -9.05
C ASN B 49 39.17 8.31 -8.19
N GLN B 50 40.50 8.27 -8.28
CA GLN B 50 41.42 9.30 -7.78
C GLN B 50 41.37 9.43 -6.26
N ASP B 51 40.51 8.65 -5.61
CA ASP B 51 40.34 8.58 -4.16
C ASP B 51 39.76 9.86 -3.57
N GLY B 52 39.59 10.92 -4.36
CA GLY B 52 39.04 12.16 -3.87
C GLY B 52 37.54 12.23 -4.07
N LEU B 53 37.06 11.56 -5.12
CA LEU B 53 35.64 11.49 -5.41
C LEU B 53 34.91 10.51 -4.49
N ILE B 54 35.64 9.65 -3.79
CA ILE B 54 35.04 8.63 -2.94
C ILE B 54 35.00 9.07 -1.48
N CYS B 55 36.12 9.56 -0.95
CA CYS B 55 36.13 10.01 0.44
C CYS B 55 35.28 11.26 0.63
N GLY B 56 35.18 12.11 -0.40
CA GLY B 56 34.26 13.23 -0.34
C GLY B 56 32.82 12.84 -0.55
N LEU B 57 32.57 11.69 -1.17
CA LEU B 57 31.21 11.19 -1.31
C LEU B 57 30.71 10.58 0.00
N ARG B 58 31.58 9.89 0.73
CA ARG B 58 31.20 9.34 2.02
C ARG B 58 30.97 10.43 3.06
N GLN B 59 31.53 11.62 2.86
CA GLN B 59 31.24 12.75 3.73
C GLN B 59 30.01 13.53 3.28
N LEU B 60 29.77 13.60 1.97
CA LEU B 60 28.54 14.22 1.48
C LEU B 60 27.31 13.43 1.94
N ALA B 61 27.40 12.10 1.89
CA ALA B 61 26.31 11.27 2.38
C ALA B 61 26.08 11.48 3.88
N ASN B 62 27.18 11.65 4.64
CA ASN B 62 27.05 11.90 6.07
C ASN B 62 26.31 13.20 6.34
N GLU B 63 26.63 14.26 5.60
CA GLU B 63 25.97 15.54 5.81
C GLU B 63 24.54 15.53 5.25
N THR B 64 24.30 14.77 4.19
CA THR B 64 22.96 14.71 3.60
C THR B 64 21.96 14.08 4.56
N THR B 65 22.42 13.24 5.48
CA THR B 65 21.52 12.51 6.37
C THR B 65 20.73 13.46 7.27
N GLN B 66 21.38 14.50 7.79
CA GLN B 66 20.70 15.41 8.70
C GLN B 66 19.52 16.10 8.01
N ALA B 67 19.72 16.56 6.78
CA ALA B 67 18.65 17.20 6.04
C ALA B 67 17.64 16.19 5.51
N LEU B 68 18.11 15.01 5.08
CA LEU B 68 17.21 14.00 4.54
C LEU B 68 16.27 13.47 5.60
N GLN B 69 16.76 13.28 6.83
CA GLN B 69 15.90 12.81 7.92
C GLN B 69 14.81 13.82 8.22
N LEU B 70 15.16 15.12 8.23
CA LEU B 70 14.14 16.14 8.42
C LEU B 70 13.14 16.16 7.28
N PHE B 71 13.62 15.99 6.05
CA PHE B 71 12.73 15.98 4.89
C PHE B 71 11.75 14.80 4.96
N LEU B 72 12.25 13.62 5.32
CA LEU B 72 11.37 12.45 5.42
C LEU B 72 10.37 12.60 6.56
N ARG B 73 10.79 13.24 7.66
CA ARG B 73 9.89 13.42 8.79
C ARG B 73 8.72 14.33 8.43
N ALA B 74 8.99 15.37 7.64
CA ALA B 74 7.92 16.27 7.21
C ALA B 74 6.94 15.58 6.26
N THR B 75 7.45 14.75 5.36
CA THR B 75 6.61 14.08 4.38
C THR B 75 5.70 13.06 5.07
N THR B 76 4.49 12.93 4.55
CA THR B 76 3.50 12.01 5.08
C THR B 76 3.37 10.73 4.26
N GLU B 77 4.27 10.52 3.30
CA GLU B 77 4.24 9.35 2.45
C GLU B 77 5.18 8.28 2.98
N LEU B 78 4.74 7.02 2.91
CA LEU B 78 5.56 5.92 3.41
C LEU B 78 6.87 5.79 2.62
N ARG B 79 6.79 5.92 1.30
CA ARG B 79 7.95 5.83 0.42
C ARG B 79 8.07 7.10 -0.38
N THR B 80 9.30 7.59 -0.53
CA THR B 80 9.58 8.81 -1.28
C THR B 80 10.44 8.45 -2.49
N PHE B 81 9.96 8.82 -3.68
CA PHE B 81 10.68 8.57 -4.91
C PHE B 81 10.96 9.83 -5.72
N SER B 82 10.47 10.98 -5.27
CA SER B 82 10.55 12.22 -6.05
C SER B 82 11.60 13.18 -5.53
N ILE B 83 12.57 12.69 -4.74
CA ILE B 83 13.61 13.57 -4.24
C ILE B 83 14.45 14.12 -5.39
N LEU B 84 14.82 13.26 -6.34
CA LEU B 84 15.55 13.72 -7.51
C LEU B 84 14.69 14.62 -8.38
N ASN B 85 13.41 14.29 -8.54
CA ASN B 85 12.51 15.13 -9.32
C ASN B 85 12.36 16.51 -8.70
N ARG B 86 12.21 16.58 -7.37
CA ARG B 86 12.13 17.86 -6.71
C ARG B 86 13.45 18.64 -6.83
N LYS B 87 14.58 17.94 -6.73
CA LYS B 87 15.87 18.60 -6.90
C LYS B 87 16.02 19.17 -8.31
N ALA B 88 15.57 18.42 -9.32
CA ALA B 88 15.61 18.94 -10.67
C ALA B 88 14.71 20.16 -10.83
N ILE B 89 13.53 20.13 -10.21
CA ILE B 89 12.62 21.27 -10.27
C ILE B 89 13.23 22.48 -9.56
N ASP B 90 13.79 22.25 -8.36
CA ASP B 90 14.39 23.35 -7.62
C ASP B 90 15.58 23.95 -8.37
N PHE B 91 16.41 23.09 -8.97
CA PHE B 91 17.53 23.58 -9.77
C PHE B 91 17.04 24.37 -10.98
N LEU B 92 16.00 23.86 -11.65
CA LEU B 92 15.53 24.51 -12.86
C LEU B 92 14.71 25.76 -12.57
N LEU B 93 13.94 25.77 -11.48
CA LEU B 93 13.18 26.97 -11.12
C LEU B 93 14.12 28.13 -10.80
N GLN B 94 15.19 27.86 -10.06
CA GLN B 94 16.13 28.93 -9.71
C GLN B 94 16.97 29.36 -10.91
N ARG B 95 17.31 28.43 -11.80
CA ARG B 95 18.06 28.79 -13.00
C ARG B 95 17.25 29.72 -13.90
N TRP B 96 15.96 29.42 -14.09
CA TRP B 96 15.10 30.17 -14.99
C TRP B 96 15.69 30.23 -16.40
N GLY B 97 16.24 29.10 -16.85
CA GLY B 97 16.86 29.02 -18.15
C GLY B 97 17.78 27.82 -18.29
N GLN C 1 41.88 17.95 12.14
CA GLN C 1 41.18 18.50 13.29
C GLN C 1 40.47 19.80 12.94
N VAL C 2 39.50 20.19 13.76
CA VAL C 2 38.72 21.40 13.53
C VAL C 2 39.36 22.54 14.33
N GLN C 3 39.70 23.62 13.63
CA GLN C 3 40.30 24.81 14.24
C GLN C 3 39.46 26.03 13.88
N LEU C 4 38.82 26.63 14.87
CA LEU C 4 38.03 27.85 14.68
C LEU C 4 38.89 29.03 15.13
N GLN C 5 39.69 29.56 14.21
CA GLN C 5 40.56 30.68 14.53
C GLN C 5 39.74 31.97 14.51
N GLN C 6 39.73 32.68 15.63
CA GLN C 6 38.94 33.90 15.78
C GLN C 6 39.83 35.12 15.63
N SER C 7 39.20 36.27 15.36
CA SER C 7 39.92 37.50 15.13
C SER C 7 40.59 37.99 16.41
N GLY C 8 41.39 39.05 16.27
CA GLY C 8 42.13 39.60 17.39
C GLY C 8 41.26 40.47 18.27
N THR C 9 41.90 40.99 19.33
CA THR C 9 41.20 41.82 20.29
C THR C 9 40.81 43.16 19.66
N GLU C 10 39.98 43.91 20.38
CA GLU C 10 39.47 45.17 19.87
C GLU C 10 39.27 46.14 21.03
N LEU C 11 39.28 47.43 20.71
CA LEU C 11 39.10 48.49 21.69
C LEU C 11 38.21 49.61 21.13
N VAL C 12 37.27 49.25 20.25
CA VAL C 12 36.44 50.25 19.59
C VAL C 12 35.71 51.10 20.63
N LYS C 13 35.54 52.39 20.33
CA LYS C 13 34.89 53.31 21.22
C LYS C 13 33.37 53.06 21.23
N PRO C 14 32.68 53.48 22.29
CA PRO C 14 31.22 53.27 22.33
C PRO C 14 30.52 53.99 21.18
N GLY C 15 29.42 53.38 20.73
CA GLY C 15 28.62 53.93 19.65
C GLY C 15 29.05 53.53 18.26
N ALA C 16 30.27 53.04 18.08
CA ALA C 16 30.73 52.60 16.77
C ALA C 16 30.27 51.15 16.53
N SER C 17 30.75 50.54 15.46
CA SER C 17 30.40 49.16 15.12
C SER C 17 31.67 48.38 14.82
N VAL C 18 31.73 47.15 15.33
CA VAL C 18 32.88 46.27 15.16
C VAL C 18 32.41 44.97 14.53
N LYS C 19 33.18 44.47 13.57
CA LYS C 19 32.89 43.23 12.86
C LYS C 19 33.95 42.21 13.23
N LEU C 20 33.59 41.21 14.02
CA LEU C 20 34.50 40.18 14.49
C LEU C 20 34.37 38.96 13.59
N SER C 21 35.41 38.68 12.81
CA SER C 21 35.41 37.58 11.86
C SER C 21 36.20 36.41 12.44
N CYS C 22 35.54 35.26 12.56
CA CYS C 22 36.14 34.05 13.11
C CYS C 22 36.29 33.04 11.98
N LYS C 23 37.54 32.75 11.61
CA LYS C 23 37.80 31.83 10.52
C LYS C 23 37.62 30.38 10.98
N ALA C 24 37.06 29.57 10.10
CA ALA C 24 36.81 28.15 10.38
C ALA C 24 37.55 27.29 9.36
N SER C 25 38.17 26.23 9.84
CA SER C 25 38.96 25.35 8.98
C SER C 25 38.87 23.93 9.53
N GLY C 26 39.24 22.97 8.67
CA GLY C 26 39.24 21.57 9.04
C GLY C 26 37.91 20.86 8.87
N TYR C 27 36.90 21.52 8.34
CA TYR C 27 35.60 20.89 8.12
C TYR C 27 34.85 21.66 7.04
N THR C 28 33.81 21.03 6.51
CA THR C 28 32.95 21.68 5.52
C THR C 28 32.18 22.81 6.20
N PHE C 29 32.52 24.04 5.85
CA PHE C 29 31.96 25.20 6.56
C PHE C 29 30.45 25.28 6.41
N THR C 30 29.95 25.01 5.20
CA THR C 30 28.52 25.13 4.95
C THR C 30 27.71 24.05 5.65
N SER C 31 28.33 22.92 6.01
CA SER C 31 27.58 21.82 6.58
C SER C 31 27.15 22.07 8.02
N TYR C 32 28.00 22.68 8.82
CA TYR C 32 27.75 22.87 10.25
C TYR C 32 27.37 24.31 10.54
N TRP C 33 26.39 24.49 11.43
CA TRP C 33 26.00 25.82 11.87
C TRP C 33 27.11 26.47 12.69
N MET C 34 27.13 27.80 12.68
CA MET C 34 28.09 28.58 13.45
C MET C 34 27.35 29.34 14.54
N HIS C 35 27.83 29.21 15.77
CA HIS C 35 27.20 29.85 16.92
C HIS C 35 28.19 30.78 17.61
N TRP C 36 27.69 31.92 18.08
CA TRP C 36 28.50 32.92 18.77
C TRP C 36 28.06 33.03 20.22
N VAL C 37 29.03 33.02 21.13
CA VAL C 37 28.76 33.07 22.57
C VAL C 37 29.54 34.23 23.17
N LYS C 38 28.87 35.03 23.98
CA LYS C 38 29.48 36.15 24.69
C LYS C 38 29.66 35.78 26.15
N GLN C 39 30.86 36.01 26.69
CA GLN C 39 31.15 35.74 28.09
C GLN C 39 31.51 37.06 28.78
N ARG C 40 30.63 37.55 29.64
CA ARG C 40 30.96 38.68 30.48
C ARG C 40 32.01 38.28 31.52
N PRO C 41 32.85 39.22 31.95
CA PRO C 41 33.90 38.87 32.92
C PRO C 41 33.36 38.33 34.23
N GLY C 42 33.67 37.06 34.52
CA GLY C 42 33.23 36.44 35.75
C GLY C 42 31.73 36.31 35.89
N GLN C 43 31.01 36.12 34.79
CA GLN C 43 29.56 35.99 34.83
C GLN C 43 29.08 34.66 34.26
N GLY C 44 29.47 34.32 33.04
CA GLY C 44 29.04 33.09 32.42
C GLY C 44 28.96 33.26 30.92
N LEU C 45 28.48 32.21 30.27
CA LEU C 45 28.35 32.17 28.82
C LEU C 45 26.95 32.57 28.41
N GLU C 46 26.86 33.52 27.47
CA GLU C 46 25.59 34.00 26.94
C GLU C 46 25.55 33.70 25.44
N TRP C 47 24.53 32.95 25.02
CA TRP C 47 24.36 32.62 23.62
C TRP C 47 23.83 33.83 22.86
N ILE C 48 24.51 34.21 21.79
CA ILE C 48 24.14 35.40 21.03
C ILE C 48 23.21 35.01 19.89
N GLY C 49 23.71 34.17 18.98
CA GLY C 49 22.92 33.81 17.83
C GLY C 49 23.61 32.72 17.02
N GLU C 50 22.92 32.29 15.98
CA GLU C 50 23.40 31.22 15.10
C GLU C 50 23.23 31.63 13.65
N ILE C 51 24.14 31.18 12.80
CA ILE C 51 24.11 31.45 11.37
C ILE C 51 24.36 30.14 10.63
N ASN C 52 23.56 29.87 9.61
CA ASN C 52 23.71 28.65 8.82
C ASN C 52 24.38 29.00 7.50
N PRO C 53 25.64 28.63 7.28
CA PRO C 53 26.29 28.96 6.01
C PRO C 53 25.63 28.33 4.80
N ARG C 54 24.96 27.18 4.97
CA ARG C 54 24.37 26.49 3.85
C ARG C 54 23.27 27.32 3.19
N ASN C 55 22.41 27.93 4.00
CA ASN C 55 21.26 28.67 3.50
C ASN C 55 21.27 30.15 3.85
N GLY C 56 22.16 30.60 4.74
CA GLY C 56 22.18 31.97 5.17
C GLY C 56 21.17 32.31 6.25
N ARG C 57 20.37 31.34 6.70
CA ARG C 57 19.40 31.59 7.74
C ARG C 57 20.11 31.88 9.07
N THR C 58 19.64 32.91 9.76
CA THR C 58 20.23 33.32 11.03
C THR C 58 19.13 33.54 12.06
N ASP C 59 19.44 33.18 13.31
CA ASP C 59 18.53 33.37 14.43
C ASP C 59 19.30 33.94 15.61
N PHE C 60 18.66 34.82 16.36
CA PHE C 60 19.29 35.50 17.49
C PHE C 60 18.43 35.36 18.73
N SER C 61 19.04 35.60 19.88
CA SER C 61 18.29 35.72 21.12
C SER C 61 17.44 36.98 21.09
N GLU C 62 16.37 36.96 21.90
CA GLU C 62 15.46 38.11 21.93
C GLU C 62 16.19 39.38 22.34
N LYS C 63 17.15 39.27 23.26
CA LYS C 63 17.94 40.43 23.65
C LYS C 63 18.91 40.84 22.55
N PHE C 64 19.41 39.89 21.76
CA PHE C 64 20.41 40.15 20.74
C PHE C 64 19.81 40.19 19.33
N LYS C 65 18.49 40.35 19.22
CA LYS C 65 17.85 40.37 17.90
C LYS C 65 18.36 41.55 17.07
N SER C 66 18.45 42.73 17.68
CA SER C 66 18.89 43.93 16.98
C SER C 66 20.35 44.27 17.21
N LYS C 67 20.93 43.84 18.34
CA LYS C 67 22.31 44.19 18.66
C LYS C 67 23.29 43.54 17.69
N ALA C 68 23.06 42.28 17.32
CA ALA C 68 24.02 41.51 16.56
C ALA C 68 23.47 41.17 15.17
N THR C 69 24.35 41.20 14.18
CA THR C 69 24.02 40.79 12.82
C THR C 69 25.05 39.75 12.39
N LEU C 70 24.57 38.64 11.84
CA LEU C 70 25.41 37.51 11.46
C LEU C 70 25.45 37.35 9.95
N THR C 71 26.65 37.32 9.39
CA THR C 71 26.86 37.06 7.98
C THR C 71 28.05 36.11 7.82
N VAL C 72 28.02 35.32 6.75
CA VAL C 72 29.09 34.38 6.44
C VAL C 72 29.39 34.44 4.95
N ASP C 73 30.61 34.00 4.60
CA ASP C 73 31.03 33.90 3.21
C ASP C 73 31.48 32.48 2.94
N THR C 74 30.88 31.85 1.93
CA THR C 74 31.21 30.46 1.61
C THR C 74 32.65 30.32 1.12
N SER C 75 33.08 31.21 0.22
CA SER C 75 34.42 31.11 -0.34
C SER C 75 35.48 31.33 0.73
N SER C 76 35.30 32.33 1.59
CA SER C 76 36.28 32.62 2.63
C SER C 76 36.21 31.63 3.79
N SER C 77 35.08 30.95 3.96
CA SER C 77 34.88 30.01 5.08
C SER C 77 35.13 30.71 6.42
N THR C 78 34.66 31.95 6.52
CA THR C 78 34.84 32.76 7.71
C THR C 78 33.50 33.33 8.14
N ALA C 79 33.22 33.29 9.44
CA ALA C 79 31.99 33.81 10.01
C ALA C 79 32.30 35.10 10.74
N PHE C 80 31.61 36.18 10.36
CA PHE C 80 31.81 37.50 10.95
C PHE C 80 30.50 38.00 11.53
N ILE C 81 30.58 38.58 12.72
CA ILE C 81 29.43 39.14 13.42
C ILE C 81 29.65 40.64 13.60
N GLN C 82 28.65 41.43 13.24
CA GLN C 82 28.71 42.88 13.33
C GLN C 82 27.75 43.34 14.43
N LEU C 83 28.27 44.10 15.39
CA LEU C 83 27.49 44.60 16.51
C LEU C 83 27.17 46.08 16.32
N SER C 84 26.04 46.51 16.87
CA SER C 84 25.58 47.87 16.76
C SER C 84 25.21 48.41 18.13
N SER C 85 25.37 49.73 18.30
CA SER C 85 25.04 50.42 19.55
C SER C 85 25.81 49.81 20.73
N LEU C 86 27.12 49.68 20.55
CA LEU C 86 27.97 49.12 21.61
C LEU C 86 28.03 50.05 22.81
N THR C 87 27.99 49.45 24.00
CA THR C 87 28.09 50.17 25.25
C THR C 87 29.24 49.59 26.08
N SER C 88 29.38 50.09 27.32
CA SER C 88 30.42 49.57 28.20
C SER C 88 30.17 48.11 28.56
N GLU C 89 28.92 47.76 28.85
CA GLU C 89 28.59 46.38 29.21
C GLU C 89 28.64 45.44 28.01
N ASP C 90 28.50 45.97 26.79
CA ASP C 90 28.62 45.13 25.60
C ASP C 90 30.04 44.65 25.36
N SER C 91 31.03 45.29 25.98
CA SER C 91 32.41 44.88 25.85
C SER C 91 32.66 43.64 26.69
N ALA C 92 33.00 42.53 26.02
CA ALA C 92 33.24 41.26 26.70
C ALA C 92 34.05 40.37 25.76
N VAL C 93 34.17 39.10 26.12
CA VAL C 93 34.90 38.11 25.33
C VAL C 93 33.91 37.32 24.50
N TYR C 94 34.15 37.25 23.19
CA TYR C 94 33.26 36.60 22.25
C TYR C 94 33.90 35.32 21.74
N TYR C 95 33.12 34.24 21.76
CA TYR C 95 33.58 32.94 21.30
C TYR C 95 32.72 32.46 20.14
N CYS C 96 33.38 31.91 19.12
CA CYS C 96 32.69 31.25 18.02
C CYS C 96 32.80 29.75 18.22
N ALA C 97 31.65 29.07 18.27
CA ALA C 97 31.59 27.63 18.50
C ALA C 97 30.90 26.97 17.33
N ARG C 98 31.48 25.88 16.83
CA ARG C 98 30.90 25.16 15.72
C ARG C 98 29.81 24.24 16.22
N TRP C 99 28.60 24.40 15.68
CA TRP C 99 27.49 23.53 16.03
C TRP C 99 27.75 22.13 15.48
N GLY C 100 27.82 21.14 16.37
CA GLY C 100 28.20 19.80 15.97
C GLY C 100 27.13 19.12 15.13
N TYR C 101 27.49 17.93 14.64
CA TYR C 101 26.56 17.16 13.82
C TYR C 101 25.31 16.77 14.61
N TYR C 102 25.44 16.60 15.91
CA TYR C 102 24.32 16.27 16.79
C TYR C 102 23.89 17.43 17.66
N GLY C 103 24.39 18.63 17.41
CA GLY C 103 24.00 19.80 18.16
C GLY C 103 24.91 20.21 19.30
N SER C 104 26.11 19.66 19.38
CA SER C 104 27.03 19.98 20.46
C SER C 104 28.12 20.93 19.94
N SER C 105 28.27 22.08 20.59
CA SER C 105 29.31 23.04 20.23
C SER C 105 30.64 22.49 20.72
N ASP C 106 31.16 21.51 19.98
CA ASP C 106 32.35 20.78 20.41
C ASP C 106 33.60 21.63 20.29
N TYR C 107 33.77 22.33 19.17
CA TYR C 107 34.97 23.11 18.89
C TYR C 107 34.65 24.60 19.06
N TRP C 108 35.43 25.26 19.90
CA TRP C 108 35.27 26.68 20.19
C TRP C 108 36.44 27.46 19.60
N GLY C 109 36.34 28.79 19.69
CA GLY C 109 37.39 29.65 19.20
C GLY C 109 38.15 30.34 20.31
N GLN C 110 39.33 30.87 19.99
CA GLN C 110 40.13 31.58 20.99
C GLN C 110 39.39 32.85 21.43
N GLY C 111 39.51 33.17 22.71
CA GLY C 111 38.83 34.32 23.28
C GLY C 111 39.19 35.63 22.61
N THR C 112 38.17 36.38 22.19
CA THR C 112 38.35 37.68 21.54
C THR C 112 37.75 38.76 22.44
N ALA C 113 38.61 39.57 23.05
CA ALA C 113 38.15 40.63 23.94
C ALA C 113 37.60 41.80 23.13
N LEU C 114 36.69 42.54 23.76
CA LEU C 114 36.09 43.72 23.12
C LEU C 114 35.84 44.82 24.15
N ALA C 137 8.97 30.11 28.78
CA ALA C 137 8.19 30.33 27.56
C ALA C 137 8.59 29.33 26.47
N SER C 138 8.65 29.80 25.22
CA SER C 138 9.04 28.93 24.12
C SER C 138 10.48 28.44 24.28
N ASP C 139 11.38 29.33 24.70
CA ASP C 139 12.78 28.95 24.86
C ASP C 139 12.95 28.02 26.05
N ILE C 140 13.84 27.05 25.89
CA ILE C 140 14.15 26.10 26.97
C ILE C 140 15.15 26.75 27.92
N VAL C 141 14.81 26.76 29.21
CA VAL C 141 15.65 27.35 30.24
C VAL C 141 16.30 26.22 31.01
N VAL C 142 17.63 26.19 31.02
CA VAL C 142 18.41 25.20 31.75
C VAL C 142 19.09 25.91 32.91
N THR C 143 18.84 25.42 34.13
CA THR C 143 19.38 26.02 35.34
C THR C 143 20.06 24.94 36.17
N GLN C 144 21.26 25.23 36.66
CA GLN C 144 21.99 24.30 37.50
C GLN C 144 21.64 24.51 38.96
N SER C 145 21.76 23.44 39.75
CA SER C 145 21.28 23.46 41.13
C SER C 145 22.07 24.43 41.98
N HIS C 146 23.40 24.35 41.96
CA HIS C 146 24.25 25.18 42.80
C HIS C 146 25.32 25.86 41.94
N LYS C 147 25.46 27.17 42.11
CA LYS C 147 26.46 27.93 41.37
C LYS C 147 27.85 27.76 41.95
N PHE C 148 27.98 27.60 43.26
CA PHE C 148 29.29 27.63 43.92
C PHE C 148 29.59 26.34 44.67
N MET C 149 29.40 25.19 44.03
CA MET C 149 29.73 23.92 44.64
C MET C 149 31.21 23.90 45.05
N SER C 150 31.47 23.49 46.28
CA SER C 150 32.82 23.44 46.82
C SER C 150 33.11 22.04 47.36
N THR C 151 34.30 21.53 47.07
CA THR C 151 34.69 20.21 47.53
C THR C 151 36.20 20.12 47.55
N SER C 152 36.70 19.12 48.26
CA SER C 152 38.13 18.86 48.35
C SER C 152 38.56 17.85 47.29
N VAL C 153 39.87 17.69 47.14
CA VAL C 153 40.42 16.77 46.15
C VAL C 153 40.14 15.34 46.57
N GLY C 154 39.76 14.51 45.59
CA GLY C 154 39.47 13.11 45.83
C GLY C 154 38.01 12.79 46.08
N ASP C 155 37.19 13.79 46.39
CA ASP C 155 35.79 13.56 46.66
C ASP C 155 35.00 13.45 45.36
N ARG C 156 33.76 12.99 45.48
CA ARG C 156 32.86 12.83 44.33
C ARG C 156 31.70 13.81 44.48
N VAL C 157 31.47 14.60 43.43
CA VAL C 157 30.39 15.58 43.42
C VAL C 157 29.57 15.40 42.14
N SER C 158 28.31 15.84 42.21
CA SER C 158 27.38 15.74 41.09
C SER C 158 26.82 17.12 40.79
N ILE C 159 26.80 17.47 39.51
CA ILE C 159 26.22 18.72 39.03
C ILE C 159 24.92 18.39 38.32
N THR C 160 23.82 18.96 38.79
CA THR C 160 22.49 18.66 38.30
C THR C 160 21.99 19.81 37.43
N CYS C 161 21.51 19.48 36.23
CA CYS C 161 20.94 20.45 35.30
C CYS C 161 19.47 20.13 35.09
N LYS C 162 18.63 21.14 35.27
CA LYS C 162 17.18 21.00 35.15
C LYS C 162 16.69 21.65 33.87
N ALA C 163 15.80 20.96 33.16
CA ALA C 163 15.22 21.44 31.92
C ALA C 163 13.75 21.74 32.12
N SER C 164 13.30 22.88 31.57
CA SER C 164 11.92 23.30 31.74
C SER C 164 10.96 22.31 31.07
N GLN C 165 11.29 21.85 29.87
CA GLN C 165 10.46 20.92 29.13
C GLN C 165 11.19 19.58 29.00
N ASP C 166 10.42 18.57 28.59
CA ASP C 166 10.95 17.22 28.44
C ASP C 166 11.82 17.17 27.19
N VAL C 167 13.12 17.32 27.37
CA VAL C 167 14.08 17.22 26.29
C VAL C 167 14.68 15.82 26.31
N SER C 168 15.17 15.39 25.14
CA SER C 168 15.79 14.08 25.02
C SER C 168 17.11 14.05 25.80
N VAL C 169 17.81 12.93 25.69
CA VAL C 169 19.10 12.75 26.35
C VAL C 169 20.13 13.78 25.92
N ALA C 170 19.83 14.60 24.92
CA ALA C 170 20.77 15.57 24.38
C ALA C 170 21.02 16.69 25.38
N VAL C 171 22.14 16.60 26.08
CA VAL C 171 22.60 17.65 27.00
C VAL C 171 24.10 17.78 26.83
N ALA C 172 24.58 19.02 26.82
CA ALA C 172 26.00 19.31 26.61
C ALA C 172 26.58 19.90 27.88
N TRP C 173 27.75 19.41 28.27
CA TRP C 173 28.47 19.88 29.45
C TRP C 173 29.82 20.45 29.03
N TYR C 174 30.11 21.67 29.45
CA TYR C 174 31.34 22.36 29.10
C TYR C 174 32.06 22.81 30.36
N GLN C 175 33.38 22.70 30.36
CA GLN C 175 34.21 23.28 31.41
C GLN C 175 35.02 24.42 30.82
N GLN C 176 35.14 25.52 31.58
CA GLN C 176 35.86 26.71 31.13
C GLN C 176 36.83 27.12 32.24
N LYS C 177 38.06 26.62 32.16
CA LYS C 177 39.11 27.07 33.06
C LYS C 177 39.45 28.53 32.75
N THR C 178 39.87 29.25 33.79
CA THR C 178 40.15 30.67 33.65
C THR C 178 41.24 30.91 32.61
N GLY C 179 40.96 31.84 31.69
CA GLY C 179 41.91 32.16 30.64
C GLY C 179 41.87 31.25 29.44
N GLN C 180 40.92 30.32 29.37
CA GLN C 180 40.82 29.38 28.26
C GLN C 180 39.39 29.30 27.77
N SER C 181 39.25 28.95 26.49
CA SER C 181 37.93 28.80 25.90
C SER C 181 37.22 27.57 26.47
N PRO C 182 35.89 27.57 26.51
CA PRO C 182 35.17 26.40 27.03
C PRO C 182 35.46 25.16 26.20
N LYS C 183 35.53 24.02 26.89
CA LYS C 183 35.81 22.73 26.26
C LYS C 183 34.64 21.79 26.54
N LEU C 184 34.11 21.19 25.47
CA LEU C 184 33.02 20.23 25.62
C LEU C 184 33.54 18.94 26.22
N LEU C 185 32.81 18.40 27.20
CA LEU C 185 33.14 17.16 27.85
C LEU C 185 32.17 16.03 27.51
N ILE C 186 30.88 16.25 27.71
CA ILE C 186 29.84 15.27 27.40
C ILE C 186 28.87 15.92 26.44
N TYR C 187 28.75 15.38 25.23
CA TYR C 187 27.89 15.96 24.20
C TYR C 187 26.50 15.35 24.17
N SER C 188 26.18 14.46 25.10
CA SER C 188 24.83 13.91 25.26
C SER C 188 24.63 13.62 26.74
N ALA C 189 23.64 12.78 27.05
CA ALA C 189 23.44 12.39 28.44
C ALA C 189 24.67 11.67 28.99
N SER C 190 25.24 10.76 28.20
CA SER C 190 26.41 10.00 28.64
C SER C 190 27.50 9.90 27.59
N TYR C 191 27.30 10.47 26.40
CA TYR C 191 28.29 10.35 25.34
C TYR C 191 29.49 11.24 25.66
N ARG C 192 30.61 10.61 26.01
CA ARG C 192 31.79 11.31 26.47
C ARG C 192 32.70 11.64 25.29
N ILE C 193 33.17 12.89 25.24
CA ILE C 193 34.11 13.30 24.20
C ILE C 193 35.43 12.58 24.38
N THR C 194 36.00 12.11 23.27
CA THR C 194 37.30 11.44 23.33
C THR C 194 38.38 12.40 23.81
N GLY C 195 39.33 11.86 24.55
CA GLY C 195 40.38 12.64 25.16
C GLY C 195 40.04 13.22 26.51
N VAL C 196 38.75 13.34 26.83
CA VAL C 196 38.34 13.79 28.17
C VAL C 196 38.68 12.70 29.18
N PRO C 197 39.22 13.05 30.35
CA PRO C 197 39.52 12.03 31.35
C PRO C 197 38.28 11.26 31.76
N ASP C 198 38.45 9.96 32.02
CA ASP C 198 37.34 9.09 32.38
C ASP C 198 36.69 9.46 33.71
N ARG C 199 37.36 10.30 34.51
CA ARG C 199 36.76 10.73 35.78
C ARG C 199 35.50 11.56 35.56
N PHE C 200 35.39 12.23 34.41
CA PHE C 200 34.21 13.02 34.08
C PHE C 200 33.15 12.10 33.51
N THR C 201 32.19 11.69 34.34
CA THR C 201 31.11 10.80 33.95
C THR C 201 29.78 11.51 34.14
N GLY C 202 28.97 11.55 33.09
CA GLY C 202 27.67 12.17 33.14
C GLY C 202 26.58 11.23 32.69
N SER C 203 25.41 11.39 33.29
CA SER C 203 24.25 10.57 32.96
C SER C 203 22.99 11.31 33.35
N GLY C 204 21.94 11.13 32.56
CA GLY C 204 20.67 11.76 32.85
C GLY C 204 19.65 11.39 31.80
N SER C 205 18.40 11.73 32.08
CA SER C 205 17.31 11.48 31.15
C SER C 205 16.15 12.40 31.50
N GLY C 206 15.27 12.59 30.52
CA GLY C 206 14.12 13.46 30.73
C GLY C 206 14.55 14.89 30.99
N THR C 207 14.04 15.47 32.07
CA THR C 207 14.34 16.85 32.44
C THR C 207 15.47 16.95 33.45
N ASP C 208 16.05 15.83 33.89
CA ASP C 208 17.10 15.81 34.89
C ASP C 208 18.37 15.21 34.30
N PHE C 209 19.48 15.93 34.40
CA PHE C 209 20.78 15.47 33.93
C PHE C 209 21.82 15.72 35.01
N THR C 210 22.68 14.74 35.23
CA THR C 210 23.70 14.80 36.28
C THR C 210 25.08 14.68 35.67
N PHE C 211 25.97 15.60 36.01
CA PHE C 211 27.37 15.55 35.63
C PHE C 211 28.19 15.28 36.89
N THR C 212 28.93 14.18 36.90
CA THR C 212 29.64 13.73 38.08
C THR C 212 31.13 13.59 37.79
N ILE C 213 31.93 13.85 38.82
CA ILE C 213 33.39 13.65 38.77
C ILE C 213 33.74 12.60 39.81
N SER C 214 34.34 11.50 39.36
CA SER C 214 34.68 10.42 40.27
C SER C 214 35.68 10.86 41.33
N SER C 215 36.70 11.61 40.91
CA SER C 215 37.73 12.11 41.83
C SER C 215 38.13 13.51 41.37
N VAL C 216 37.65 14.53 42.09
CA VAL C 216 37.96 15.90 41.73
C VAL C 216 39.45 16.17 41.97
N GLN C 217 40.10 16.78 40.99
CA GLN C 217 41.52 17.09 41.06
C GLN C 217 41.72 18.59 41.02
N ALA C 218 42.96 19.02 41.26
CA ALA C 218 43.28 20.44 41.24
C ALA C 218 43.14 21.06 39.86
N GLU C 219 43.19 20.25 38.80
CA GLU C 219 43.02 20.73 37.44
C GLU C 219 41.58 20.67 36.97
N ASP C 220 40.66 20.17 37.78
CA ASP C 220 39.26 20.03 37.40
C ASP C 220 38.37 21.12 37.97
N MET C 221 38.93 22.12 38.64
CA MET C 221 38.15 23.21 39.22
C MET C 221 37.98 24.30 38.16
N ALA C 222 36.74 24.45 37.68
CA ALA C 222 36.43 25.44 36.65
C ALA C 222 34.92 25.64 36.64
N VAL C 223 34.47 26.59 35.83
CA VAL C 223 33.04 26.86 35.70
C VAL C 223 32.45 25.88 34.70
N TYR C 224 31.44 25.13 35.13
CA TYR C 224 30.79 24.13 34.31
C TYR C 224 29.45 24.65 33.80
N TYR C 225 29.20 24.47 32.51
CA TYR C 225 28.00 24.98 31.87
C TYR C 225 27.17 23.82 31.32
N CYS C 226 25.86 23.99 31.34
CA CYS C 226 24.90 23.02 30.81
C CYS C 226 24.18 23.63 29.63
N GLN C 227 24.23 22.94 28.49
CA GLN C 227 23.54 23.39 27.29
C GLN C 227 22.65 22.29 26.77
N GLN C 228 21.39 22.63 26.48
CA GLN C 228 20.43 21.70 25.91
C GLN C 228 20.36 21.93 24.40
N HIS C 229 20.44 20.85 23.64
CA HIS C 229 20.34 20.91 22.17
C HIS C 229 19.32 19.88 21.70
N TYR C 230 18.04 20.28 21.72
CA TYR C 230 16.97 19.40 21.24
C TYR C 230 15.85 20.29 20.68
N SER C 231 15.90 20.51 19.36
CA SER C 231 14.84 21.19 18.62
C SER C 231 14.46 22.53 19.23
N THR C 232 15.44 23.23 19.80
CA THR C 232 15.20 24.53 20.42
C THR C 232 16.10 25.59 19.76
N PRO C 233 15.55 26.46 18.93
CA PRO C 233 16.39 27.46 18.24
C PRO C 233 17.22 28.30 19.20
N PRO C 234 16.68 28.70 20.38
CA PRO C 234 17.54 29.33 21.38
C PRO C 234 18.32 28.29 22.18
N TRP C 235 19.62 28.22 21.95
CA TRP C 235 20.49 27.27 22.64
C TRP C 235 21.15 27.96 23.84
N THR C 236 20.32 28.37 24.80
CA THR C 236 20.82 29.06 25.97
C THR C 236 21.64 28.12 26.85
N PHE C 237 22.75 28.64 27.36
CA PHE C 237 23.62 27.87 28.25
C PHE C 237 23.08 27.88 29.67
N GLY C 238 23.74 27.13 30.55
CA GLY C 238 23.36 27.12 31.94
C GLY C 238 23.96 28.28 32.71
N GLY C 239 23.52 28.41 33.97
CA GLY C 239 24.01 29.48 34.81
C GLY C 239 25.50 29.35 35.12
N GLY C 240 25.95 28.12 35.40
CA GLY C 240 27.34 27.89 35.70
C GLY C 240 27.54 27.17 37.03
N THR C 241 28.73 26.63 37.24
CA THR C 241 29.06 25.96 38.50
C THR C 241 30.57 26.02 38.69
N LYS C 242 31.03 26.84 39.62
CA LYS C 242 32.45 27.02 39.90
C LYS C 242 32.85 26.13 41.07
N LEU C 243 33.91 25.35 40.88
CA LEU C 243 34.41 24.47 41.93
C LEU C 243 35.59 25.11 42.67
N VAL D 2 -9.36 -24.66 21.00
CA VAL D 2 -7.96 -24.58 21.43
C VAL D 2 -7.84 -24.88 22.91
N GLN D 3 -7.23 -26.01 23.24
CA GLN D 3 -7.05 -26.42 24.62
C GLN D 3 -5.79 -27.26 24.74
N LEU D 4 -5.24 -27.30 25.95
CA LEU D 4 -4.05 -28.08 26.25
C LEU D 4 -4.33 -28.99 27.44
N VAL D 5 -3.75 -30.18 27.41
CA VAL D 5 -3.90 -31.17 28.47
C VAL D 5 -2.53 -31.70 28.86
N GLU D 6 -2.35 -31.95 30.15
CA GLU D 6 -1.10 -32.47 30.68
C GLU D 6 -1.31 -33.90 31.19
N SER D 7 -0.30 -34.74 30.99
CA SER D 7 -0.35 -36.14 31.39
C SER D 7 0.86 -36.46 32.24
N GLY D 8 0.69 -37.43 33.14
CA GLY D 8 1.75 -37.85 34.03
C GLY D 8 1.60 -37.27 35.41
N GLY D 9 2.71 -37.15 36.13
CA GLY D 9 2.68 -36.57 37.46
C GLY D 9 2.34 -37.52 38.58
N ASP D 10 2.53 -38.82 38.38
CA ASP D 10 2.29 -39.78 39.45
C ASP D 10 3.33 -39.60 40.57
N LEU D 11 3.07 -40.25 41.70
CA LEU D 11 3.98 -40.16 42.83
C LEU D 11 5.33 -40.74 42.46
N VAL D 12 6.39 -39.99 42.77
CA VAL D 12 7.76 -40.37 42.44
C VAL D 12 8.61 -40.26 43.69
N GLN D 13 9.45 -41.26 43.92
CA GLN D 13 10.38 -41.24 45.04
C GLN D 13 11.39 -40.11 44.85
N PRO D 14 12.01 -39.63 45.95
CA PRO D 14 13.01 -38.58 45.80
C PRO D 14 14.16 -38.94 44.88
N GLY D 15 14.50 -40.21 44.77
CA GLY D 15 15.47 -40.65 43.79
C GLY D 15 14.82 -41.34 42.61
N GLY D 16 14.74 -40.64 41.49
CA GLY D 16 14.10 -41.20 40.32
C GLY D 16 13.92 -40.15 39.24
N SER D 17 13.16 -40.52 38.21
CA SER D 17 12.89 -39.65 37.08
C SER D 17 11.41 -39.65 36.77
N LEU D 18 10.92 -38.54 36.21
CA LEU D 18 9.52 -38.37 35.86
C LEU D 18 9.40 -37.79 34.47
N ARG D 19 8.35 -38.18 33.76
CA ARG D 19 8.06 -37.70 32.42
C ARG D 19 6.71 -37.00 32.43
N LEU D 20 6.68 -35.77 31.89
CA LEU D 20 5.45 -35.00 31.78
C LEU D 20 5.13 -34.80 30.30
N SER D 21 3.90 -35.11 29.92
CA SER D 21 3.46 -35.02 28.53
C SER D 21 2.38 -33.93 28.40
N CYS D 22 2.60 -33.00 27.49
CA CYS D 22 1.64 -31.96 27.19
C CYS D 22 1.11 -32.15 25.77
N ALA D 23 -0.20 -32.21 25.63
CA ALA D 23 -0.85 -32.38 24.33
C ALA D 23 -1.90 -31.29 24.16
N ALA D 24 -2.14 -30.91 22.90
CA ALA D 24 -3.07 -29.86 22.58
C ALA D 24 -3.89 -30.23 21.37
N SER D 25 -5.08 -29.64 21.27
CA SER D 25 -5.99 -29.84 20.15
C SER D 25 -6.38 -28.49 19.58
N GLY D 26 -6.14 -28.30 18.29
CA GLY D 26 -6.45 -27.06 17.62
C GLY D 26 -5.26 -26.12 17.46
N ILE D 27 -4.18 -26.35 18.19
CA ILE D 27 -2.98 -25.54 18.11
C ILE D 27 -1.77 -26.47 18.01
N THR D 28 -0.89 -26.18 17.06
CA THR D 28 0.31 -27.00 16.86
C THR D 28 1.43 -26.52 17.77
N LEU D 29 1.98 -27.44 18.57
CA LEU D 29 3.04 -27.07 19.50
C LEU D 29 4.32 -26.68 18.76
N SER D 30 4.56 -27.26 17.58
CA SER D 30 5.76 -26.95 16.82
C SER D 30 5.76 -25.52 16.28
N GLY D 31 4.59 -24.90 16.14
CA GLY D 31 4.51 -23.56 15.61
C GLY D 31 4.51 -22.44 16.62
N VAL D 32 4.42 -22.76 17.91
CA VAL D 32 4.37 -21.76 18.96
C VAL D 32 5.38 -22.10 20.04
N TRP D 33 5.71 -21.11 20.86
CA TRP D 33 6.65 -21.28 21.96
C TRP D 33 5.89 -21.77 23.19
N MET D 34 6.30 -22.92 23.73
CA MET D 34 5.62 -23.55 24.84
C MET D 34 6.43 -23.33 26.12
N ASN D 35 5.75 -22.89 27.18
CA ASN D 35 6.39 -22.58 28.45
C ASN D 35 5.86 -23.50 29.54
N TRP D 36 6.74 -23.87 30.45
CA TRP D 36 6.38 -24.68 31.61
C TRP D 36 6.61 -23.87 32.88
N VAL D 37 5.65 -23.92 33.79
CA VAL D 37 5.73 -23.20 35.06
C VAL D 37 5.39 -24.17 36.18
N ARG D 38 6.14 -24.06 37.28
CA ARG D 38 5.95 -24.90 38.45
C ARG D 38 5.21 -24.13 39.53
N GLN D 39 4.10 -24.68 40.02
CA GLN D 39 3.28 -24.06 41.05
C GLN D 39 3.32 -24.95 42.28
N ALA D 40 4.31 -24.73 43.13
CA ALA D 40 4.43 -25.50 44.36
C ALA D 40 3.35 -25.07 45.35
N PRO D 41 2.88 -26.00 46.19
CA PRO D 41 1.90 -25.62 47.21
C PRO D 41 2.49 -24.64 48.21
N GLY D 42 1.71 -23.62 48.54
CA GLY D 42 2.20 -22.57 49.41
C GLY D 42 3.40 -21.81 48.87
N LYS D 43 3.47 -21.64 47.55
CA LYS D 43 4.60 -20.99 46.92
C LYS D 43 4.13 -20.37 45.60
N GLY D 44 4.83 -19.33 45.17
CA GLY D 44 4.46 -18.65 43.95
C GLY D 44 4.82 -19.44 42.71
N LEU D 45 4.35 -18.94 41.57
CA LEU D 45 4.64 -19.58 40.29
C LEU D 45 6.13 -19.53 39.99
N GLU D 46 6.67 -20.66 39.51
CA GLU D 46 8.08 -20.78 39.20
C GLU D 46 8.23 -21.24 37.76
N TRP D 47 8.66 -20.33 36.90
CA TRP D 47 8.94 -20.67 35.50
C TRP D 47 10.18 -21.54 35.42
N ILE D 48 10.06 -22.72 34.82
CA ILE D 48 11.12 -23.71 34.81
C ILE D 48 11.77 -23.81 33.42
N GLY D 49 10.96 -23.93 32.37
CA GLY D 49 11.50 -24.17 31.05
C GLY D 49 10.64 -23.60 29.94
N ARG D 50 11.20 -23.64 28.73
CA ARG D 50 10.53 -23.13 27.55
C ARG D 50 11.17 -23.76 26.32
N ILE D 51 10.35 -24.12 25.34
CA ILE D 51 10.82 -24.66 24.06
C ILE D 51 10.34 -23.74 22.96
N LYS D 52 11.25 -23.35 22.07
CA LYS D 52 10.91 -22.48 20.96
C LYS D 52 10.28 -23.29 19.83
N SER D 53 9.68 -22.58 18.88
CA SER D 53 9.03 -23.22 17.76
C SER D 53 10.05 -23.80 16.79
N THR D 54 9.59 -24.72 15.94
CA THR D 54 10.47 -25.33 14.96
C THR D 54 10.94 -24.32 13.91
N SER D 55 10.15 -23.26 13.67
CA SER D 55 10.59 -22.21 12.77
C SER D 55 11.83 -21.51 13.30
N ASP D 56 11.86 -21.23 14.59
CA ASP D 56 13.04 -20.69 15.24
C ASP D 56 13.95 -21.85 15.65
N GLY D 57 14.98 -21.56 16.46
CA GLY D 57 15.87 -22.59 16.94
C GLY D 57 15.18 -23.65 17.76
N GLY D 58 15.40 -24.92 17.43
CA GLY D 58 14.78 -26.01 18.15
C GLY D 58 15.51 -26.37 19.43
N ARG D 59 15.74 -25.37 20.28
CA ARG D 59 16.43 -25.56 21.55
C ARG D 59 15.54 -25.11 22.69
N ALA D 60 15.71 -25.75 23.85
CA ALA D 60 14.90 -25.50 25.03
C ALA D 60 15.72 -24.75 26.06
N ASP D 61 15.15 -23.68 26.61
CA ASP D 61 15.78 -22.88 27.65
C ASP D 61 15.17 -23.21 29.00
N PHE D 62 16.01 -23.34 30.02
CA PHE D 62 15.59 -23.71 31.35
C PHE D 62 16.17 -22.76 32.38
N ALA D 63 15.51 -22.71 33.54
CA ALA D 63 15.96 -21.87 34.64
C ALA D 63 17.10 -22.54 35.40
N ALA D 64 17.56 -21.89 36.46
CA ALA D 64 18.66 -22.43 37.25
C ALA D 64 18.32 -23.77 37.93
N PRO D 65 17.19 -23.92 38.63
CA PRO D 65 16.91 -25.23 39.26
C PRO D 65 16.70 -26.35 38.26
N ALA D 66 16.30 -26.04 37.03
CA ALA D 66 16.03 -27.04 36.01
C ALA D 66 17.06 -27.00 34.88
N ARG D 67 18.27 -26.53 35.19
CA ARG D 67 19.28 -26.32 34.15
C ARG D 67 19.68 -27.63 33.50
N GLY D 68 20.21 -28.57 34.28
CA GLY D 68 20.68 -29.82 33.73
C GLY D 68 19.77 -31.01 34.03
N ARG D 69 19.07 -30.95 35.16
CA ARG D 69 18.20 -32.05 35.55
C ARG D 69 17.05 -32.24 34.57
N PHE D 70 16.46 -31.13 34.12
CA PHE D 70 15.29 -31.18 33.26
C PHE D 70 15.69 -31.18 31.79
N THR D 71 15.02 -32.02 31.01
CA THR D 71 15.20 -32.09 29.57
C THR D 71 13.85 -32.16 28.90
N MET D 72 13.69 -31.44 27.80
CA MET D 72 12.41 -31.33 27.10
C MET D 72 12.55 -31.89 25.69
N SER D 73 11.58 -32.72 25.30
CA SER D 73 11.55 -33.32 23.97
C SER D 73 10.16 -33.14 23.38
N ARG D 74 10.09 -33.09 22.06
CA ARG D 74 8.85 -32.86 21.35
C ARG D 74 8.65 -33.94 20.27
N ASP D 75 7.42 -34.43 20.16
CA ASP D 75 7.05 -35.42 19.15
C ASP D 75 6.04 -34.77 18.21
N GLU D 76 6.48 -34.45 17.00
CA GLU D 76 5.61 -33.76 16.05
C GLU D 76 4.55 -34.68 15.46
N SER D 77 4.73 -36.01 15.59
CA SER D 77 3.76 -36.94 15.01
C SER D 77 2.39 -36.80 15.67
N LYS D 78 2.37 -36.66 17.01
CA LYS D 78 1.12 -36.51 17.75
C LYS D 78 1.00 -35.13 18.41
N ASN D 79 1.79 -34.16 17.94
CA ASN D 79 1.85 -32.80 18.50
C ASN D 79 1.81 -32.82 20.03
N LYS D 80 2.70 -33.63 20.60
CA LYS D 80 2.83 -33.77 22.04
C LYS D 80 4.22 -33.31 22.48
N LEU D 81 4.29 -32.62 23.61
CA LEU D 81 5.54 -32.15 24.18
C LEU D 81 5.84 -32.94 25.44
N PHE D 82 7.03 -33.54 25.49
CA PHE D 82 7.44 -34.40 26.61
C PHE D 82 8.51 -33.69 27.43
N LEU D 83 8.27 -33.55 28.73
CA LEU D 83 9.21 -32.96 29.66
C LEU D 83 9.78 -34.06 30.54
N GLN D 84 11.07 -34.30 30.43
CA GLN D 84 11.76 -35.32 31.22
C GLN D 84 12.41 -34.67 32.43
N MET D 85 12.17 -35.23 33.60
CA MET D 85 12.65 -34.67 34.87
C MET D 85 13.61 -35.69 35.48
N ASN D 86 14.88 -35.62 35.09
CA ASN D 86 15.89 -36.53 35.62
C ASN D 86 16.42 -35.99 36.94
N ASN D 87 16.80 -36.92 37.82
CA ASN D 87 17.32 -36.61 39.15
C ASN D 87 16.36 -35.68 39.90
N LEU D 88 15.15 -36.20 40.13
CA LEU D 88 14.10 -35.43 40.76
C LEU D 88 14.45 -35.14 42.22
N GLY D 89 13.72 -34.18 42.80
CA GLY D 89 13.94 -33.81 44.18
C GLY D 89 12.63 -33.56 44.89
N ILE D 90 12.73 -33.43 46.22
CA ILE D 90 11.54 -33.19 47.03
C ILE D 90 10.95 -31.81 46.72
N GLU D 91 11.82 -30.83 46.43
CA GLU D 91 11.35 -29.48 46.13
C GLU D 91 10.61 -29.40 44.81
N ASP D 92 10.72 -30.41 43.95
CA ASP D 92 10.03 -30.43 42.66
C ASP D 92 8.62 -31.02 42.84
N THR D 93 7.84 -30.36 43.70
CA THR D 93 6.49 -30.79 44.03
C THR D 93 5.52 -29.65 43.72
N GLY D 94 4.42 -29.98 43.04
CA GLY D 94 3.42 -28.99 42.72
C GLY D 94 2.78 -29.21 41.37
N MET D 95 1.88 -28.31 40.96
CA MET D 95 1.21 -28.43 39.69
C MET D 95 2.08 -27.85 38.58
N TYR D 96 2.22 -28.60 37.49
CA TYR D 96 2.99 -28.18 36.32
C TYR D 96 2.01 -27.84 35.20
N TYR D 97 2.10 -26.62 34.70
CA TYR D 97 1.19 -26.14 33.67
C TYR D 97 1.90 -26.07 32.32
N CYS D 98 1.10 -26.08 31.26
CA CYS D 98 1.59 -26.04 29.88
C CYS D 98 0.81 -24.97 29.15
N PHE D 99 1.46 -23.85 28.85
CA PHE D 99 0.80 -22.72 28.21
C PHE D 99 1.72 -22.13 27.15
N THR D 100 1.11 -21.42 26.20
CA THR D 100 1.85 -20.80 25.11
C THR D 100 1.26 -19.42 24.80
N ARG D 101 2.15 -18.46 24.57
CA ARG D 101 1.75 -17.11 24.19
C ARG D 101 1.54 -17.08 22.68
N VAL D 102 0.28 -17.12 22.25
CA VAL D 102 -0.08 -17.09 20.84
C VAL D 102 -0.70 -15.73 20.55
N GLN D 103 -0.06 -14.98 19.66
CA GLN D 103 -0.51 -13.62 19.32
C GLN D 103 -1.20 -13.63 17.96
N ARG D 104 -2.42 -13.12 17.91
CA ARG D 104 -3.18 -13.01 16.67
C ARG D 104 -3.76 -11.61 16.58
N ASP D 105 -3.44 -10.91 15.49
CA ASP D 105 -3.97 -9.57 15.20
C ASP D 105 -3.67 -8.59 16.34
N GLY D 106 -2.48 -8.73 16.92
CA GLY D 106 -2.03 -7.83 17.97
C GLY D 106 -2.46 -8.22 19.37
N THR D 107 -3.37 -9.17 19.52
CA THR D 107 -3.84 -9.63 20.82
C THR D 107 -3.36 -11.06 21.05
N LYS D 108 -2.86 -11.33 22.25
CA LYS D 108 -2.28 -12.62 22.58
C LYS D 108 -3.02 -13.25 23.76
N ASP D 109 -3.08 -14.58 23.76
CA ASP D 109 -3.68 -15.34 24.84
C ASP D 109 -2.76 -16.50 25.20
N ASP D 110 -2.88 -16.97 26.44
CA ASP D 110 -1.98 -18.01 26.94
C ASP D 110 -2.51 -19.42 26.72
N PHE D 111 -3.82 -19.62 26.77
CA PHE D 111 -4.43 -20.94 26.61
C PHE D 111 -3.81 -21.94 27.59
N TRP D 112 -3.99 -21.66 28.88
CA TRP D 112 -3.43 -22.52 29.91
C TRP D 112 -4.05 -23.90 29.87
N GLY D 113 -3.25 -24.92 30.17
CA GLY D 113 -3.73 -26.28 30.25
C GLY D 113 -4.35 -26.58 31.60
N ARG D 114 -4.82 -27.83 31.72
CA ARG D 114 -5.42 -28.26 32.98
C ARG D 114 -4.40 -28.25 34.11
N GLY D 115 -3.18 -28.72 33.84
CA GLY D 115 -2.15 -28.77 34.85
C GLY D 115 -2.14 -30.08 35.62
N THR D 116 -0.98 -30.74 35.65
CA THR D 116 -0.82 -32.01 36.34
C THR D 116 -0.09 -31.78 37.66
N LEU D 117 -0.59 -32.38 38.72
CA LEU D 117 0.03 -32.27 40.04
C LEU D 117 1.09 -33.36 40.19
N VAL D 118 2.24 -32.97 40.73
CA VAL D 118 3.37 -33.87 40.94
C VAL D 118 3.65 -33.94 42.43
N THR D 119 3.70 -35.16 42.97
CA THR D 119 3.99 -35.38 44.38
C THR D 119 5.29 -36.18 44.49
N VAL D 120 6.20 -35.71 45.33
CA VAL D 120 7.47 -36.39 45.55
C VAL D 120 7.60 -36.83 47.00
N VAL E 3 12.77 -12.61 39.88
CA VAL E 3 13.48 -11.92 40.93
C VAL E 3 12.72 -10.67 41.34
N LEU E 4 11.82 -10.22 40.47
CA LEU E 4 10.99 -9.05 40.78
C LEU E 4 10.03 -9.38 41.92
N THR E 5 9.89 -8.43 42.84
CA THR E 5 9.16 -8.65 44.08
C THR E 5 7.76 -8.05 44.03
N GLN E 6 6.90 -8.56 44.91
CA GLN E 6 5.53 -8.11 45.05
C GLN E 6 5.21 -8.00 46.53
N PRO E 7 4.22 -7.18 46.89
CA PRO E 7 3.78 -7.16 48.28
C PRO E 7 3.25 -8.51 48.70
N PRO E 8 3.45 -8.91 49.96
CA PRO E 8 2.95 -10.22 50.40
C PRO E 8 1.45 -10.37 50.26
N SER E 9 0.69 -9.31 50.50
CA SER E 9 -0.77 -9.37 50.37
C SER E 9 -1.31 -7.95 50.27
N VAL E 10 -2.50 -7.83 49.71
CA VAL E 10 -3.20 -6.56 49.58
C VAL E 10 -4.65 -6.75 49.99
N SER E 11 -5.30 -5.65 50.35
CA SER E 11 -6.68 -5.67 50.78
C SER E 11 -7.34 -4.34 50.43
N GLY E 12 -8.64 -4.38 50.19
CA GLY E 12 -9.38 -3.18 49.88
C GLY E 12 -10.87 -3.44 49.87
N ALA E 13 -11.63 -2.36 50.07
CA ALA E 13 -13.07 -2.45 50.04
C ALA E 13 -13.57 -2.71 48.62
N PRO E 14 -14.71 -3.39 48.46
CA PRO E 14 -15.22 -3.63 47.10
C PRO E 14 -15.47 -2.37 46.31
N GLY E 15 -15.94 -1.30 46.96
CA GLY E 15 -16.14 -0.04 46.27
C GLY E 15 -14.87 0.71 45.95
N GLN E 16 -13.79 0.44 46.69
CA GLN E 16 -12.53 1.12 46.48
C GLN E 16 -11.73 0.46 45.36
N THR E 17 -10.69 1.16 44.93
CA THR E 17 -9.79 0.65 43.89
C THR E 17 -8.49 0.18 44.55
N VAL E 18 -8.11 -1.06 44.27
CA VAL E 18 -6.94 -1.69 44.86
C VAL E 18 -5.82 -1.70 43.82
N THR E 19 -4.67 -1.16 44.21
CA THR E 19 -3.48 -1.12 43.35
C THR E 19 -2.46 -2.13 43.84
N ILE E 20 -2.00 -2.98 42.93
CA ILE E 20 -1.01 -4.01 43.24
C ILE E 20 0.33 -3.58 42.66
N SER E 21 1.34 -3.48 43.51
CA SER E 21 2.65 -3.01 43.09
C SER E 21 3.52 -4.17 42.61
N CYS E 22 4.53 -3.83 41.81
CA CYS E 22 5.48 -4.82 41.33
C CYS E 22 6.78 -4.10 41.01
N THR E 23 7.79 -4.30 41.85
CA THR E 23 9.08 -3.64 41.70
C THR E 23 10.05 -4.56 40.96
N GLY E 24 10.67 -4.04 39.91
CA GLY E 24 11.63 -4.81 39.14
C GLY E 24 13.04 -4.30 39.32
N SER E 25 13.79 -4.18 38.22
CA SER E 25 15.15 -3.68 38.25
C SER E 25 15.48 -3.12 36.86
N TYR E 26 16.76 -2.83 36.64
CA TYR E 26 17.19 -2.31 35.35
C TYR E 26 17.05 -3.36 34.24
N SER E 27 17.03 -4.64 34.58
CA SER E 27 16.92 -5.70 33.60
C SER E 27 15.53 -6.33 33.53
N ASN E 28 14.78 -6.32 34.64
CA ASN E 28 13.45 -6.93 34.65
C ASN E 28 12.43 -6.01 33.97
N ILE E 29 12.23 -4.82 34.52
CA ILE E 29 11.25 -3.89 34.00
C ILE E 29 11.91 -2.64 33.41
N GLY E 30 13.08 -2.24 33.90
CA GLY E 30 13.76 -1.08 33.34
C GLY E 30 14.41 -1.33 32.00
N ALA E 31 14.49 -2.57 31.55
CA ALA E 31 15.05 -2.91 30.25
C ALA E 31 14.03 -2.82 29.13
N GLY E 32 12.78 -2.48 29.44
CA GLY E 32 11.74 -2.38 28.44
C GLY E 32 10.90 -3.63 28.26
N TYR E 33 11.13 -4.67 29.05
CA TYR E 33 10.33 -5.88 28.93
C TYR E 33 8.89 -5.63 29.36
N ASP E 34 7.96 -6.21 28.63
CA ASP E 34 6.55 -6.08 28.96
C ASP E 34 6.24 -6.83 30.25
N VAL E 35 5.38 -6.25 31.07
CA VAL E 35 5.00 -6.82 32.36
C VAL E 35 3.59 -7.39 32.23
N GLN E 36 3.44 -8.67 32.57
CA GLN E 36 2.16 -9.34 32.47
C GLN E 36 1.63 -9.67 33.86
N TRP E 37 0.30 -9.64 33.99
CA TRP E 37 -0.38 -9.92 35.24
C TRP E 37 -1.28 -11.13 35.08
N TYR E 38 -1.29 -11.99 36.09
CA TYR E 38 -2.07 -13.21 36.07
C TYR E 38 -2.96 -13.28 37.30
N GLN E 39 -4.17 -13.80 37.13
CA GLN E 39 -5.12 -14.02 38.21
C GLN E 39 -5.18 -15.53 38.45
N HIS E 40 -4.56 -15.98 39.53
CA HIS E 40 -4.47 -17.42 39.83
C HIS E 40 -5.61 -17.79 40.78
N LEU E 41 -6.75 -18.12 40.21
CA LEU E 41 -7.86 -18.62 41.01
C LEU E 41 -7.49 -19.98 41.59
N PRO E 42 -7.80 -20.23 42.86
CA PRO E 42 -7.44 -21.52 43.47
C PRO E 42 -8.13 -22.69 42.77
N GLY E 43 -7.38 -23.76 42.57
CA GLY E 43 -7.90 -24.95 41.95
C GLY E 43 -8.00 -24.91 40.45
N THR E 44 -7.59 -23.81 39.81
CA THR E 44 -7.68 -23.67 38.36
C THR E 44 -6.40 -23.02 37.85
N ALA E 45 -6.19 -23.15 36.54
CA ALA E 45 -5.02 -22.57 35.91
C ALA E 45 -5.07 -21.05 35.95
N PRO E 46 -3.92 -20.38 36.03
CA PRO E 46 -3.92 -18.91 36.07
C PRO E 46 -4.50 -18.31 34.80
N LYS E 47 -5.12 -17.15 34.95
CA LYS E 47 -5.74 -16.44 33.84
C LYS E 47 -5.02 -15.12 33.63
N LEU E 48 -4.58 -14.87 32.40
CA LEU E 48 -3.90 -13.64 32.07
C LEU E 48 -4.87 -12.46 32.12
N LEU E 49 -4.40 -11.35 32.69
CA LEU E 49 -5.20 -10.13 32.81
C LEU E 49 -4.66 -8.97 31.97
N ILE E 50 -3.35 -8.77 31.97
CA ILE E 50 -2.69 -7.72 31.19
C ILE E 50 -1.54 -8.36 30.44
N TYR E 51 -1.57 -8.27 29.11
CA TYR E 51 -0.55 -8.92 28.29
C TYR E 51 0.57 -7.98 27.85
N ASP E 52 0.52 -6.72 28.25
CA ASP E 52 1.58 -5.77 27.94
C ASP E 52 1.66 -4.79 29.10
N ASN E 53 2.32 -3.65 28.88
CA ASN E 53 2.38 -2.61 29.92
C ASN E 53 0.99 -2.09 30.24
N VAL E 54 0.18 -1.81 29.20
CA VAL E 54 -1.18 -1.33 29.40
C VAL E 54 -2.22 -2.12 28.62
N HIS E 55 -1.84 -2.84 27.57
CA HIS E 55 -2.83 -3.53 26.74
C HIS E 55 -3.42 -4.72 27.50
N ARG E 56 -4.72 -4.95 27.28
CA ARG E 56 -5.46 -5.99 27.97
C ARG E 56 -6.08 -6.96 26.98
N PRO E 57 -5.98 -8.27 27.21
CA PRO E 57 -6.52 -9.23 26.26
C PRO E 57 -8.04 -9.19 26.22
N SER E 58 -8.58 -9.64 25.08
CA SER E 58 -10.02 -9.74 24.92
C SER E 58 -10.58 -10.79 25.88
N GLY E 59 -11.79 -10.56 26.35
CA GLY E 59 -12.42 -11.42 27.33
C GLY E 59 -12.06 -11.13 28.77
N VAL E 60 -11.26 -10.10 29.02
CA VAL E 60 -10.89 -9.69 30.37
C VAL E 60 -11.68 -8.44 30.72
N PRO E 61 -12.29 -8.37 31.91
CA PRO E 61 -13.09 -7.19 32.26
C PRO E 61 -12.24 -5.93 32.27
N ASP E 62 -12.89 -4.80 31.92
CA ASP E 62 -12.22 -3.51 31.88
C ASP E 62 -11.80 -3.02 33.26
N ARG E 63 -12.28 -3.67 34.33
CA ARG E 63 -11.90 -3.25 35.67
C ARG E 63 -10.40 -3.38 35.90
N PHE E 64 -9.80 -4.47 35.41
CA PHE E 64 -8.38 -4.70 35.56
C PHE E 64 -7.61 -3.82 34.58
N SER E 65 -6.82 -2.89 35.11
CA SER E 65 -5.99 -2.02 34.30
C SER E 65 -4.58 -1.97 34.88
N GLY E 66 -3.58 -1.89 34.00
CA GLY E 66 -2.21 -1.86 34.43
C GLY E 66 -1.47 -0.65 33.86
N SER E 67 -0.35 -0.33 34.50
CA SER E 67 0.46 0.81 34.08
C SER E 67 1.89 0.57 34.54
N LYS E 68 2.85 0.80 33.65
CA LYS E 68 4.26 0.65 33.95
C LYS E 68 4.89 2.03 34.05
N SER E 69 5.52 2.30 35.20
CA SER E 69 6.19 3.57 35.45
C SER E 69 7.61 3.30 35.89
N GLY E 70 8.58 3.77 35.11
CA GLY E 70 9.97 3.56 35.46
C GLY E 70 10.31 2.08 35.46
N THR E 71 10.86 1.61 36.59
CA THR E 71 11.24 0.23 36.75
C THR E 71 10.21 -0.58 37.55
N SER E 72 9.01 -0.03 37.74
CA SER E 72 7.96 -0.71 38.49
C SER E 72 6.67 -0.69 37.68
N ALA E 73 5.83 -1.70 37.92
CA ALA E 73 4.54 -1.83 37.27
C ALA E 73 3.46 -1.99 38.32
N SER E 74 2.29 -1.40 38.05
CA SER E 74 1.18 -1.42 38.99
C SER E 74 -0.07 -1.95 38.30
N LEU E 75 -0.84 -2.77 39.01
CA LEU E 75 -2.11 -3.30 38.53
C LEU E 75 -3.23 -2.70 39.36
N ALA E 76 -4.19 -2.09 38.69
CA ALA E 76 -5.31 -1.41 39.33
C ALA E 76 -6.59 -2.21 39.11
N ILE E 77 -7.31 -2.48 40.20
CA ILE E 77 -8.57 -3.21 40.15
C ILE E 77 -9.65 -2.26 40.65
N THR E 78 -10.40 -1.67 39.73
CA THR E 78 -11.49 -0.76 40.09
C THR E 78 -12.80 -1.52 40.15
N GLY E 79 -13.67 -1.08 41.06
CA GLY E 79 -14.96 -1.74 41.23
C GLY E 79 -14.82 -3.19 41.65
N LEU E 80 -14.00 -3.44 42.66
CA LEU E 80 -13.71 -4.79 43.08
C LEU E 80 -14.97 -5.53 43.52
N GLN E 81 -15.08 -6.79 43.09
CA GLN E 81 -16.14 -7.70 43.52
C GLN E 81 -15.58 -8.74 44.46
N THR E 82 -16.44 -9.67 44.86
CA THR E 82 -16.04 -10.76 45.76
C THR E 82 -15.49 -11.97 45.01
N GLU E 83 -15.50 -11.95 43.68
CA GLU E 83 -14.99 -13.07 42.88
C GLU E 83 -13.53 -12.89 42.49
N ASP E 84 -12.89 -11.80 42.91
CA ASP E 84 -11.51 -11.51 42.57
C ASP E 84 -10.56 -11.83 43.72
N GLU E 85 -11.02 -12.54 44.75
CA GLU E 85 -10.19 -12.91 45.88
C GLU E 85 -9.31 -14.08 45.48
N ALA E 86 -8.17 -13.77 44.89
CA ALA E 86 -7.22 -14.78 44.42
C ALA E 86 -5.84 -14.17 44.35
N ASP E 87 -4.84 -15.03 44.22
CA ASP E 87 -3.46 -14.57 44.13
C ASP E 87 -3.19 -13.92 42.78
N TYR E 88 -2.55 -12.76 42.80
CA TYR E 88 -2.16 -12.04 41.60
C TYR E 88 -0.65 -12.09 41.46
N TYR E 89 -0.17 -12.48 40.30
CA TYR E 89 1.26 -12.65 40.05
C TYR E 89 1.72 -11.65 39.00
N CYS E 90 2.92 -11.10 39.21
CA CYS E 90 3.54 -10.17 38.29
C CYS E 90 4.56 -10.94 37.44
N GLN E 91 4.34 -10.97 36.13
CA GLN E 91 5.18 -11.72 35.22
C GLN E 91 5.90 -10.76 34.29
N SER E 92 7.20 -10.95 34.14
CA SER E 92 8.01 -10.17 33.22
C SER E 92 9.17 -11.03 32.76
N TYR E 93 10.14 -10.41 32.09
CA TYR E 93 11.32 -11.10 31.61
C TYR E 93 12.56 -10.35 32.08
N ASP E 94 13.67 -11.07 32.21
CA ASP E 94 14.91 -10.53 32.71
C ASP E 94 15.92 -10.44 31.57
N SER E 95 16.56 -9.27 31.43
CA SER E 95 17.63 -9.13 30.45
C SER E 95 18.79 -10.06 30.79
N ARG E 96 19.12 -10.17 32.07
CA ARG E 96 20.07 -11.18 32.52
C ARG E 96 19.41 -12.55 32.48
N LEU E 97 20.19 -13.59 32.82
CA LEU E 97 19.73 -14.97 32.83
C LEU E 97 19.30 -15.45 31.45
N ARG E 98 19.70 -14.73 30.39
CA ARG E 98 19.43 -15.12 29.02
C ARG E 98 17.93 -15.18 28.72
N ASP E 99 17.23 -14.10 29.08
CA ASP E 99 15.82 -13.90 28.76
C ASP E 99 14.95 -15.05 29.28
N GLN E 100 14.91 -15.17 30.61
CA GLN E 100 14.08 -16.14 31.29
C GLN E 100 12.93 -15.44 32.00
N TRP E 101 11.75 -16.04 31.95
CA TRP E 101 10.58 -15.46 32.60
C TRP E 101 10.79 -15.39 34.10
N VAL E 102 10.38 -14.27 34.69
CA VAL E 102 10.45 -14.06 36.14
C VAL E 102 9.04 -13.75 36.64
N PHE E 103 8.61 -14.49 37.66
CA PHE E 103 7.30 -14.30 38.27
C PHE E 103 7.46 -13.65 39.64
N GLY E 104 6.46 -12.85 40.01
CA GLY E 104 6.47 -12.20 41.30
C GLY E 104 6.14 -13.16 42.43
N GLY E 105 6.27 -12.64 43.66
CA GLY E 105 5.97 -13.45 44.83
C GLY E 105 4.51 -13.78 44.99
N GLY E 106 3.63 -13.03 44.35
CA GLY E 106 2.20 -13.27 44.43
C GLY E 106 1.52 -12.48 45.52
N THR E 107 0.49 -11.72 45.15
CA THR E 107 -0.28 -10.91 46.10
C THR E 107 -1.65 -11.55 46.26
N LYS E 108 -1.98 -11.92 47.50
CA LYS E 108 -3.27 -12.54 47.80
C LYS E 108 -4.26 -11.44 48.14
N LEU E 109 -5.01 -11.00 47.13
CA LEU E 109 -6.00 -9.96 47.35
C LEU E 109 -7.17 -10.51 48.16
N THR E 110 -7.54 -9.80 49.22
CA THR E 110 -8.63 -10.20 50.10
C THR E 110 -9.72 -9.15 50.07
N VAL E 111 -10.96 -9.60 49.89
CA VAL E 111 -12.11 -8.70 49.84
C VAL E 111 -12.70 -8.60 51.24
N LEU E 112 -12.76 -7.39 51.77
CA LEU E 112 -13.29 -7.15 53.10
C LEU E 112 -14.81 -7.05 53.09
N ILE F 1 -6.69 23.50 -11.87
CA ILE F 1 -6.66 23.76 -10.43
C ILE F 1 -6.24 25.20 -10.17
N PRO F 2 -7.08 25.95 -9.46
CA PRO F 2 -6.75 27.34 -9.15
C PRO F 2 -5.48 27.44 -8.30
N LEU F 3 -4.73 28.51 -8.54
CA LEU F 3 -3.49 28.76 -7.82
C LEU F 3 -3.54 30.16 -7.23
N GLY F 4 -2.82 30.35 -6.13
CA GLY F 4 -2.83 31.64 -5.45
C GLY F 4 -1.47 32.30 -5.39
N VAL F 5 -1.37 33.51 -5.95
CA VAL F 5 -0.14 34.28 -5.93
C VAL F 5 -0.37 35.50 -5.05
N ILE F 6 0.51 35.69 -4.07
CA ILE F 6 0.39 36.78 -3.11
C ILE F 6 1.08 38.00 -3.71
N HIS F 7 0.31 38.83 -4.39
CA HIS F 7 0.81 40.07 -4.97
C HIS F 7 0.67 41.19 -3.96
N ASN F 8 1.78 41.87 -3.66
CA ASN F 8 1.84 42.97 -2.69
C ASN F 8 0.99 42.69 -1.45
N SER F 9 1.27 41.55 -0.82
CA SER F 9 0.58 41.10 0.39
C SER F 9 -0.92 40.97 0.18
N THR F 10 -1.34 40.62 -1.04
CA THR F 10 -2.74 40.40 -1.36
C THR F 10 -2.84 39.17 -2.25
N LEU F 11 -3.74 38.27 -1.90
CA LEU F 11 -3.89 37.02 -2.63
C LEU F 11 -4.83 37.20 -3.81
N GLN F 12 -4.43 36.63 -4.95
CA GLN F 12 -5.25 36.64 -6.15
C GLN F 12 -5.23 35.26 -6.78
N VAL F 13 -6.38 34.82 -7.29
CA VAL F 13 -6.46 33.50 -7.91
C VAL F 13 -5.77 33.55 -9.27
N SER F 14 -4.76 32.68 -9.45
CA SER F 14 -3.98 32.64 -10.67
C SER F 14 -4.62 31.66 -11.64
N ASP F 15 -5.73 32.11 -12.24
CA ASP F 15 -6.40 31.31 -13.26
C ASP F 15 -5.68 31.34 -14.60
N VAL F 16 -4.77 32.28 -14.80
CA VAL F 16 -4.00 32.39 -16.03
C VAL F 16 -2.52 32.44 -15.66
N ASP F 17 -1.73 31.55 -16.27
CA ASP F 17 -0.31 31.50 -15.98
C ASP F 17 0.46 32.65 -16.63
N LYS F 18 -0.15 33.34 -17.60
CA LYS F 18 0.46 34.46 -18.29
C LYS F 18 0.22 35.79 -17.57
N LEU F 19 -0.01 35.76 -16.26
CA LEU F 19 -0.35 36.98 -15.52
C LEU F 19 0.72 38.06 -15.70
N VAL F 20 1.93 37.80 -15.18
CA VAL F 20 3.01 38.78 -15.20
C VAL F 20 4.32 38.10 -14.84
N CYS F 21 5.42 38.61 -15.40
CA CYS F 21 6.76 38.17 -14.98
C CYS F 21 7.10 38.61 -13.57
N ARG F 22 6.30 39.49 -12.97
CA ARG F 22 6.52 39.91 -11.59
C ARG F 22 6.42 38.72 -10.64
N ASP F 23 5.50 37.80 -10.90
CA ASP F 23 5.39 36.59 -10.11
C ASP F 23 6.66 35.75 -10.24
N LYS F 24 7.26 35.41 -9.11
CA LYS F 24 8.53 34.69 -9.06
C LYS F 24 8.36 33.38 -8.32
N LEU F 25 8.90 32.31 -8.89
CA LEU F 25 8.92 30.98 -8.27
C LEU F 25 10.37 30.51 -8.29
N SER F 26 11.14 30.91 -7.28
CA SER F 26 12.56 30.55 -7.23
C SER F 26 12.77 29.10 -6.82
N SER F 27 11.94 28.59 -5.92
CA SER F 27 12.09 27.23 -5.41
C SER F 27 10.71 26.67 -5.08
N THR F 28 10.66 25.35 -4.89
CA THR F 28 9.41 24.69 -4.53
C THR F 28 8.93 25.06 -3.14
N ASN F 29 9.78 25.67 -2.30
CA ASN F 29 9.36 26.08 -0.98
C ASN F 29 8.26 27.15 -1.05
N GLN F 30 8.26 27.96 -2.11
CA GLN F 30 7.20 28.93 -2.29
C GLN F 30 5.85 28.23 -2.52
N LEU F 31 5.85 27.14 -3.27
CA LEU F 31 4.64 26.36 -3.44
C LEU F 31 4.24 25.70 -2.13
N ARG F 32 2.98 25.86 -1.75
CA ARG F 32 2.48 25.30 -0.50
C ARG F 32 1.01 24.99 -0.67
N SER F 33 0.58 23.87 -0.09
CA SER F 33 -0.82 23.46 -0.10
C SER F 33 -1.35 23.58 1.32
N VAL F 34 -2.21 24.56 1.54
CA VAL F 34 -2.77 24.86 2.86
C VAL F 34 -4.17 24.26 2.95
N GLY F 35 -4.40 23.42 3.95
CA GLY F 35 -5.71 22.84 4.17
C GLY F 35 -6.50 23.60 5.21
N LEU F 36 -7.47 24.40 4.77
CA LEU F 36 -8.27 25.24 5.65
C LEU F 36 -9.58 24.53 5.99
N ASN F 37 -9.94 24.56 7.27
CA ASN F 37 -11.16 23.92 7.73
C ASN F 37 -12.38 24.73 7.29
N LEU F 38 -13.55 24.07 7.34
CA LEU F 38 -14.80 24.72 6.99
C LEU F 38 -15.38 25.54 8.14
N GLU F 39 -14.88 25.37 9.37
CA GLU F 39 -15.38 26.15 10.49
C GLU F 39 -15.08 27.63 10.31
N GLY F 40 -13.94 27.96 9.70
CA GLY F 40 -13.64 29.35 9.42
C GLY F 40 -14.62 29.99 8.46
N ASN F 41 -15.17 29.21 7.52
CA ASN F 41 -16.14 29.72 6.56
C ASN F 41 -17.49 30.00 7.21
N GLY F 42 -17.71 29.59 8.45
CA GLY F 42 -18.95 29.86 9.15
C GLY F 42 -19.99 28.77 9.09
N VAL F 43 -19.63 27.56 8.65
CA VAL F 43 -20.61 26.48 8.61
C VAL F 43 -20.92 26.00 10.03
N ALA F 44 -22.04 25.30 10.15
CA ALA F 44 -22.48 24.81 11.46
C ALA F 44 -21.53 23.72 11.94
N THR F 45 -21.06 23.86 13.18
CA THR F 45 -20.14 22.91 13.78
C THR F 45 -20.82 21.90 14.70
N ASP F 46 -22.14 22.00 14.86
CA ASP F 46 -22.86 21.08 15.73
C ASP F 46 -22.85 19.67 15.14
N VAL F 47 -22.74 18.68 16.02
CA VAL F 47 -22.74 17.28 15.57
C VAL F 47 -24.02 16.93 14.83
N PRO F 48 -25.22 17.24 15.32
CA PRO F 48 -26.42 16.95 14.52
C PRO F 48 -26.46 17.69 13.19
N SER F 49 -25.75 18.81 13.07
CA SER F 49 -25.71 19.54 11.81
C SER F 49 -24.54 19.15 10.93
N ALA F 50 -23.42 18.75 11.52
CA ALA F 50 -22.25 18.37 10.73
C ALA F 50 -22.44 17.01 10.07
N THR F 51 -23.06 16.06 10.79
CA THR F 51 -23.25 14.72 10.26
C THR F 51 -24.22 14.70 9.09
N LYS F 52 -25.10 15.70 8.97
CA LYS F 52 -25.99 15.76 7.83
C LYS F 52 -25.26 16.07 6.53
N ARG F 53 -24.06 16.63 6.61
CA ARG F 53 -23.26 16.94 5.42
C ARG F 53 -22.44 15.74 4.95
N TRP F 54 -22.49 14.63 5.65
CA TRP F 54 -21.75 13.42 5.30
C TRP F 54 -22.71 12.37 4.79
N GLY F 55 -22.40 11.79 3.63
CA GLY F 55 -23.24 10.77 3.04
C GLY F 55 -22.44 9.56 2.62
N PHE F 56 -23.11 8.42 2.60
CA PHE F 56 -22.50 7.15 2.22
C PHE F 56 -22.82 6.82 0.77
N ARG F 57 -21.80 6.43 0.01
CA ARG F 57 -21.97 6.06 -1.39
C ARG F 57 -21.07 4.88 -1.69
N SER F 58 -21.45 4.12 -2.73
CA SER F 58 -20.69 2.97 -3.19
C SER F 58 -20.36 3.13 -4.66
N GLY F 59 -19.17 2.69 -5.05
CA GLY F 59 -18.72 2.78 -6.43
C GLY F 59 -17.72 3.87 -6.71
N VAL F 60 -17.54 4.81 -5.79
CA VAL F 60 -16.58 5.91 -5.94
C VAL F 60 -15.35 5.57 -5.11
N PRO F 61 -14.19 5.29 -5.72
CA PRO F 61 -13.00 4.98 -4.94
C PRO F 61 -12.55 6.17 -4.11
N PRO F 62 -12.01 5.95 -2.92
CA PRO F 62 -11.48 7.06 -2.14
C PRO F 62 -10.25 7.68 -2.79
N LYS F 63 -10.09 8.98 -2.58
CA LYS F 63 -8.94 9.72 -3.10
C LYS F 63 -8.35 10.56 -1.98
N VAL F 64 -7.02 10.62 -1.94
CA VAL F 64 -6.28 11.34 -0.90
C VAL F 64 -5.36 12.35 -1.57
N VAL F 65 -5.39 13.59 -1.11
CA VAL F 65 -4.54 14.67 -1.61
C VAL F 65 -3.73 15.23 -0.45
N ASN F 66 -2.43 15.39 -0.67
CA ASN F 66 -1.54 15.86 0.38
C ASN F 66 -1.57 17.37 0.51
N TYR F 67 -1.57 17.85 1.76
CA TYR F 67 -1.41 19.27 2.06
C TYR F 67 -0.38 19.42 3.16
N GLU F 68 0.53 20.37 2.99
CA GLU F 68 1.61 20.56 3.96
C GLU F 68 1.14 21.39 5.15
N ALA F 69 0.73 22.63 4.89
CA ALA F 69 0.28 23.51 5.95
C ALA F 69 -1.19 23.28 6.26
N GLY F 70 -1.54 23.42 7.54
CA GLY F 70 -2.91 23.23 7.99
C GLY F 70 -3.38 24.40 8.82
N GLU F 71 -4.62 24.28 9.30
CA GLU F 71 -5.25 25.29 10.13
C GLU F 71 -5.73 24.64 11.42
N TRP F 72 -5.54 25.36 12.52
CA TRP F 72 -6.04 24.88 13.81
C TRP F 72 -7.56 24.74 13.76
N ALA F 73 -8.05 23.58 14.17
CA ALA F 73 -9.47 23.25 14.11
C ALA F 73 -10.06 23.32 15.50
N GLU F 74 -11.11 24.12 15.66
CA GLU F 74 -11.81 24.23 16.93
C GLU F 74 -12.89 23.16 17.12
N ASN F 75 -13.20 22.41 16.06
CA ASN F 75 -14.22 21.36 16.13
C ASN F 75 -13.79 20.22 15.21
N CYS F 76 -13.30 19.13 15.79
CA CYS F 76 -12.94 17.94 15.04
C CYS F 76 -13.92 16.82 15.35
N TYR F 77 -13.94 15.82 14.48
CA TYR F 77 -14.86 14.71 14.58
C TYR F 77 -14.10 13.40 14.51
N ASN F 78 -14.57 12.41 15.27
CA ASN F 78 -13.96 11.07 15.33
C ASN F 78 -15.10 10.07 15.24
N LEU F 79 -15.43 9.64 14.03
CA LEU F 79 -16.55 8.73 13.82
C LEU F 79 -16.11 7.30 14.12
N GLU F 80 -16.86 6.65 15.01
CA GLU F 80 -16.66 5.23 15.33
C GLU F 80 -17.97 4.47 15.17
N ILE F 81 -18.78 4.86 14.19
CA ILE F 81 -20.10 4.27 14.02
C ILE F 81 -19.96 2.85 13.47
N LYS F 82 -20.98 2.03 13.75
CA LYS F 82 -21.03 0.66 13.28
C LYS F 82 -22.45 0.35 12.83
N LYS F 83 -22.59 -0.71 12.04
CA LYS F 83 -23.91 -1.13 11.61
C LYS F 83 -24.70 -1.65 12.80
N PRO F 84 -26.03 -1.61 12.73
CA PRO F 84 -26.84 -2.03 13.90
C PRO F 84 -26.62 -3.46 14.32
N ASP F 85 -26.11 -4.32 13.44
CA ASP F 85 -25.78 -5.69 13.79
C ASP F 85 -24.35 -5.85 14.28
N GLY F 86 -23.60 -4.75 14.39
CA GLY F 86 -22.22 -4.80 14.82
C GLY F 86 -21.19 -4.84 13.71
N SER F 87 -21.62 -4.81 12.45
CA SER F 87 -20.69 -4.83 11.34
C SER F 87 -19.98 -3.48 11.20
N GLU F 88 -18.81 -3.52 10.59
CA GLU F 88 -18.04 -2.31 10.37
C GLU F 88 -18.73 -1.41 9.35
N CYS F 89 -18.73 -0.10 9.63
CA CYS F 89 -19.37 0.88 8.77
C CYS F 89 -18.40 1.74 7.99
N LEU F 90 -17.23 2.03 8.57
CA LEU F 90 -16.23 2.86 7.93
C LEU F 90 -14.94 2.07 7.72
N PRO F 91 -14.23 2.30 6.61
CA PRO F 91 -12.98 1.58 6.39
C PRO F 91 -11.92 1.98 7.40
N ALA F 92 -11.05 1.04 7.71
CA ALA F 92 -9.94 1.30 8.63
C ALA F 92 -8.96 2.27 7.99
N ALA F 93 -8.35 3.10 8.83
CA ALA F 93 -7.39 4.09 8.34
C ALA F 93 -6.14 3.38 7.82
N PRO F 94 -5.75 3.58 6.57
CA PRO F 94 -4.54 2.92 6.06
C PRO F 94 -3.28 3.49 6.67
N ASP F 95 -2.14 2.89 6.35
CA ASP F 95 -0.86 3.40 6.85
C ASP F 95 -0.62 4.80 6.31
N GLY F 96 -0.18 5.70 7.19
CA GLY F 96 0.04 7.09 6.85
C GLY F 96 -1.12 8.00 7.16
N ILE F 97 -2.30 7.46 7.45
CA ILE F 97 -3.46 8.25 7.82
C ILE F 97 -3.56 8.27 9.35
N ARG F 98 -3.47 9.46 9.92
CA ARG F 98 -3.57 9.65 11.37
C ARG F 98 -4.61 10.73 11.64
N GLY F 99 -4.91 10.92 12.92
CA GLY F 99 -5.87 11.92 13.31
C GLY F 99 -5.36 13.33 13.05
N PHE F 100 -6.29 14.27 13.00
CA PHE F 100 -5.94 15.66 12.79
C PHE F 100 -5.07 16.15 13.93
N PRO F 101 -3.95 16.80 13.66
CA PRO F 101 -2.97 17.09 14.72
C PRO F 101 -3.48 18.04 15.79
N ARG F 102 -4.03 19.18 15.39
CA ARG F 102 -4.44 20.23 16.32
C ARG F 102 -5.97 20.31 16.32
N CYS F 103 -6.58 19.92 17.43
CA CYS F 103 -8.03 19.92 17.58
C CYS F 103 -8.38 20.44 18.97
N ARG F 104 -9.08 21.57 19.02
CA ARG F 104 -9.55 22.08 20.31
C ARG F 104 -10.58 21.13 20.92
N TYR F 105 -11.51 20.63 20.11
CA TYR F 105 -12.51 19.67 20.55
C TYR F 105 -12.55 18.51 19.56
N VAL F 106 -12.69 17.29 20.08
CA VAL F 106 -12.77 16.09 19.25
C VAL F 106 -14.13 15.47 19.53
N HIS F 107 -15.09 15.72 18.64
CA HIS F 107 -16.43 15.17 18.78
C HIS F 107 -16.40 13.70 18.35
N LYS F 108 -16.08 12.84 19.31
CA LYS F 108 -15.98 11.40 19.05
C LYS F 108 -17.40 10.84 19.02
N VAL F 109 -17.96 10.74 17.82
CA VAL F 109 -19.33 10.30 17.63
C VAL F 109 -19.33 8.80 17.38
N SER F 110 -19.89 8.05 18.32
CA SER F 110 -20.06 6.61 18.18
C SER F 110 -21.54 6.26 18.19
N GLY F 111 -21.84 5.03 17.81
CA GLY F 111 -23.20 4.55 17.82
C GLY F 111 -23.47 3.69 16.60
N THR F 112 -24.75 3.60 16.25
CA THR F 112 -25.20 2.78 15.14
C THR F 112 -25.90 3.63 14.09
N GLY F 113 -25.87 3.17 12.85
CA GLY F 113 -26.54 3.85 11.76
C GLY F 113 -26.46 3.07 10.48
N PRO F 114 -27.37 3.36 9.55
CA PRO F 114 -27.33 2.69 8.24
C PRO F 114 -26.07 3.07 7.48
N CYS F 115 -25.52 2.11 6.74
CA CYS F 115 -24.30 2.30 5.96
C CYS F 115 -24.60 1.81 4.55
N ALA F 116 -25.15 2.70 3.72
CA ALA F 116 -25.57 2.34 2.37
C ALA F 116 -24.41 2.29 1.38
N GLY F 117 -23.23 2.73 1.77
CA GLY F 117 -22.09 2.71 0.87
C GLY F 117 -20.84 2.27 1.61
N ASP F 118 -19.84 1.87 0.81
CA ASP F 118 -18.57 1.42 1.38
C ASP F 118 -17.80 2.56 2.02
N PHE F 119 -18.03 3.81 1.59
CA PHE F 119 -17.30 4.95 2.11
C PHE F 119 -18.27 6.09 2.38
N ALA F 120 -17.88 6.96 3.32
CA ALA F 120 -18.68 8.12 3.70
C ALA F 120 -18.07 9.36 3.05
N PHE F 121 -18.80 9.97 2.12
CA PHE F 121 -18.33 11.13 1.40
C PHE F 121 -18.94 12.41 2.00
N HIS F 122 -18.50 13.55 1.49
CA HIS F 122 -18.99 14.85 1.92
C HIS F 122 -19.99 15.37 0.89
N LYS F 123 -21.20 15.70 1.36
CA LYS F 123 -22.26 16.13 0.44
C LYS F 123 -21.93 17.47 -0.21
N GLU F 124 -21.17 18.32 0.47
CA GLU F 124 -20.80 19.62 -0.10
C GLU F 124 -19.58 19.54 -1.00
N GLY F 125 -18.98 18.36 -1.15
CA GLY F 125 -17.81 18.20 -1.97
C GLY F 125 -16.49 18.50 -1.30
N ALA F 126 -16.50 18.88 -0.03
CA ALA F 126 -15.28 19.22 0.68
C ALA F 126 -14.51 17.95 1.04
N PHE F 127 -13.32 18.13 1.58
CA PHE F 127 -12.44 17.03 1.98
C PHE F 127 -12.53 16.81 3.49
N PHE F 128 -12.00 15.68 3.92
CA PHE F 128 -11.88 15.33 5.33
C PHE F 128 -10.39 15.40 5.68
N LEU F 129 -9.98 16.50 6.30
CA LEU F 129 -8.57 16.71 6.61
C LEU F 129 -8.09 15.74 7.68
N TYR F 130 -6.88 15.25 7.51
CA TYR F 130 -6.26 14.35 8.48
C TYR F 130 -4.90 14.90 8.90
N ASP F 131 -4.09 14.06 9.55
CA ASP F 131 -2.79 14.47 10.08
C ASP F 131 -2.01 15.35 9.11
N ARG F 132 -1.77 14.84 7.89
CA ARG F 132 -1.17 15.68 6.86
C ARG F 132 -1.74 15.35 5.49
N LEU F 133 -2.87 14.64 5.42
CA LEU F 133 -3.46 14.23 4.16
C LEU F 133 -4.94 14.58 4.16
N ALA F 134 -5.45 14.97 3.00
CA ALA F 134 -6.85 15.29 2.82
C ALA F 134 -7.51 14.19 2.00
N SER F 135 -8.51 13.55 2.58
CA SER F 135 -9.20 12.44 1.95
C SER F 135 -10.67 12.78 1.75
N THR F 136 -11.25 12.25 0.68
CA THR F 136 -12.67 12.47 0.38
C THR F 136 -13.59 11.56 1.17
N VAL F 137 -13.05 10.61 1.93
CA VAL F 137 -13.85 9.64 2.67
C VAL F 137 -13.49 9.74 4.15
N ILE F 138 -14.31 9.10 4.97
CA ILE F 138 -14.15 9.09 6.42
C ILE F 138 -13.64 7.72 6.83
N TYR F 139 -12.58 7.70 7.63
CA TYR F 139 -11.98 6.46 8.10
C TYR F 139 -12.37 6.21 9.56
N ARG F 140 -12.50 4.93 9.91
CA ARG F 140 -13.00 4.55 11.22
C ARG F 140 -11.97 4.91 12.30
N GLY F 141 -12.46 5.50 13.39
CA GLY F 141 -11.62 5.78 14.54
C GLY F 141 -10.43 6.68 14.26
N THR F 142 -10.62 7.70 13.42
CA THR F 142 -9.56 8.64 13.08
C THR F 142 -10.11 10.05 13.17
N THR F 143 -9.47 10.89 13.98
CA THR F 143 -9.91 12.27 14.13
C THR F 143 -9.72 13.03 12.82
N PHE F 144 -10.74 13.78 12.43
CA PHE F 144 -10.68 14.54 11.19
C PHE F 144 -11.46 15.84 11.35
N ALA F 145 -11.11 16.82 10.52
CA ALA F 145 -11.82 18.08 10.45
C ALA F 145 -12.21 18.33 9.00
N GLU F 146 -13.50 18.49 8.75
CA GLU F 146 -13.97 18.73 7.39
C GLU F 146 -13.47 20.08 6.90
N GLY F 147 -12.72 20.08 5.81
CA GLY F 147 -12.13 21.30 5.31
C GLY F 147 -11.80 21.19 3.84
N VAL F 148 -11.11 22.22 3.34
CA VAL F 148 -10.75 22.33 1.93
C VAL F 148 -9.28 22.69 1.82
N VAL F 149 -8.70 22.38 0.66
CA VAL F 149 -7.27 22.53 0.42
C VAL F 149 -7.06 23.62 -0.62
N ALA F 150 -6.09 24.50 -0.36
CA ALA F 150 -5.74 25.58 -1.27
C ALA F 150 -4.27 25.48 -1.64
N PHE F 151 -3.97 25.71 -2.92
CA PHE F 151 -2.61 25.73 -3.43
C PHE F 151 -2.22 27.17 -3.73
N LEU F 152 -1.10 27.61 -3.19
CA LEU F 152 -0.66 29.00 -3.32
C LEU F 152 0.85 29.05 -3.49
N ILE F 153 1.31 30.18 -4.03
CA ILE F 153 2.74 30.47 -4.17
C ILE F 153 3.10 31.47 -3.09
N LEU F 154 3.98 31.07 -2.17
CA LEU F 154 4.41 31.96 -1.11
C LEU F 154 5.42 32.98 -1.65
N PRO F 155 5.47 34.18 -1.07
CA PRO F 155 6.45 35.18 -1.51
C PRO F 155 7.86 34.77 -1.15
N GLN F 156 8.81 35.53 -1.69
CA GLN F 156 10.23 35.29 -1.44
C GLN F 156 10.58 35.49 0.02
N TYR F 181 -1.68 23.42 24.16
CA TYR F 181 -2.47 22.55 23.29
C TYR F 181 -3.08 21.38 24.07
N TYR F 182 -4.40 21.32 24.08
CA TYR F 182 -5.12 20.23 24.74
C TYR F 182 -6.44 20.02 24.02
N SER F 183 -6.81 18.75 23.84
CA SER F 183 -8.04 18.38 23.16
C SER F 183 -9.05 17.85 24.17
N THR F 184 -10.28 18.34 24.09
CA THR F 184 -11.36 17.93 24.98
C THR F 184 -12.30 17.03 24.18
N THR F 185 -12.14 15.73 24.33
CA THR F 185 -13.00 14.79 23.63
C THR F 185 -14.41 14.82 24.18
N ILE F 186 -15.39 14.81 23.27
CA ILE F 186 -16.80 14.81 23.63
C ILE F 186 -17.43 13.54 23.10
N ARG F 187 -18.15 12.82 23.97
CA ARG F 187 -18.71 11.53 23.63
C ARG F 187 -20.15 11.69 23.14
N TYR F 188 -20.46 11.05 22.02
CA TYR F 188 -21.81 11.06 21.46
C TYR F 188 -22.25 9.63 21.17
N GLN F 189 -23.55 9.38 21.36
CA GLN F 189 -24.16 8.10 21.03
C GLN F 189 -25.28 8.36 20.02
N ALA F 190 -25.00 8.08 18.76
CA ALA F 190 -25.93 8.38 17.67
C ALA F 190 -26.58 7.09 17.19
N THR F 191 -27.91 7.12 17.07
CA THR F 191 -28.68 6.01 16.53
C THR F 191 -29.37 6.49 15.26
N GLY F 192 -29.09 5.82 14.15
CA GLY F 192 -29.61 6.24 12.86
C GLY F 192 -28.74 7.28 12.19
N PHE F 193 -27.45 6.99 12.11
CA PHE F 193 -26.51 7.92 11.50
C PHE F 193 -26.77 8.04 10.00
N GLY F 194 -26.95 9.28 9.53
CA GLY F 194 -27.21 9.53 8.13
C GLY F 194 -28.67 9.59 7.75
N THR F 195 -29.58 9.62 8.73
CA THR F 195 -31.01 9.69 8.46
C THR F 195 -31.60 10.85 9.24
N ASN F 196 -32.76 11.32 8.78
CA ASN F 196 -33.42 12.46 9.42
C ASN F 196 -33.96 12.11 10.80
N GLU F 197 -34.09 10.82 11.12
CA GLU F 197 -34.48 10.38 12.45
C GLU F 197 -33.23 9.87 13.16
N THR F 198 -32.49 10.80 13.76
CA THR F 198 -31.26 10.49 14.47
C THR F 198 -31.35 11.01 15.89
N GLU F 199 -31.01 10.16 16.85
CA GLU F 199 -31.04 10.52 18.27
C GLU F 199 -29.62 10.50 18.82
N TYR F 200 -29.26 11.55 19.55
CA TYR F 200 -27.93 11.66 20.15
C TYR F 200 -28.05 11.59 21.67
N LEU F 201 -27.25 10.73 22.28
CA LEU F 201 -27.24 10.53 23.73
C LEU F 201 -28.62 10.17 24.26
N ALA G 2 -7.90 39.35 -8.05
CA ALA G 2 -8.99 39.83 -7.23
C ALA G 2 -9.84 38.67 -6.71
N ILE G 3 -9.96 38.58 -5.39
CA ILE G 3 -10.73 37.52 -4.73
C ILE G 3 -11.88 38.17 -3.97
N VAL G 4 -13.09 37.72 -4.24
CA VAL G 4 -14.28 38.17 -3.53
C VAL G 4 -14.75 37.05 -2.62
N ASN G 5 -14.70 37.30 -1.31
CA ASN G 5 -15.06 36.28 -0.33
C ASN G 5 -16.58 36.22 -0.23
N ALA G 6 -17.15 35.12 -0.72
CA ALA G 6 -18.60 34.91 -0.69
C ALA G 6 -19.06 34.14 0.54
N GLN G 7 -18.13 33.78 1.43
CA GLN G 7 -18.50 33.03 2.62
C GLN G 7 -19.32 33.92 3.57
N PRO G 8 -20.29 33.34 4.28
CA PRO G 8 -21.08 34.15 5.22
C PRO G 8 -20.26 34.77 6.32
N LYS G 9 -19.19 34.10 6.78
CA LYS G 9 -18.36 34.62 7.86
C LYS G 9 -16.92 34.20 7.61
N CYS G 10 -16.00 35.14 7.78
CA CYS G 10 -14.57 34.88 7.64
C CYS G 10 -13.90 35.05 9.00
N ASN G 11 -12.99 34.13 9.33
CA ASN G 11 -12.23 34.22 10.56
C ASN G 11 -10.96 35.04 10.29
N PRO G 12 -10.82 36.23 10.86
CA PRO G 12 -9.62 37.04 10.57
C PRO G 12 -8.32 36.38 10.99
N ASN G 13 -8.32 35.62 12.08
CA ASN G 13 -7.10 35.00 12.58
C ASN G 13 -6.94 33.60 11.98
N LEU G 14 -5.76 33.33 11.43
CA LEU G 14 -5.44 32.04 10.86
C LEU G 14 -4.39 31.38 11.74
N HIS G 15 -4.84 30.58 12.70
CA HIS G 15 -3.93 29.81 13.55
C HIS G 15 -3.54 28.56 12.79
N TYR G 16 -2.29 28.51 12.31
CA TYR G 16 -1.85 27.48 11.39
C TYR G 16 -0.82 26.57 12.06
N TRP G 17 -0.87 25.29 11.73
CA TRP G 17 0.13 24.32 12.14
C TRP G 17 0.87 23.81 10.91
N THR G 18 2.17 23.63 11.04
CA THR G 18 3.00 23.18 9.94
C THR G 18 4.16 22.36 10.51
N THR G 19 4.76 21.54 9.66
CA THR G 19 5.96 20.82 10.04
C THR G 19 7.14 21.77 10.15
N GLN G 20 8.26 21.24 10.63
CA GLN G 20 9.45 22.07 10.78
C GLN G 20 9.96 22.53 9.42
N ASP G 21 10.72 23.62 9.44
CA ASP G 21 11.17 24.27 8.22
C ASP G 21 12.14 23.42 7.41
N GLU G 22 12.70 22.35 8.00
CA GLU G 22 13.63 21.41 7.39
C GLU G 22 14.99 22.06 7.13
N GLY G 23 15.15 23.35 7.38
CA GLY G 23 16.42 24.01 7.23
C GLY G 23 16.80 24.83 8.45
N ALA G 24 15.92 24.83 9.44
CA ALA G 24 16.15 25.57 10.67
C ALA G 24 17.14 24.82 11.56
N ALA G 25 17.51 25.47 12.66
CA ALA G 25 18.47 24.89 13.58
C ALA G 25 17.87 23.69 14.31
N ILE G 26 18.61 22.58 14.33
CA ILE G 26 18.18 21.36 15.00
C ILE G 26 19.35 20.82 15.80
N GLY G 27 19.02 20.04 16.82
CA GLY G 27 20.04 19.42 17.66
C GLY G 27 20.11 17.93 17.45
N LEU G 28 19.65 17.16 18.44
CA LEU G 28 19.55 15.71 18.32
C LEU G 28 18.16 15.26 17.88
N ALA G 29 17.23 16.21 17.66
CA ALA G 29 15.86 15.85 17.33
C ALA G 29 15.69 15.37 15.89
N TRP G 30 16.67 15.61 15.02
CA TRP G 30 16.55 15.13 13.64
C TRP G 30 16.69 13.62 13.56
N ILE G 31 17.32 12.99 14.55
CA ILE G 31 17.39 11.53 14.59
C ILE G 31 16.02 10.98 14.96
N PRO G 32 15.46 10.05 14.18
CA PRO G 32 14.12 9.51 14.54
C PRO G 32 14.08 8.84 15.89
N TYR G 33 15.17 8.19 16.32
CA TYR G 33 15.17 7.53 17.62
C TYR G 33 15.09 8.54 18.76
N PHE G 34 15.81 9.65 18.64
CA PHE G 34 15.78 10.69 19.67
C PHE G 34 14.79 11.80 19.38
N GLY G 35 14.15 11.79 18.23
CA GLY G 35 13.25 12.85 17.85
C GLY G 35 11.90 12.73 18.52
N PRO G 36 11.07 13.75 18.32
CA PRO G 36 9.72 13.73 18.90
C PRO G 36 8.80 12.80 18.13
N ALA G 37 7.64 12.55 18.73
CA ALA G 37 6.63 11.71 18.09
C ALA G 37 5.99 12.46 16.92
N ALA G 38 5.01 11.81 16.30
CA ALA G 38 4.34 12.42 15.15
C ALA G 38 3.61 13.70 15.52
N GLU G 39 3.16 13.80 16.77
CA GLU G 39 2.45 15.00 17.21
C GLU G 39 3.40 16.16 17.48
N GLY G 40 4.60 15.88 17.99
CA GLY G 40 5.51 16.92 18.39
C GLY G 40 6.28 17.61 17.29
N ILE G 41 6.24 17.07 16.06
CA ILE G 41 7.02 17.64 14.98
C ILE G 41 6.40 18.92 14.44
N TYR G 42 5.13 19.17 14.72
CA TYR G 42 4.45 20.34 14.18
C TYR G 42 4.82 21.60 14.96
N THR G 43 4.99 22.70 14.24
CA THR G 43 5.21 24.02 14.83
C THR G 43 4.03 24.92 14.50
N GLU G 44 3.52 25.62 15.51
CA GLU G 44 2.33 26.42 15.37
C GLU G 44 2.70 27.89 15.12
N GLY G 45 1.67 28.68 14.84
CA GLY G 45 1.88 30.10 14.61
C GLY G 45 0.54 30.78 14.37
N LEU G 46 0.59 32.10 14.29
CA LEU G 46 -0.57 32.92 14.02
C LEU G 46 -0.30 33.77 12.79
N MET G 47 -1.31 33.89 11.93
CA MET G 47 -1.16 34.55 10.64
C MET G 47 -2.23 35.62 10.45
N HIS G 48 -2.39 36.49 11.46
CA HIS G 48 -3.30 37.63 11.36
C HIS G 48 -2.63 38.69 10.47
N ASN G 49 -2.67 38.43 9.16
CA ASN G 49 -1.96 39.24 8.16
C ASN G 49 -3.00 40.08 7.41
N GLN G 50 -3.28 41.27 7.95
CA GLN G 50 -4.03 42.34 7.28
C GLN G 50 -5.47 41.95 6.98
N ASP G 51 -5.86 40.73 7.34
CA ASP G 51 -7.20 40.16 7.19
C ASP G 51 -7.61 39.99 5.73
N GLY G 52 -6.81 40.44 4.78
CA GLY G 52 -7.15 40.29 3.37
C GLY G 52 -6.55 39.05 2.78
N LEU G 53 -5.39 38.64 3.31
CA LEU G 53 -4.74 37.41 2.88
C LEU G 53 -5.41 36.16 3.43
N ILE G 54 -6.26 36.29 4.44
CA ILE G 54 -6.91 35.16 5.09
C ILE G 54 -8.30 34.92 4.52
N CYS G 55 -9.12 35.96 4.41
CA CYS G 55 -10.46 35.79 3.85
C CYS G 55 -10.40 35.44 2.37
N GLY G 56 -9.40 35.95 1.65
CA GLY G 56 -9.19 35.53 0.27
C GLY G 56 -8.60 34.16 0.13
N LEU G 57 -7.93 33.66 1.17
CA LEU G 57 -7.43 32.29 1.15
C LEU G 57 -8.55 31.28 1.40
N ARG G 58 -9.50 31.62 2.28
CA ARG G 58 -10.64 30.75 2.52
C ARG G 58 -11.58 30.69 1.32
N GLN G 59 -11.53 31.67 0.43
CA GLN G 59 -12.28 31.63 -0.81
C GLN G 59 -11.51 30.94 -1.92
N LEU G 60 -10.18 31.08 -1.94
CA LEU G 60 -9.37 30.34 -2.91
C LEU G 60 -9.48 28.84 -2.67
N ALA G 61 -9.48 28.41 -1.41
CA ALA G 61 -9.65 27.01 -1.11
C ALA G 61 -11.03 26.51 -1.53
N ASN G 62 -12.05 27.35 -1.38
CA ASN G 62 -13.39 26.98 -1.79
C ASN G 62 -13.46 26.74 -3.30
N GLU G 63 -12.84 27.62 -4.08
CA GLU G 63 -12.86 27.47 -5.54
C GLU G 63 -11.93 26.34 -6.00
N THR G 64 -10.83 26.10 -5.27
CA THR G 64 -9.92 25.04 -5.65
C THR G 64 -10.56 23.66 -5.53
N THR G 65 -11.57 23.53 -4.65
CA THR G 65 -12.16 22.22 -4.40
C THR G 65 -12.81 21.64 -5.65
N GLN G 66 -13.50 22.47 -6.43
CA GLN G 66 -14.18 21.97 -7.62
C GLN G 66 -13.19 21.36 -8.62
N ALA G 67 -12.06 22.03 -8.83
CA ALA G 67 -11.06 21.50 -9.74
C ALA G 67 -10.26 20.36 -9.11
N LEU G 68 -9.99 20.46 -7.81
CA LEU G 68 -9.21 19.42 -7.14
C LEU G 68 -9.97 18.11 -7.10
N GLN G 69 -11.28 18.15 -6.87
CA GLN G 69 -12.08 16.92 -6.87
C GLN G 69 -12.06 16.26 -8.23
N LEU G 70 -12.17 17.05 -9.31
CA LEU G 70 -12.07 16.49 -10.65
C LEU G 70 -10.69 15.90 -10.91
N PHE G 71 -9.64 16.58 -10.45
CA PHE G 71 -8.28 16.08 -10.64
C PHE G 71 -8.08 14.75 -9.92
N LEU G 72 -8.56 14.65 -8.68
CA LEU G 72 -8.39 13.41 -7.93
C LEU G 72 -9.21 12.28 -8.56
N ARG G 73 -10.39 12.60 -9.10
CA ARG G 73 -11.21 11.58 -9.72
C ARG G 73 -10.53 10.99 -10.96
N ALA G 74 -9.85 11.84 -11.73
CA ALA G 74 -9.14 11.36 -12.91
C ALA G 74 -7.96 10.48 -12.51
N THR G 75 -7.23 10.84 -11.45
CA THR G 75 -6.07 10.08 -11.04
C THR G 75 -6.48 8.72 -10.50
N THR G 76 -5.65 7.71 -10.79
CA THR G 76 -5.90 6.35 -10.35
C THR G 76 -5.06 5.96 -9.13
N GLU G 77 -4.38 6.92 -8.51
CA GLU G 77 -3.54 6.66 -7.35
C GLU G 77 -4.32 6.95 -6.07
N LEU G 78 -4.12 6.10 -5.06
CA LEU G 78 -4.82 6.28 -3.79
C LEU G 78 -4.41 7.59 -3.12
N ARG G 79 -3.13 7.91 -3.14
CA ARG G 79 -2.61 9.13 -2.55
C ARG G 79 -1.88 9.94 -3.60
N THR G 80 -2.09 11.26 -3.60
CA THR G 80 -1.45 12.16 -4.54
C THR G 80 -0.52 13.09 -3.77
N PHE G 81 0.75 13.12 -4.16
CA PHE G 81 1.74 13.99 -3.54
C PHE G 81 2.42 14.92 -4.52
N SER G 82 2.13 14.81 -5.82
CA SER G 82 2.85 15.54 -6.85
C SER G 82 2.06 16.71 -7.41
N ILE G 83 1.04 17.18 -6.69
CA ILE G 83 0.25 18.32 -7.17
C ILE G 83 1.13 19.57 -7.26
N LEU G 84 1.94 19.81 -6.23
CA LEU G 84 2.87 20.93 -6.27
C LEU G 84 3.94 20.73 -7.33
N ASN G 85 4.44 19.51 -7.48
CA ASN G 85 5.44 19.23 -8.50
C ASN G 85 4.89 19.47 -9.90
N ARG G 86 3.66 19.02 -10.15
CA ARG G 86 3.03 19.26 -11.44
C ARG G 86 2.78 20.75 -11.66
N LYS G 87 2.38 21.47 -10.61
CA LYS G 87 2.18 22.91 -10.74
C LYS G 87 3.48 23.63 -11.06
N ALA G 88 4.58 23.20 -10.44
CA ALA G 88 5.88 23.78 -10.77
C ALA G 88 6.26 23.48 -12.21
N ILE G 89 6.00 22.25 -12.67
CA ILE G 89 6.30 21.91 -14.05
C ILE G 89 5.44 22.71 -15.01
N ASP G 90 4.14 22.83 -14.72
CA ASP G 90 3.25 23.58 -15.60
C ASP G 90 3.65 25.06 -15.64
N PHE G 91 4.00 25.63 -14.48
CA PHE G 91 4.46 27.02 -14.45
C PHE G 91 5.76 27.19 -15.24
N LEU G 92 6.69 26.25 -15.09
CA LEU G 92 7.99 26.38 -15.74
C LEU G 92 7.92 26.05 -17.23
N LEU G 93 7.09 25.09 -17.62
CA LEU G 93 6.95 24.78 -19.04
C LEU G 93 6.37 25.96 -19.80
N GLN G 94 5.37 26.64 -19.24
CA GLN G 94 4.78 27.78 -19.93
C GLN G 94 5.69 28.99 -19.91
N ARG G 95 6.46 29.18 -18.82
CA ARG G 95 7.40 30.29 -18.76
C ARG G 95 8.49 30.15 -19.82
N TRP G 96 9.02 28.93 -19.99
CA TRP G 96 10.13 28.68 -20.91
C TRP G 96 11.32 29.60 -20.60
N GLY G 97 11.60 29.76 -19.31
CA GLY G 97 12.69 30.62 -18.87
C GLY G 97 12.56 31.04 -17.43
N GLN H 1 -23.49 40.91 -2.54
CA GLN H 1 -24.40 40.19 -3.41
C GLN H 1 -23.86 40.15 -4.83
N VAL H 2 -24.38 39.22 -5.63
CA VAL H 2 -23.94 39.05 -7.02
C VAL H 2 -24.89 39.83 -7.93
N GLN H 3 -24.33 40.72 -8.73
CA GLN H 3 -25.08 41.54 -9.67
C GLN H 3 -24.50 41.36 -11.07
N LEU H 4 -25.28 40.77 -11.97
CA LEU H 4 -24.88 40.60 -13.37
C LEU H 4 -25.56 41.69 -14.19
N GLN H 5 -24.92 42.85 -14.30
CA GLN H 5 -25.47 43.96 -15.06
C GLN H 5 -25.22 43.72 -16.55
N GLN H 6 -26.30 43.68 -17.32
CA GLN H 6 -26.24 43.41 -18.74
C GLN H 6 -26.35 44.70 -19.54
N SER H 7 -25.95 44.62 -20.81
CA SER H 7 -25.93 45.80 -21.67
C SER H 7 -27.35 46.23 -22.01
N GLY H 8 -27.45 47.40 -22.65
CA GLY H 8 -28.75 47.96 -22.99
C GLY H 8 -29.35 47.31 -24.23
N THR H 9 -30.54 47.79 -24.57
CA THR H 9 -31.29 47.25 -25.69
C THR H 9 -30.58 47.57 -27.00
N GLU H 10 -31.03 46.92 -28.08
CA GLU H 10 -30.40 47.09 -29.38
C GLU H 10 -31.46 46.95 -30.47
N LEU H 11 -31.17 47.56 -31.62
CA LEU H 11 -32.06 47.55 -32.77
C LEU H 11 -31.30 47.33 -34.07
N VAL H 12 -30.18 46.59 -34.00
CA VAL H 12 -29.33 46.40 -35.17
C VAL H 12 -30.12 45.81 -36.32
N LYS H 13 -29.78 46.21 -37.54
CA LYS H 13 -30.45 45.75 -38.73
C LYS H 13 -30.04 44.31 -39.05
N PRO H 14 -30.86 43.57 -39.80
CA PRO H 14 -30.50 42.19 -40.14
C PRO H 14 -29.21 42.14 -40.95
N GLY H 15 -28.46 41.05 -40.74
CA GLY H 15 -27.22 40.82 -41.43
C GLY H 15 -25.98 41.41 -40.77
N ALA H 16 -26.14 42.36 -39.86
CA ALA H 16 -25.00 42.94 -39.14
C ALA H 16 -24.65 42.05 -37.95
N SER H 17 -23.75 42.52 -37.09
CA SER H 17 -23.32 41.78 -35.92
C SER H 17 -23.38 42.68 -34.70
N VAL H 18 -23.88 42.14 -33.59
CA VAL H 18 -24.03 42.87 -32.35
C VAL H 18 -23.30 42.12 -31.24
N LYS H 19 -22.58 42.87 -30.40
CA LYS H 19 -21.82 42.31 -29.29
C LYS H 19 -22.45 42.78 -28.00
N LEU H 20 -23.11 41.86 -27.28
CA LEU H 20 -23.81 42.16 -26.04
C LEU H 20 -22.89 41.83 -24.87
N SER H 21 -22.44 42.85 -24.16
CA SER H 21 -21.52 42.69 -23.04
C SER H 21 -22.29 42.77 -21.73
N CYS H 22 -22.19 41.72 -20.92
CA CYS H 22 -22.87 41.64 -19.64
C CYS H 22 -21.83 41.68 -18.53
N LYS H 23 -21.82 42.78 -17.77
CA LYS H 23 -20.84 42.95 -16.70
C LYS H 23 -21.22 42.14 -15.48
N ALA H 24 -20.22 41.54 -14.84
CA ALA H 24 -20.41 40.73 -13.65
C ALA H 24 -19.64 41.32 -12.48
N SER H 25 -20.27 41.36 -11.31
CA SER H 25 -19.67 41.95 -10.12
C SER H 25 -20.15 41.19 -8.89
N GLY H 26 -19.42 41.38 -7.79
CA GLY H 26 -19.76 40.76 -6.53
C GLY H 26 -19.22 39.36 -6.33
N TYR H 27 -18.43 38.84 -7.27
CA TYR H 27 -17.87 37.51 -7.14
C TYR H 27 -16.63 37.41 -8.01
N THR H 28 -15.83 36.37 -7.77
CA THR H 28 -14.65 36.12 -8.58
C THR H 28 -15.09 35.68 -9.96
N PHE H 29 -14.85 36.54 -10.96
CA PHE H 29 -15.38 36.29 -12.30
C PHE H 29 -14.81 35.02 -12.91
N THR H 30 -13.51 34.78 -12.72
CA THR H 30 -12.87 33.62 -13.32
C THR H 30 -13.31 32.31 -12.69
N SER H 31 -13.83 32.33 -11.47
CA SER H 31 -14.16 31.10 -10.77
C SER H 31 -15.42 30.44 -11.32
N TYR H 32 -16.44 31.22 -11.66
CA TYR H 32 -17.73 30.69 -12.09
C TYR H 32 -17.90 30.84 -13.59
N TRP H 33 -18.48 29.81 -14.21
CA TRP H 33 -18.79 29.87 -15.63
C TRP H 33 -19.90 30.89 -15.90
N MET H 34 -19.91 31.40 -17.12
CA MET H 34 -20.93 32.35 -17.57
C MET H 34 -21.77 31.70 -18.66
N HIS H 35 -23.09 31.75 -18.50
CA HIS H 35 -24.03 31.13 -19.42
C HIS H 35 -24.97 32.18 -19.99
N TRP H 36 -25.30 32.05 -21.28
CA TRP H 36 -26.18 32.97 -21.97
C TRP H 36 -27.45 32.24 -22.39
N VAL H 37 -28.61 32.85 -22.11
CA VAL H 37 -29.90 32.27 -22.39
C VAL H 37 -30.71 33.24 -23.24
N LYS H 38 -31.32 32.75 -24.31
CA LYS H 38 -32.17 33.53 -25.18
C LYS H 38 -33.63 33.17 -24.93
N GLN H 39 -34.47 34.18 -24.75
CA GLN H 39 -35.90 33.98 -24.54
C GLN H 39 -36.66 34.63 -25.69
N ARG H 40 -37.26 33.80 -26.55
CA ARG H 40 -38.16 34.30 -27.56
C ARG H 40 -39.44 34.81 -26.91
N PRO H 41 -40.11 35.80 -27.52
CA PRO H 41 -41.33 36.35 -26.91
C PRO H 41 -42.43 35.32 -26.73
N GLY H 42 -42.78 35.04 -25.48
CA GLY H 42 -43.84 34.09 -25.18
C GLY H 42 -43.56 32.68 -25.63
N GLN H 43 -42.30 32.26 -25.62
CA GLN H 43 -41.93 30.90 -26.02
C GLN H 43 -41.24 30.12 -24.92
N GLY H 44 -40.18 30.66 -24.34
CA GLY H 44 -39.46 29.98 -23.29
C GLY H 44 -37.99 30.35 -23.33
N LEU H 45 -37.22 29.70 -22.47
CA LEU H 45 -35.79 29.94 -22.33
C LEU H 45 -35.01 28.96 -23.18
N GLU H 46 -34.11 29.48 -24.01
CA GLU H 46 -33.24 28.67 -24.86
C GLU H 46 -31.79 28.91 -24.45
N TRP H 47 -31.11 27.83 -24.08
CA TRP H 47 -29.70 27.93 -23.70
C TRP H 47 -28.83 28.10 -24.94
N ILE H 48 -28.00 29.14 -24.93
CA ILE H 48 -27.17 29.46 -26.08
C ILE H 48 -25.81 28.78 -25.95
N GLY H 49 -25.07 29.13 -24.90
CA GLY H 49 -23.74 28.58 -24.73
C GLY H 49 -23.15 29.00 -23.40
N GLU H 50 -21.95 28.48 -23.13
CA GLU H 50 -21.24 28.73 -21.89
C GLU H 50 -19.80 29.10 -22.19
N ILE H 51 -19.24 29.97 -21.34
CA ILE H 51 -17.86 30.41 -21.46
C ILE H 51 -17.22 30.34 -20.08
N ASN H 52 -16.00 29.79 -20.01
CA ASN H 52 -15.28 29.68 -18.76
C ASN H 52 -14.21 30.75 -18.70
N PRO H 53 -14.36 31.78 -17.88
CA PRO H 53 -13.32 32.82 -17.81
C PRO H 53 -11.97 32.30 -17.34
N ARG H 54 -11.94 31.23 -16.55
CA ARG H 54 -10.69 30.71 -16.01
C ARG H 54 -9.76 30.23 -17.12
N ASN H 55 -10.31 29.48 -18.08
CA ASN H 55 -9.49 28.87 -19.12
C ASN H 55 -9.83 29.36 -20.52
N GLY H 56 -10.93 30.09 -20.69
CA GLY H 56 -11.36 30.51 -22.00
C GLY H 56 -12.11 29.48 -22.80
N ARG H 57 -12.32 28.28 -22.24
CA ARG H 57 -13.06 27.25 -22.94
C ARG H 57 -14.52 27.64 -23.08
N THR H 58 -15.07 27.43 -24.27
CA THR H 58 -16.45 27.78 -24.57
C THR H 58 -17.15 26.63 -25.27
N ASP H 59 -18.43 26.44 -24.95
CA ASP H 59 -19.25 25.41 -25.56
C ASP H 59 -20.59 26.02 -25.93
N PHE H 60 -21.15 25.57 -27.07
CA PHE H 60 -22.40 26.09 -27.58
C PHE H 60 -23.36 24.95 -27.89
N SER H 61 -24.64 25.29 -28.01
CA SER H 61 -25.61 24.35 -28.50
C SER H 61 -25.37 24.08 -29.98
N GLU H 62 -25.85 22.92 -30.44
CA GLU H 62 -25.65 22.54 -31.84
C GLU H 62 -26.25 23.57 -32.80
N LYS H 63 -27.41 24.13 -32.43
CA LYS H 63 -28.01 25.18 -33.26
C LYS H 63 -27.22 26.48 -33.17
N PHE H 64 -26.60 26.76 -32.02
CA PHE H 64 -25.89 28.01 -31.78
C PHE H 64 -24.37 27.86 -31.91
N LYS H 65 -23.89 26.77 -32.53
CA LYS H 65 -22.46 26.57 -32.65
C LYS H 65 -21.80 27.68 -33.46
N SER H 66 -22.42 28.05 -34.59
CA SER H 66 -21.87 29.08 -35.46
C SER H 66 -22.50 30.45 -35.26
N LYS H 67 -23.75 30.50 -34.77
CA LYS H 67 -24.43 31.79 -34.63
C LYS H 67 -23.78 32.67 -33.57
N ALA H 68 -23.36 32.07 -32.45
CA ALA H 68 -22.88 32.83 -31.30
C ALA H 68 -21.40 32.56 -31.05
N THR H 69 -20.69 33.61 -30.67
CA THR H 69 -19.28 33.52 -30.27
C THR H 69 -19.14 34.15 -28.89
N LEU H 70 -18.47 33.44 -27.99
CA LEU H 70 -18.34 33.85 -26.60
C LEU H 70 -16.89 34.23 -26.28
N THR H 71 -16.70 35.42 -25.76
CA THR H 71 -15.40 35.89 -25.30
C THR H 71 -15.57 36.62 -23.97
N VAL H 72 -14.53 36.57 -23.13
CA VAL H 72 -14.54 37.24 -21.84
C VAL H 72 -13.20 37.92 -21.64
N ASP H 73 -13.19 38.92 -20.75
CA ASP H 73 -11.98 39.63 -20.36
C ASP H 73 -11.84 39.56 -18.85
N THR H 74 -10.69 39.05 -18.39
CA THR H 74 -10.49 38.90 -16.95
C THR H 74 -10.41 40.25 -16.24
N SER H 75 -9.67 41.21 -16.82
CA SER H 75 -9.52 42.51 -16.17
C SER H 75 -10.83 43.26 -16.09
N SER H 76 -11.61 43.25 -17.17
CA SER H 76 -12.89 43.96 -17.19
C SER H 76 -13.98 43.23 -16.41
N SER H 77 -13.83 41.92 -16.20
CA SER H 77 -14.84 41.09 -15.54
C SER H 77 -16.19 41.22 -16.24
N THR H 78 -16.15 41.27 -17.56
CA THR H 78 -17.35 41.42 -18.38
C THR H 78 -17.39 40.32 -19.43
N ALA H 79 -18.55 39.73 -19.63
CA ALA H 79 -18.76 38.69 -20.62
C ALA H 79 -19.56 39.26 -21.78
N PHE H 80 -18.99 39.16 -22.99
CA PHE H 80 -19.62 39.68 -24.19
C PHE H 80 -19.82 38.55 -25.20
N ILE H 81 -20.99 38.53 -25.83
CA ILE H 81 -21.35 37.54 -26.84
C ILE H 81 -21.58 38.26 -28.15
N GLN H 82 -20.96 37.76 -29.22
CA GLN H 82 -21.08 38.35 -30.55
C GLN H 82 -21.88 37.39 -31.44
N LEU H 83 -22.95 37.89 -32.04
CA LEU H 83 -23.81 37.10 -32.89
C LEU H 83 -23.56 37.42 -34.36
N SER H 84 -23.78 36.44 -35.22
CA SER H 84 -23.54 36.58 -36.65
C SER H 84 -24.77 36.09 -37.42
N SER H 85 -24.98 36.69 -38.60
CA SER H 85 -26.10 36.34 -39.48
C SER H 85 -27.43 36.49 -38.75
N LEU H 86 -27.63 37.66 -38.14
CA LEU H 86 -28.87 37.91 -37.41
C LEU H 86 -30.05 38.00 -38.37
N THR H 87 -31.17 37.44 -37.95
CA THR H 87 -32.42 37.47 -38.71
C THR H 87 -33.53 38.06 -37.84
N SER H 88 -34.75 38.05 -38.38
CA SER H 88 -35.89 38.55 -37.61
C SER H 88 -36.16 37.68 -36.39
N GLU H 89 -36.09 36.36 -36.55
CA GLU H 89 -36.34 35.46 -35.43
C GLU H 89 -35.20 35.45 -34.43
N ASP H 90 -33.98 35.84 -34.84
CA ASP H 90 -32.87 35.93 -33.91
C ASP H 90 -33.04 37.07 -32.91
N SER H 91 -33.91 38.03 -33.21
CA SER H 91 -34.16 39.14 -32.30
C SER H 91 -35.02 38.67 -31.14
N ALA H 92 -34.47 38.73 -29.94
CA ALA H 92 -35.17 38.28 -28.73
C ALA H 92 -34.49 38.91 -27.52
N VAL H 93 -34.86 38.45 -26.33
CA VAL H 93 -34.30 38.94 -25.08
C VAL H 93 -33.22 37.97 -24.63
N TYR H 94 -32.03 38.50 -24.36
CA TYR H 94 -30.87 37.71 -23.99
C TYR H 94 -30.55 37.91 -22.52
N TYR H 95 -30.36 36.81 -21.79
CA TYR H 95 -30.04 36.84 -20.37
C TYR H 95 -28.69 36.19 -20.14
N CYS H 96 -27.88 36.82 -19.29
CA CYS H 96 -26.63 36.25 -18.81
C CYS H 96 -26.84 35.72 -17.40
N ALA H 97 -26.55 34.45 -17.20
CA ALA H 97 -26.74 33.79 -15.91
C ALA H 97 -25.41 33.23 -15.43
N ARG H 98 -25.09 33.47 -14.17
CA ARG H 98 -23.84 32.96 -13.60
C ARG H 98 -24.01 31.50 -13.20
N TRP H 99 -23.15 30.64 -13.74
CA TRP H 99 -23.19 29.23 -13.37
C TRP H 99 -22.72 29.07 -11.93
N GLY H 100 -23.58 28.52 -11.09
CA GLY H 100 -23.30 28.44 -9.68
C GLY H 100 -22.19 27.46 -9.36
N TYR H 101 -21.83 27.45 -8.06
CA TYR H 101 -20.78 26.55 -7.60
C TYR H 101 -21.18 25.09 -7.79
N TYR H 102 -22.47 24.78 -7.70
CA TYR H 102 -22.98 23.44 -7.90
C TYR H 102 -23.72 23.27 -9.23
N GLY H 103 -23.64 24.26 -10.11
CA GLY H 103 -24.26 24.17 -11.41
C GLY H 103 -25.61 24.83 -11.56
N SER H 104 -26.02 25.67 -10.63
CA SER H 104 -27.30 26.34 -10.69
C SER H 104 -27.10 27.79 -11.12
N SER H 105 -27.79 28.20 -12.20
CA SER H 105 -27.73 29.56 -12.68
C SER H 105 -28.57 30.43 -11.75
N ASP H 106 -28.00 30.69 -10.57
CA ASP H 106 -28.75 31.37 -9.52
C ASP H 106 -28.98 32.84 -9.83
N TYR H 107 -27.95 33.54 -10.29
CA TYR H 107 -28.02 34.97 -10.54
C TYR H 107 -28.09 35.22 -12.05
N TRP H 108 -29.12 35.94 -12.47
CA TRP H 108 -29.36 36.26 -13.86
C TRP H 108 -29.13 37.75 -14.11
N GLY H 109 -29.20 38.14 -15.38
CA GLY H 109 -29.04 39.53 -15.75
C GLY H 109 -30.34 40.18 -16.20
N GLN H 110 -30.36 41.50 -16.24
CA GLN H 110 -31.55 42.21 -16.70
C GLN H 110 -31.78 41.93 -18.18
N GLY H 111 -33.06 41.85 -18.56
CA GLY H 111 -33.42 41.54 -19.92
C GLY H 111 -32.88 42.52 -20.95
N THR H 112 -32.20 42.00 -21.96
CA THR H 112 -31.63 42.81 -23.03
C THR H 112 -32.34 42.44 -24.34
N ALA H 113 -33.18 43.35 -24.83
CA ALA H 113 -33.90 43.11 -26.07
C ALA H 113 -32.98 43.28 -27.27
N LEU H 114 -33.34 42.60 -28.36
CA LEU H 114 -32.58 42.69 -29.60
C LEU H 114 -33.49 42.61 -30.81
N ALA H 137 -30.37 11.95 -27.50
CA ALA H 137 -28.99 11.67 -27.86
C ALA H 137 -28.06 11.93 -26.68
N SER H 138 -26.88 12.48 -26.98
CA SER H 138 -25.92 12.79 -25.92
C SER H 138 -26.47 13.84 -24.96
N ASP H 139 -27.12 14.87 -25.49
CA ASP H 139 -27.67 15.92 -24.65
C ASP H 139 -28.85 15.42 -23.84
N ILE H 140 -28.94 15.87 -22.60
CA ILE H 140 -30.06 15.51 -21.73
C ILE H 140 -31.25 16.40 -22.05
N VAL H 141 -32.39 15.77 -22.31
CA VAL H 141 -33.62 16.47 -22.65
C VAL H 141 -34.55 16.41 -21.45
N VAL H 142 -34.92 17.60 -20.94
CA VAL H 142 -35.82 17.72 -19.80
C VAL H 142 -37.14 18.28 -20.32
N THR H 143 -38.23 17.56 -20.09
CA THR H 143 -39.55 17.95 -20.56
C THR H 143 -40.53 17.92 -19.40
N GLN H 144 -41.34 18.97 -19.28
CA GLN H 144 -42.35 19.06 -18.24
C GLN H 144 -43.66 18.45 -18.72
N SER H 145 -44.44 17.95 -17.77
CA SER H 145 -45.63 17.17 -18.11
C SER H 145 -46.69 18.02 -18.80
N HIS H 146 -47.02 19.17 -18.22
CA HIS H 146 -48.07 20.03 -18.76
C HIS H 146 -47.54 21.45 -18.91
N LYS H 147 -47.74 22.03 -20.10
CA LYS H 147 -47.31 23.40 -20.35
C LYS H 147 -48.25 24.43 -19.75
N PHE H 148 -49.55 24.13 -19.69
CA PHE H 148 -50.55 25.14 -19.32
C PHE H 148 -51.34 24.73 -18.09
N MET H 149 -50.67 24.30 -17.03
CA MET H 149 -51.36 23.95 -15.79
C MET H 149 -52.16 25.15 -15.27
N SER H 150 -53.42 24.91 -14.92
CA SER H 150 -54.32 25.95 -14.44
C SER H 150 -54.90 25.53 -13.10
N THR H 151 -54.96 26.47 -12.17
CA THR H 151 -55.50 26.19 -10.84
C THR H 151 -55.94 27.50 -10.21
N SER H 152 -56.76 27.37 -9.17
CA SER H 152 -57.24 28.52 -8.42
C SER H 152 -56.33 28.80 -7.22
N VAL H 153 -56.55 29.95 -6.58
CA VAL H 153 -55.74 30.34 -5.44
C VAL H 153 -56.06 29.44 -4.25
N GLY H 154 -55.01 29.03 -3.53
CA GLY H 154 -55.14 28.19 -2.37
C GLY H 154 -54.99 26.71 -2.63
N ASP H 155 -55.08 26.28 -3.88
CA ASP H 155 -54.95 24.87 -4.22
C ASP H 155 -53.47 24.48 -4.31
N ARG H 156 -53.23 23.17 -4.31
CA ARG H 156 -51.89 22.62 -4.38
C ARG H 156 -51.69 21.91 -5.71
N VAL H 157 -50.63 22.28 -6.43
CA VAL H 157 -50.31 21.69 -7.72
C VAL H 157 -48.86 21.23 -7.71
N SER H 158 -48.57 20.26 -8.58
CA SER H 158 -47.25 19.69 -8.71
C SER H 158 -46.80 19.79 -10.16
N ILE H 159 -45.56 20.24 -10.37
CA ILE H 159 -44.95 20.33 -11.69
C ILE H 159 -43.90 19.22 -11.78
N THR H 160 -44.06 18.34 -12.76
CA THR H 160 -43.21 17.17 -12.91
C THR H 160 -42.23 17.39 -14.06
N CYS H 161 -40.95 17.15 -13.82
CA CYS H 161 -39.90 17.25 -14.83
C CYS H 161 -39.30 15.87 -15.06
N LYS H 162 -39.23 15.46 -16.32
CA LYS H 162 -38.72 14.15 -16.70
C LYS H 162 -37.36 14.30 -17.35
N ALA H 163 -36.43 13.43 -16.97
CA ALA H 163 -35.08 13.42 -17.50
C ALA H 163 -34.86 12.17 -18.34
N SER H 164 -34.23 12.35 -19.50
CA SER H 164 -34.00 11.23 -20.41
C SER H 164 -33.08 10.18 -19.78
N GLN H 165 -32.01 10.61 -19.12
CA GLN H 165 -31.08 9.72 -18.48
C GLN H 165 -31.13 9.89 -16.97
N ASP H 166 -30.52 8.93 -16.27
CA ASP H 166 -30.52 8.94 -14.80
C ASP H 166 -29.56 10.02 -14.31
N VAL H 167 -30.10 11.19 -14.02
CA VAL H 167 -29.32 12.29 -13.47
C VAL H 167 -29.50 12.29 -11.95
N SER H 168 -28.52 12.84 -11.26
CA SER H 168 -28.57 12.92 -9.81
C SER H 168 -29.66 13.89 -9.37
N VAL H 169 -29.74 14.12 -8.06
CA VAL H 169 -30.72 15.02 -7.48
C VAL H 169 -30.59 16.44 -8.01
N ALA H 170 -29.55 16.74 -8.78
CA ALA H 170 -29.29 18.09 -9.27
C ALA H 170 -30.32 18.48 -10.32
N VAL H 171 -31.32 19.26 -9.91
CA VAL H 171 -32.31 19.83 -10.82
C VAL H 171 -32.58 21.25 -10.37
N ALA H 172 -32.69 22.16 -11.34
CA ALA H 172 -32.91 23.57 -11.07
C ALA H 172 -34.29 23.99 -11.54
N TRP H 173 -34.99 24.75 -10.69
CA TRP H 173 -36.32 25.25 -10.98
C TRP H 173 -36.30 26.77 -10.96
N TYR H 174 -36.79 27.38 -12.05
CA TYR H 174 -36.82 28.83 -12.19
C TYR H 174 -38.23 29.29 -12.48
N GLN H 175 -38.61 30.42 -11.90
CA GLN H 175 -39.84 31.11 -12.24
C GLN H 175 -39.52 32.42 -12.93
N GLN H 176 -40.29 32.74 -13.98
CA GLN H 176 -40.07 33.95 -14.77
C GLN H 176 -41.40 34.68 -14.92
N LYS H 177 -41.67 35.59 -13.99
CA LYS H 177 -42.83 36.47 -14.11
C LYS H 177 -42.64 37.40 -15.31
N THR H 178 -43.77 37.77 -15.92
CA THR H 178 -43.72 38.60 -17.12
C THR H 178 -43.01 39.92 -16.84
N GLY H 179 -42.06 40.27 -17.70
CA GLY H 179 -41.32 41.51 -17.56
C GLY H 179 -40.15 41.45 -16.61
N GLN H 180 -39.81 40.27 -16.08
CA GLN H 180 -38.71 40.12 -15.14
C GLN H 180 -37.84 38.95 -15.53
N SER H 181 -36.57 39.02 -15.14
CA SER H 181 -35.63 37.95 -15.42
C SER H 181 -35.98 36.70 -14.60
N PRO H 182 -35.62 35.52 -15.09
CA PRO H 182 -35.91 34.30 -14.32
C PRO H 182 -35.20 34.29 -12.98
N LYS H 183 -35.87 33.74 -11.97
CA LYS H 183 -35.34 33.66 -10.61
C LYS H 183 -35.28 32.21 -10.20
N LEU H 184 -34.10 31.78 -9.74
CA LEU H 184 -33.93 30.41 -9.26
C LEU H 184 -34.65 30.22 -7.93
N LEU H 185 -35.38 29.11 -7.81
CA LEU H 185 -36.10 28.77 -6.59
C LEU H 185 -35.50 27.58 -5.87
N ILE H 186 -35.34 26.45 -6.57
CA ILE H 186 -34.75 25.24 -6.01
C ILE H 186 -33.56 24.86 -6.88
N TYR H 187 -32.36 24.86 -6.29
CA TYR H 187 -31.14 24.59 -7.04
C TYR H 187 -30.73 23.13 -6.98
N SER H 188 -31.52 22.27 -6.37
CA SER H 188 -31.28 20.83 -6.37
C SER H 188 -32.65 20.16 -6.31
N ALA H 189 -32.67 18.87 -5.93
CA ALA H 189 -33.95 18.19 -5.78
C ALA H 189 -34.81 18.85 -4.72
N SER H 190 -34.21 19.24 -3.60
CA SER H 190 -34.95 19.87 -2.51
C SER H 190 -34.25 21.07 -1.91
N TYR H 191 -33.05 21.43 -2.39
CA TYR H 191 -32.30 22.54 -1.80
C TYR H 191 -32.96 23.85 -2.21
N ARG H 192 -33.60 24.52 -1.26
CA ARG H 192 -34.36 25.72 -1.52
C ARG H 192 -33.50 26.96 -1.36
N ILE H 193 -33.59 27.86 -2.35
CA ILE H 193 -32.86 29.12 -2.29
C ILE H 193 -33.40 29.97 -1.15
N THR H 194 -32.50 30.59 -0.39
CA THR H 194 -32.91 31.46 0.70
C THR H 194 -33.67 32.67 0.15
N GLY H 195 -34.68 33.11 0.91
CA GLY H 195 -35.54 34.18 0.50
C GLY H 195 -36.74 33.75 -0.31
N VAL H 196 -36.70 32.56 -0.90
CA VAL H 196 -37.87 32.02 -1.60
C VAL H 196 -38.93 31.64 -0.58
N PRO H 197 -40.21 31.95 -0.82
CA PRO H 197 -41.25 31.57 0.14
C PRO H 197 -41.29 30.07 0.34
N ASP H 198 -41.59 29.66 1.58
CA ASP H 198 -41.62 28.25 1.94
C ASP H 198 -42.71 27.48 1.22
N ARG H 199 -43.67 28.17 0.61
CA ARG H 199 -44.72 27.48 -0.14
C ARG H 199 -44.17 26.73 -1.35
N PHE H 200 -43.03 27.19 -1.88
CA PHE H 200 -42.39 26.53 -3.01
C PHE H 200 -41.54 25.38 -2.49
N THR H 201 -42.07 24.16 -2.54
CA THR H 201 -41.38 22.98 -2.07
C THR H 201 -41.18 22.02 -3.24
N GLY H 202 -39.95 21.59 -3.44
CA GLY H 202 -39.64 20.66 -4.51
C GLY H 202 -38.90 19.45 -3.99
N SER H 203 -39.15 18.31 -4.64
CA SER H 203 -38.51 17.06 -4.25
C SER H 203 -38.55 16.11 -5.43
N GLY H 204 -37.49 15.31 -5.58
CA GLY H 204 -37.41 14.35 -6.66
C GLY H 204 -36.12 13.58 -6.58
N SER H 205 -36.06 12.53 -7.38
CA SER H 205 -34.87 11.69 -7.45
C SER H 205 -34.88 10.92 -8.76
N GLY H 206 -33.70 10.45 -9.16
CA GLY H 206 -33.60 9.71 -10.41
C GLY H 206 -33.96 10.57 -11.60
N THR H 207 -34.86 10.06 -12.43
CA THR H 207 -35.31 10.76 -13.62
C THR H 207 -36.61 11.54 -13.41
N ASP H 208 -37.17 11.52 -12.21
CA ASP H 208 -38.43 12.18 -11.91
C ASP H 208 -38.21 13.23 -10.83
N PHE H 209 -38.62 14.46 -11.11
CA PHE H 209 -38.53 15.57 -10.16
C PHE H 209 -39.85 16.30 -10.12
N THR H 210 -40.31 16.64 -8.92
CA THR H 210 -41.59 17.29 -8.72
C THR H 210 -41.39 18.63 -8.04
N PHE H 211 -41.97 19.68 -8.62
CA PHE H 211 -41.99 21.01 -8.02
C PHE H 211 -43.43 21.31 -7.60
N THR H 212 -43.63 21.55 -6.30
CA THR H 212 -44.95 21.70 -5.73
C THR H 212 -45.09 23.05 -5.04
N ILE H 213 -46.30 23.59 -5.08
CA ILE H 213 -46.66 24.81 -4.37
C ILE H 213 -47.75 24.45 -3.37
N SER H 214 -47.48 24.70 -2.08
CA SER H 214 -48.45 24.34 -1.05
C SER H 214 -49.74 25.14 -1.21
N SER H 215 -49.63 26.43 -1.49
CA SER H 215 -50.80 27.30 -1.67
C SER H 215 -50.47 28.30 -2.77
N VAL H 216 -51.01 28.07 -3.96
CA VAL H 216 -50.77 28.96 -5.09
C VAL H 216 -51.44 30.31 -4.81
N GLN H 217 -50.68 31.38 -5.04
CA GLN H 217 -51.16 32.74 -4.81
C GLN H 217 -51.18 33.50 -6.13
N ALA H 218 -51.77 34.70 -6.09
CA ALA H 218 -51.85 35.53 -7.29
C ALA H 218 -50.49 36.00 -7.77
N GLU H 219 -49.48 36.01 -6.89
CA GLU H 219 -48.13 36.40 -7.26
C GLU H 219 -47.27 35.22 -7.69
N ASP H 220 -47.80 34.00 -7.64
CA ASP H 220 -47.04 32.81 -7.98
C ASP H 220 -47.34 32.29 -9.38
N MET H 221 -48.14 33.00 -10.17
CA MET H 221 -48.47 32.57 -11.52
C MET H 221 -47.42 33.10 -12.47
N ALA H 222 -46.60 32.19 -13.02
CA ALA H 222 -45.53 32.55 -13.93
C ALA H 222 -45.10 31.29 -14.67
N VAL H 223 -44.19 31.46 -15.62
CA VAL H 223 -43.67 30.33 -16.39
C VAL H 223 -42.54 29.70 -15.60
N TYR H 224 -42.67 28.41 -15.31
CA TYR H 224 -41.68 27.67 -14.54
C TYR H 224 -40.84 26.80 -15.47
N TYR H 225 -39.53 26.84 -15.26
CA TYR H 225 -38.57 26.13 -16.10
C TYR H 225 -37.81 25.10 -15.28
N CYS H 226 -37.48 23.99 -15.93
CA CYS H 226 -36.71 22.91 -15.33
C CYS H 226 -35.38 22.81 -16.03
N GLN H 227 -34.29 22.89 -15.27
CA GLN H 227 -32.94 22.77 -15.82
C GLN H 227 -32.18 21.69 -15.06
N GLN H 228 -31.56 20.78 -15.81
CA GLN H 228 -30.74 19.72 -15.25
C GLN H 228 -29.27 20.12 -15.33
N HIS H 229 -28.55 20.00 -14.22
CA HIS H 229 -27.13 20.31 -14.17
C HIS H 229 -26.38 19.13 -13.55
N TYR H 230 -26.04 18.14 -14.37
CA TYR H 230 -25.28 16.99 -13.90
C TYR H 230 -24.43 16.47 -15.07
N SER H 231 -23.18 16.94 -15.13
CA SER H 231 -22.18 16.44 -16.07
C SER H 231 -22.68 16.45 -17.52
N THR H 232 -23.49 17.43 -17.86
CA THR H 232 -24.03 17.56 -19.22
C THR H 232 -23.65 18.91 -19.80
N PRO H 233 -22.71 18.97 -20.73
CA PRO H 233 -22.28 20.27 -21.28
C PRO H 233 -23.45 21.08 -21.86
N PRO H 234 -24.44 20.44 -22.54
CA PRO H 234 -25.65 21.19 -22.91
C PRO H 234 -26.61 21.28 -21.73
N TRP H 235 -26.74 22.48 -21.18
CA TRP H 235 -27.65 22.71 -20.05
C TRP H 235 -28.99 23.25 -20.55
N THR H 236 -29.68 22.41 -21.32
CA THR H 236 -30.96 22.81 -21.90
C THR H 236 -32.02 22.96 -20.81
N PHE H 237 -32.83 24.00 -20.95
CA PHE H 237 -33.92 24.25 -20.01
C PHE H 237 -35.13 23.40 -20.37
N GLY H 238 -36.16 23.47 -19.53
CA GLY H 238 -37.40 22.78 -19.81
C GLY H 238 -38.31 23.56 -20.73
N GLY H 239 -39.40 22.90 -21.15
CA GLY H 239 -40.35 23.55 -22.03
C GLY H 239 -41.05 24.73 -21.38
N GLY H 240 -41.43 24.59 -20.11
CA GLY H 240 -42.11 25.64 -19.40
C GLY H 240 -43.43 25.21 -18.80
N THR H 241 -43.98 26.02 -17.89
CA THR H 241 -45.28 25.74 -17.30
C THR H 241 -45.87 27.06 -16.82
N LYS H 242 -46.90 27.53 -17.51
CA LYS H 242 -47.56 28.78 -17.18
C LYS H 242 -48.80 28.49 -16.33
N LEU H 243 -48.91 29.19 -15.20
CA LEU H 243 -50.05 29.02 -14.31
C LEU H 243 -51.08 30.12 -14.53
N VAL I 2 -17.25 -22.99 17.15
CA VAL I 2 -18.06 -21.83 17.51
C VAL I 2 -19.51 -22.23 17.67
N GLN I 3 -19.99 -22.21 18.91
CA GLN I 3 -21.37 -22.57 19.21
C GLN I 3 -21.84 -21.81 20.44
N LEU I 4 -23.15 -21.67 20.56
CA LEU I 4 -23.77 -20.99 21.69
C LEU I 4 -24.83 -21.90 22.30
N VAL I 5 -24.96 -21.82 23.61
CA VAL I 5 -25.93 -22.62 24.36
C VAL I 5 -26.70 -21.70 25.31
N GLU I 6 -27.98 -21.96 25.47
CA GLU I 6 -28.85 -21.20 26.35
C GLU I 6 -29.26 -22.05 27.54
N SER I 7 -29.33 -21.44 28.71
CA SER I 7 -29.69 -22.13 29.94
C SER I 7 -30.84 -21.40 30.62
N GLY I 8 -31.64 -22.16 31.36
CA GLY I 8 -32.79 -21.61 32.05
C GLY I 8 -34.08 -21.88 31.32
N GLY I 9 -35.09 -21.04 31.55
CA GLY I 9 -36.36 -21.19 30.86
C GLY I 9 -37.33 -22.15 31.50
N ASP I 10 -37.19 -22.42 32.79
CA ASP I 10 -38.15 -23.28 33.48
C ASP I 10 -39.51 -22.58 33.57
N LEU I 11 -40.52 -23.36 33.97
CA LEU I 11 -41.87 -22.82 34.10
C LEU I 11 -41.90 -21.74 35.18
N VAL I 12 -42.50 -20.60 34.83
CA VAL I 12 -42.57 -19.45 35.72
C VAL I 12 -44.01 -18.99 35.81
N GLN I 13 -44.45 -18.68 37.03
CA GLN I 13 -45.80 -18.14 37.23
C GLN I 13 -45.91 -16.76 36.58
N PRO I 14 -47.13 -16.33 36.26
CA PRO I 14 -47.30 -15.00 35.65
C PRO I 14 -46.72 -13.88 36.50
N GLY I 15 -46.70 -14.03 37.82
CA GLY I 15 -46.04 -13.07 38.68
C GLY I 15 -44.72 -13.61 39.20
N GLY I 16 -43.62 -13.12 38.63
CA GLY I 16 -42.31 -13.58 39.05
C GLY I 16 -41.24 -13.06 38.11
N SER I 17 -40.03 -13.60 38.29
CA SER I 17 -38.87 -13.21 37.50
C SER I 17 -38.15 -14.45 37.00
N LEU I 18 -37.49 -14.30 35.85
CA LEU I 18 -36.77 -15.40 35.22
C LEU I 18 -35.40 -14.91 34.77
N ARG I 19 -34.42 -15.81 34.82
CA ARG I 19 -33.05 -15.54 34.40
C ARG I 19 -32.68 -16.47 33.26
N LEU I 20 -32.17 -15.89 32.18
CA LEU I 20 -31.71 -16.64 31.01
C LEU I 20 -30.20 -16.47 30.86
N SER I 21 -29.50 -17.59 30.75
CA SER I 21 -28.04 -17.59 30.64
C SER I 21 -27.63 -18.09 29.26
N CYS I 22 -26.79 -17.31 28.58
CA CYS I 22 -26.25 -17.67 27.29
C CYS I 22 -24.74 -17.84 27.40
N ALA I 23 -24.24 -19.00 26.99
CA ALA I 23 -22.82 -19.30 27.04
C ALA I 23 -22.36 -19.75 25.66
N ALA I 24 -21.08 -19.50 25.36
CA ALA I 24 -20.52 -19.83 24.06
C ALA I 24 -19.12 -20.39 24.24
N SER I 25 -18.70 -21.20 23.26
CA SER I 25 -17.37 -21.80 23.23
C SER I 25 -16.73 -21.46 21.90
N GLY I 26 -15.55 -20.85 21.93
CA GLY I 26 -14.82 -20.46 20.74
C GLY I 26 -15.02 -19.02 20.33
N ILE I 27 -16.03 -18.34 20.88
CA ILE I 27 -16.29 -16.94 20.57
C ILE I 27 -16.53 -16.21 21.90
N THR I 28 -15.88 -15.06 22.06
CA THR I 28 -16.01 -14.26 23.27
C THR I 28 -17.22 -13.33 23.15
N LEU I 29 -18.12 -13.40 24.11
CA LEU I 29 -19.31 -12.56 24.08
C LEU I 29 -18.97 -11.09 24.25
N SER I 30 -17.90 -10.78 24.98
CA SER I 30 -17.52 -9.39 25.21
C SER I 30 -17.02 -8.71 23.95
N GLY I 31 -16.53 -9.47 22.97
CA GLY I 31 -16.00 -8.90 21.75
C GLY I 31 -16.99 -8.75 20.62
N VAL I 32 -18.21 -9.27 20.76
CA VAL I 32 -19.21 -9.22 19.70
C VAL I 32 -20.52 -8.73 20.30
N TRP I 33 -21.40 -8.27 19.43
CA TRP I 33 -22.72 -7.78 19.83
C TRP I 33 -23.69 -8.96 19.87
N MET I 34 -24.31 -9.16 21.02
CA MET I 34 -25.20 -10.30 21.24
C MET I 34 -26.65 -9.83 21.22
N ASN I 35 -27.47 -10.53 20.45
CA ASN I 35 -28.88 -10.19 20.26
C ASN I 35 -29.77 -11.29 20.81
N TRP I 36 -30.89 -10.90 21.40
CA TRP I 36 -31.89 -11.83 21.91
C TRP I 36 -33.17 -11.65 21.10
N VAL I 37 -33.78 -12.77 20.70
CA VAL I 37 -35.02 -12.76 19.92
C VAL I 37 -36.00 -13.72 20.57
N ARG I 38 -37.27 -13.32 20.63
CA ARG I 38 -38.34 -14.12 21.21
C ARG I 38 -39.15 -14.76 20.10
N GLN I 39 -39.31 -16.08 20.17
CA GLN I 39 -40.07 -16.84 19.17
C GLN I 39 -41.26 -17.47 19.89
N ALA I 40 -42.36 -16.72 19.96
CA ALA I 40 -43.56 -17.24 20.58
C ALA I 40 -44.22 -18.29 19.69
N PRO I 41 -44.88 -19.28 20.28
CA PRO I 41 -45.59 -20.28 19.46
C PRO I 41 -46.72 -19.63 18.68
N GLY I 42 -46.83 -20.01 17.41
CA GLY I 42 -47.81 -19.40 16.53
C GLY I 42 -47.64 -17.90 16.35
N LYS I 43 -46.40 -17.43 16.34
CA LYS I 43 -46.12 -16.01 16.23
C LYS I 43 -44.73 -15.83 15.63
N GLY I 44 -44.54 -14.69 14.98
CA GLY I 44 -43.26 -14.42 14.34
C GLY I 44 -42.16 -14.10 15.35
N LEU I 45 -40.94 -14.04 14.82
CA LEU I 45 -39.79 -13.70 15.66
C LEU I 45 -39.91 -12.28 16.18
N GLU I 46 -39.60 -12.11 17.47
CA GLU I 46 -39.70 -10.82 18.14
C GLU I 46 -38.36 -10.49 18.78
N TRP I 47 -37.64 -9.54 18.19
CA TRP I 47 -36.38 -9.07 18.75
C TRP I 47 -36.65 -8.28 20.02
N ILE I 48 -36.03 -8.67 21.12
CA ILE I 48 -36.29 -8.10 22.43
C ILE I 48 -35.14 -7.21 22.90
N GLY I 49 -33.91 -7.69 22.82
CA GLY I 49 -32.79 -6.95 23.37
C GLY I 49 -31.50 -7.21 22.63
N ARG I 50 -30.49 -6.41 22.98
CA ARG I 50 -29.17 -6.50 22.38
C ARG I 50 -28.17 -5.84 23.33
N ILE I 51 -27.00 -6.45 23.46
CA ILE I 51 -25.91 -5.91 24.26
C ILE I 51 -24.70 -5.70 23.35
N LYS I 52 -24.11 -4.51 23.42
CA LYS I 52 -22.96 -4.19 22.60
C LYS I 52 -21.69 -4.75 23.22
N SER I 53 -20.63 -4.77 22.42
CA SER I 53 -19.35 -5.30 22.88
C SER I 53 -18.70 -4.35 23.88
N THR I 54 -17.76 -4.89 24.65
CA THR I 54 -17.05 -4.08 25.63
C THR I 54 -16.19 -3.01 24.97
N SER I 55 -15.74 -3.26 23.74
CA SER I 55 -15.00 -2.24 23.01
C SER I 55 -15.86 -1.00 22.77
N ASP I 56 -17.12 -1.20 22.39
CA ASP I 56 -18.07 -0.12 22.26
C ASP I 56 -18.72 0.14 23.62
N GLY I 57 -19.77 0.95 23.64
CA GLY I 57 -20.48 1.24 24.88
C GLY I 57 -21.07 0.00 25.51
N GLY I 58 -20.80 -0.20 26.79
CA GLY I 58 -21.31 -1.37 27.50
C GLY I 58 -22.74 -1.20 27.98
N ARG I 59 -23.63 -0.85 27.06
CA ARG I 59 -25.03 -0.64 27.37
C ARG I 59 -25.90 -1.55 26.52
N ALA I 60 -27.05 -1.93 27.06
CA ALA I 60 -27.98 -2.86 26.42
C ALA I 60 -29.20 -2.10 25.91
N ASP I 61 -29.58 -2.36 24.67
CA ASP I 61 -30.75 -1.76 24.05
C ASP I 61 -31.87 -2.79 24.01
N PHE I 62 -33.08 -2.35 24.34
CA PHE I 62 -34.24 -3.23 24.41
C PHE I 62 -35.40 -2.63 23.62
N ALA I 63 -36.31 -3.51 23.21
CA ALA I 63 -37.50 -3.09 22.48
C ALA I 63 -38.55 -2.54 23.44
N ALA I 64 -39.69 -2.15 22.88
CA ALA I 64 -40.76 -1.58 23.71
C ALA I 64 -41.32 -2.55 24.74
N PRO I 65 -41.68 -3.80 24.40
CA PRO I 65 -42.20 -4.70 25.43
C PRO I 65 -41.18 -5.05 26.50
N ALA I 66 -39.89 -4.98 26.20
CA ALA I 66 -38.83 -5.32 27.14
C ALA I 66 -38.04 -4.11 27.59
N ARG I 67 -38.66 -2.92 27.54
CA ARG I 67 -37.94 -1.68 27.82
C ARG I 67 -37.42 -1.65 29.26
N GLY I 68 -38.32 -1.78 30.23
CA GLY I 68 -37.93 -1.69 31.62
C GLY I 68 -37.95 -3.02 32.35
N ARG I 69 -38.85 -3.91 31.93
CA ARG I 69 -38.97 -5.20 32.60
C ARG I 69 -37.71 -6.05 32.45
N PHE I 70 -37.11 -6.03 31.26
CA PHE I 70 -35.95 -6.86 30.97
C PHE I 70 -34.66 -6.12 31.27
N THR I 71 -33.70 -6.85 31.85
CA THR I 71 -32.37 -6.31 32.14
C THR I 71 -31.34 -7.38 31.78
N MET I 72 -30.25 -6.95 31.16
CA MET I 72 -29.22 -7.85 30.66
C MET I 72 -27.90 -7.58 31.37
N SER I 73 -27.25 -8.64 31.83
CA SER I 73 -25.97 -8.55 32.50
C SER I 73 -25.01 -9.57 31.90
N ARG I 74 -23.72 -9.25 31.96
CA ARG I 74 -22.68 -10.08 31.35
C ARG I 74 -21.60 -10.38 32.37
N ASP I 75 -21.13 -11.63 32.39
CA ASP I 75 -20.05 -12.07 33.25
C ASP I 75 -18.87 -12.48 32.38
N GLU I 76 -17.83 -11.65 32.36
CA GLU I 76 -16.67 -11.91 31.51
C GLU I 76 -15.81 -13.05 32.04
N SER I 77 -15.97 -13.42 33.31
CA SER I 77 -15.14 -14.49 33.88
C SER I 77 -15.40 -15.82 33.18
N LYS I 78 -16.66 -16.14 32.91
CA LYS I 78 -17.03 -17.38 32.24
C LYS I 78 -17.64 -17.13 30.86
N ASN I 79 -17.43 -15.95 30.29
CA ASN I 79 -17.99 -15.52 29.01
C ASN I 79 -19.45 -15.96 28.87
N LYS I 80 -20.25 -15.64 29.88
CA LYS I 80 -21.66 -15.95 29.90
C LYS I 80 -22.47 -14.66 29.97
N LEU I 81 -23.58 -14.63 29.23
CA LEU I 81 -24.48 -13.49 29.21
C LEU I 81 -25.78 -13.85 29.91
N PHE I 82 -26.15 -13.05 30.91
CA PHE I 82 -27.33 -13.30 31.72
C PHE I 82 -28.42 -12.30 31.37
N LEU I 83 -29.60 -12.81 31.03
CA LEU I 83 -30.76 -11.98 30.73
C LEU I 83 -31.78 -12.13 31.86
N GLN I 84 -32.02 -11.04 32.58
CA GLN I 84 -32.96 -11.04 33.69
C GLN I 84 -34.30 -10.52 33.20
N MET I 85 -35.37 -11.25 33.51
CA MET I 85 -36.72 -10.95 33.04
C MET I 85 -37.58 -10.65 34.27
N ASN I 86 -37.54 -9.40 34.72
CA ASN I 86 -38.34 -8.99 35.87
C ASN I 86 -39.76 -8.66 35.44
N ASN I 87 -40.71 -8.91 36.34
CA ASN I 87 -42.12 -8.68 36.10
C ASN I 87 -42.58 -9.37 34.82
N LEU I 88 -42.47 -10.70 34.84
CA LEU I 88 -42.78 -11.50 33.67
C LEU I 88 -44.28 -11.46 33.38
N GLY I 89 -44.65 -11.92 32.18
CA GLY I 89 -46.03 -11.93 31.77
C GLY I 89 -46.35 -13.19 30.96
N ILE I 90 -47.65 -13.39 30.74
CA ILE I 90 -48.10 -14.56 29.99
C ILE I 90 -47.64 -14.46 28.53
N GLU I 91 -47.60 -13.25 27.98
CA GLU I 91 -47.18 -13.07 26.59
C GLU I 91 -45.70 -13.35 26.39
N ASP I 92 -44.92 -13.42 27.46
CA ASP I 92 -43.49 -13.71 27.36
C ASP I 92 -43.24 -15.22 27.37
N THR I 93 -43.86 -15.90 26.40
CA THR I 93 -43.79 -17.34 26.27
C THR I 93 -43.23 -17.69 24.89
N GLY I 94 -42.28 -18.62 24.86
CA GLY I 94 -41.68 -19.05 23.61
C GLY I 94 -40.21 -19.34 23.73
N MET I 95 -39.57 -19.69 22.60
CA MET I 95 -38.15 -19.99 22.60
C MET I 95 -37.34 -18.71 22.51
N TYR I 96 -36.34 -18.59 23.37
CA TYR I 96 -35.44 -17.44 23.40
C TYR I 96 -34.09 -17.88 22.85
N TYR I 97 -33.63 -17.19 21.81
CA TYR I 97 -32.39 -17.54 21.14
C TYR I 97 -31.30 -16.52 21.46
N CYS I 98 -30.06 -16.95 21.26
CA CYS I 98 -28.87 -16.15 21.55
C CYS I 98 -27.94 -16.24 20.34
N PHE I 99 -27.85 -15.16 19.57
CA PHE I 99 -27.06 -15.15 18.35
C PHE I 99 -26.30 -13.83 18.24
N THR I 100 -25.23 -13.85 17.44
CA THR I 100 -24.39 -12.68 17.24
C THR I 100 -23.94 -12.60 15.80
N ARG I 101 -23.99 -11.40 15.24
CA ARG I 101 -23.51 -11.15 13.88
C ARG I 101 -22.02 -10.92 13.93
N VAL I 102 -21.24 -11.93 13.55
CA VAL I 102 -19.79 -11.86 13.55
C VAL I 102 -19.33 -11.81 12.10
N GLN I 103 -18.66 -10.73 11.72
CA GLN I 103 -18.22 -10.52 10.35
C GLN I 103 -16.72 -10.77 10.24
N ARG I 104 -16.33 -11.64 9.32
CA ARG I 104 -14.92 -11.96 9.06
C ARG I 104 -14.68 -11.91 7.56
N ASP I 105 -13.73 -11.07 7.15
CA ASP I 105 -13.32 -10.95 5.74
C ASP I 105 -14.51 -10.60 4.84
N GLY I 106 -15.41 -9.75 5.35
CA GLY I 106 -16.54 -9.29 4.58
C GLY I 106 -17.76 -10.19 4.62
N THR I 107 -17.64 -11.40 5.16
CA THR I 107 -18.75 -12.34 5.28
C THR I 107 -19.10 -12.52 6.75
N LYS I 108 -20.40 -12.48 7.05
CA LYS I 108 -20.87 -12.56 8.43
C LYS I 108 -21.77 -13.76 8.61
N ASP I 109 -21.76 -14.31 9.82
CA ASP I 109 -22.61 -15.43 10.20
C ASP I 109 -23.21 -15.15 11.57
N ASP I 110 -24.36 -15.77 11.83
CA ASP I 110 -25.09 -15.51 13.07
C ASP I 110 -24.71 -16.45 14.20
N PHE I 111 -24.39 -17.71 13.90
CA PHE I 111 -24.06 -18.71 14.91
C PHE I 111 -25.16 -18.79 15.97
N TRP I 112 -26.35 -19.18 15.52
CA TRP I 112 -27.50 -19.28 16.42
C TRP I 112 -27.28 -20.35 17.47
N GLY I 113 -27.78 -20.10 18.67
CA GLY I 113 -27.71 -21.06 19.74
C GLY I 113 -28.83 -22.08 19.66
N ARG I 114 -28.81 -23.01 20.62
CA ARG I 114 -29.85 -24.04 20.66
C ARG I 114 -31.23 -23.43 20.90
N GLY I 115 -31.31 -22.47 21.81
CA GLY I 115 -32.58 -21.83 22.12
C GLY I 115 -33.30 -22.51 23.26
N THR I 116 -33.64 -21.75 24.29
CA THR I 116 -34.34 -22.27 25.46
C THR I 116 -35.81 -21.87 25.39
N LEU I 117 -36.69 -22.84 25.65
CA LEU I 117 -38.13 -22.59 25.65
C LEU I 117 -38.56 -22.11 27.03
N VAL I 118 -39.41 -21.09 27.05
CA VAL I 118 -39.93 -20.49 28.27
C VAL I 118 -41.44 -20.64 28.28
N THR I 119 -41.97 -21.22 29.36
CA THR I 119 -43.40 -21.41 29.54
C THR I 119 -43.87 -20.60 30.74
N VAL I 120 -44.93 -19.82 30.55
CA VAL I 120 -45.48 -19.01 31.62
C VAL I 120 -46.92 -19.42 31.92
N VAL J 3 -41.74 -3.71 12.29
CA VAL J 3 -42.97 -3.09 11.81
C VAL J 3 -43.17 -3.41 10.33
N LEU J 4 -42.09 -3.80 9.67
CA LEU J 4 -42.16 -4.19 8.26
C LEU J 4 -42.98 -5.46 8.10
N THR J 5 -43.83 -5.48 7.09
CA THR J 5 -44.82 -6.54 6.92
C THR J 5 -44.39 -7.55 5.85
N GLN J 6 -44.98 -8.73 5.94
CA GLN J 6 -44.75 -9.82 5.01
C GLN J 6 -46.09 -10.45 4.65
N PRO J 7 -46.18 -11.11 3.50
CA PRO J 7 -47.39 -11.86 3.19
C PRO J 7 -47.63 -12.94 4.22
N PRO J 8 -48.89 -13.25 4.53
CA PRO J 8 -49.16 -14.30 5.53
C PRO J 8 -48.60 -15.66 5.14
N SER J 9 -48.63 -16.00 3.86
CA SER J 9 -48.10 -17.28 3.39
C SER J 9 -47.88 -17.21 1.89
N VAL J 10 -47.00 -18.08 1.41
CA VAL J 10 -46.71 -18.19 -0.02
C VAL J 10 -46.70 -19.67 -0.40
N SER J 11 -46.89 -19.93 -1.69
CA SER J 11 -46.90 -21.29 -2.20
C SER J 11 -46.38 -21.29 -3.64
N GLY J 12 -45.80 -22.40 -4.06
CA GLY J 12 -45.30 -22.52 -5.40
C GLY J 12 -44.88 -23.95 -5.70
N ALA J 13 -44.86 -24.26 -6.99
CA ALA J 13 -44.43 -25.59 -7.42
C ALA J 13 -42.92 -25.74 -7.22
N PRO J 14 -42.45 -26.97 -6.99
CA PRO J 14 -41.00 -27.18 -6.82
C PRO J 14 -40.19 -26.71 -8.02
N GLY J 15 -40.69 -26.89 -9.23
CA GLY J 15 -39.99 -26.42 -10.41
C GLY J 15 -40.05 -24.93 -10.62
N GLN J 16 -41.04 -24.26 -10.06
CA GLN J 16 -41.20 -22.82 -10.23
C GLN J 16 -40.34 -22.07 -9.22
N THR J 17 -40.22 -20.76 -9.44
CA THR J 17 -39.47 -19.87 -8.55
C THR J 17 -40.46 -19.08 -7.70
N VAL J 18 -40.28 -19.14 -6.39
CA VAL J 18 -41.16 -18.48 -5.44
C VAL J 18 -40.49 -17.21 -4.93
N THR J 19 -41.19 -16.08 -5.03
CA THR J 19 -40.69 -14.79 -4.58
C THR J 19 -41.44 -14.38 -3.32
N ILE J 20 -40.69 -14.05 -2.27
CA ILE J 20 -41.25 -13.64 -1.00
C ILE J 20 -41.06 -12.14 -0.86
N SER J 21 -42.16 -11.41 -0.67
CA SER J 21 -42.13 -9.97 -0.59
C SER J 21 -41.89 -9.51 0.85
N CYS J 22 -41.41 -8.27 0.98
CA CYS J 22 -41.20 -7.66 2.28
C CYS J 22 -41.27 -6.15 2.12
N THR J 23 -42.35 -5.55 2.59
CA THR J 23 -42.57 -4.11 2.47
C THR J 23 -42.13 -3.41 3.73
N GLY J 24 -41.29 -2.39 3.58
CA GLY J 24 -40.81 -1.62 4.71
C GLY J 24 -41.38 -0.21 4.73
N SER J 25 -40.52 0.78 4.99
CA SER J 25 -40.93 2.18 5.03
C SER J 25 -39.70 3.03 4.77
N TYR J 26 -39.84 4.35 4.99
CA TYR J 26 -38.72 5.25 4.79
C TYR J 26 -37.61 5.03 5.81
N SER J 27 -37.92 4.42 6.95
CA SER J 27 -36.93 4.19 8.00
C SER J 27 -36.48 2.74 8.08
N ASN J 28 -37.33 1.78 7.70
CA ASN J 28 -36.97 0.38 7.79
C ASN J 28 -36.05 -0.02 6.64
N ILE J 29 -36.53 0.11 5.41
CA ILE J 29 -35.76 -0.27 4.24
C ILE J 29 -35.37 0.93 3.38
N GLY J 30 -36.18 1.99 3.38
CA GLY J 30 -35.85 3.19 2.61
C GLY J 30 -34.74 4.02 3.19
N ALA J 31 -34.33 3.75 4.43
CA ALA J 31 -33.23 4.47 5.07
C ALA J 31 -31.87 3.90 4.73
N GLY J 32 -31.82 2.83 3.94
CA GLY J 32 -30.56 2.21 3.56
C GLY J 32 -30.13 1.05 4.43
N TYR J 33 -30.96 0.63 5.38
CA TYR J 33 -30.62 -0.50 6.23
C TYR J 33 -30.63 -1.79 5.43
N ASP J 34 -29.65 -2.64 5.69
CA ASP J 34 -29.58 -3.94 5.03
C ASP J 34 -30.72 -4.83 5.50
N VAL J 35 -31.28 -5.61 4.58
CA VAL J 35 -32.41 -6.49 4.84
C VAL J 35 -31.89 -7.93 4.87
N GLN J 36 -32.16 -8.63 5.96
CA GLN J 36 -31.71 -10.00 6.13
C GLN J 36 -32.91 -10.95 6.11
N TRP J 37 -32.66 -12.16 5.59
CA TRP J 37 -33.67 -13.19 5.48
C TRP J 37 -33.26 -14.40 6.30
N TYR J 38 -34.22 -14.99 7.01
CA TYR J 38 -33.98 -16.14 7.86
C TYR J 38 -34.91 -17.28 7.48
N GLN J 39 -34.39 -18.50 7.54
CA GLN J 39 -35.17 -19.70 7.30
C GLN J 39 -35.35 -20.41 8.64
N HIS J 40 -36.55 -20.31 9.20
CA HIS J 40 -36.85 -20.85 10.53
C HIS J 40 -37.46 -22.24 10.36
N LEU J 41 -36.59 -23.25 10.29
CA LEU J 41 -37.05 -24.63 10.28
C LEU J 41 -37.70 -24.96 11.63
N PRO J 42 -38.83 -25.66 11.64
CA PRO J 42 -39.50 -25.96 12.91
C PRO J 42 -38.63 -26.84 13.79
N GLY J 43 -38.62 -26.51 15.09
CA GLY J 43 -37.87 -27.26 16.06
C GLY J 43 -36.39 -26.94 16.13
N THR J 44 -35.91 -26.01 15.29
CA THR J 44 -34.49 -25.65 15.27
C THR J 44 -34.36 -24.14 15.19
N ALA J 45 -33.16 -23.66 15.49
CA ALA J 45 -32.89 -22.22 15.44
C ALA J 45 -32.94 -21.72 14.00
N PRO J 46 -33.35 -20.47 13.80
CA PRO J 46 -33.41 -19.93 12.43
C PRO J 46 -32.03 -19.89 11.78
N LYS J 47 -32.00 -20.05 10.47
CA LYS J 47 -30.78 -20.03 9.68
C LYS J 47 -30.79 -18.84 8.75
N LEU J 48 -29.73 -18.04 8.81
CA LEU J 48 -29.62 -16.88 7.94
C LEU J 48 -29.42 -17.32 6.49
N LEU J 49 -30.11 -16.64 5.57
CA LEU J 49 -30.01 -16.92 4.14
C LEU J 49 -29.36 -15.79 3.35
N ILE J 50 -29.72 -14.54 3.64
CA ILE J 50 -29.15 -13.38 2.98
C ILE J 50 -28.74 -12.39 4.07
N TYR J 51 -27.47 -12.02 4.10
CA TYR J 51 -26.96 -11.14 5.16
C TYR J 51 -26.86 -9.68 4.73
N ASP J 52 -27.25 -9.35 3.50
CA ASP J 52 -27.25 -7.98 3.03
C ASP J 52 -28.40 -7.84 2.03
N ASN J 53 -28.38 -6.77 1.24
CA ASN J 53 -29.39 -6.62 0.20
C ASN J 53 -29.31 -7.74 -0.82
N VAL J 54 -28.10 -8.07 -1.26
CA VAL J 54 -27.91 -9.16 -2.23
C VAL J 54 -26.87 -10.17 -1.79
N HIS J 55 -25.94 -9.83 -0.88
CA HIS J 55 -24.88 -10.75 -0.51
C HIS J 55 -25.41 -11.92 0.30
N ARG J 56 -24.85 -13.10 0.07
CA ARG J 56 -25.30 -14.33 0.68
C ARG J 56 -24.17 -14.99 1.47
N PRO J 57 -24.42 -15.45 2.69
CA PRO J 57 -23.34 -16.06 3.48
C PRO J 57 -22.87 -17.38 2.88
N SER J 58 -21.62 -17.72 3.21
CA SER J 58 -21.07 -19.00 2.81
C SER J 58 -21.82 -20.14 3.49
N GLY J 59 -21.93 -21.26 2.77
CA GLY J 59 -22.69 -22.39 3.26
C GLY J 59 -24.17 -22.34 2.98
N VAL J 60 -24.65 -21.31 2.30
CA VAL J 60 -26.06 -21.18 1.93
C VAL J 60 -26.20 -21.51 0.44
N PRO J 61 -27.17 -22.34 0.05
CA PRO J 61 -27.30 -22.69 -1.37
C PRO J 61 -27.56 -21.47 -2.23
N ASP J 62 -27.06 -21.52 -3.47
CA ASP J 62 -27.22 -20.43 -4.42
C ASP J 62 -28.67 -20.25 -4.86
N ARG J 63 -29.55 -21.19 -4.54
CA ARG J 63 -30.96 -21.06 -4.92
C ARG J 63 -31.60 -19.83 -4.27
N PHE J 64 -31.28 -19.58 -3.00
CA PHE J 64 -31.83 -18.43 -2.29
C PHE J 64 -31.10 -17.16 -2.72
N SER J 65 -31.85 -16.25 -3.35
CA SER J 65 -31.30 -14.97 -3.78
C SER J 65 -32.25 -13.86 -3.36
N GLY J 66 -31.69 -12.71 -3.00
CA GLY J 66 -32.47 -11.57 -2.57
C GLY J 66 -32.15 -10.33 -3.37
N SER J 67 -33.07 -9.39 -3.34
CA SER J 67 -32.92 -8.13 -4.06
C SER J 67 -33.75 -7.06 -3.38
N LYS J 68 -33.15 -5.90 -3.14
CA LYS J 68 -33.83 -4.77 -2.51
C LYS J 68 -34.12 -3.72 -3.58
N SER J 69 -35.40 -3.36 -3.72
CA SER J 69 -35.83 -2.36 -4.68
C SER J 69 -36.65 -1.30 -3.95
N GLY J 70 -36.17 -0.06 -3.96
CA GLY J 70 -36.89 1.01 -3.30
C GLY J 70 -36.97 0.76 -1.80
N THR J 71 -38.19 0.77 -1.27
CA THR J 71 -38.45 0.55 0.15
C THR J 71 -38.90 -0.87 0.43
N SER J 72 -38.77 -1.79 -0.52
CA SER J 72 -39.19 -3.17 -0.34
C SER J 72 -38.06 -4.11 -0.75
N ALA J 73 -38.04 -5.28 -0.14
CA ALA J 73 -37.06 -6.32 -0.43
C ALA J 73 -37.77 -7.61 -0.77
N SER J 74 -37.19 -8.36 -1.72
CA SER J 74 -37.78 -9.61 -2.19
C SER J 74 -36.77 -10.73 -2.09
N LEU J 75 -37.23 -11.90 -1.67
CA LEU J 75 -36.42 -13.11 -1.59
C LEU J 75 -36.91 -14.10 -2.63
N ALA J 76 -36.00 -14.55 -3.49
CA ALA J 76 -36.32 -15.46 -4.58
C ALA J 76 -35.74 -16.84 -4.27
N ILE J 77 -36.58 -17.87 -4.39
CA ILE J 77 -36.18 -19.25 -4.17
C ILE J 77 -36.37 -19.99 -5.48
N THR J 78 -35.28 -20.20 -6.22
CA THR J 78 -35.34 -20.92 -7.48
C THR J 78 -35.02 -22.39 -7.26
N GLY J 79 -35.65 -23.25 -8.06
CA GLY J 79 -35.45 -24.67 -7.94
C GLY J 79 -35.88 -25.21 -6.59
N LEU J 80 -37.08 -24.83 -6.14
CA LEU J 80 -37.55 -25.18 -4.82
C LEU J 80 -37.61 -26.70 -4.63
N GLN J 81 -37.16 -27.15 -3.47
CA GLN J 81 -37.25 -28.55 -3.05
C GLN J 81 -38.30 -28.68 -1.96
N THR J 82 -38.45 -29.91 -1.45
CA THR J 82 -39.39 -30.20 -0.39
C THR J 82 -38.83 -29.96 1.00
N GLU J 83 -37.55 -29.63 1.12
CA GLU J 83 -36.91 -29.37 2.40
C GLU J 83 -36.94 -27.90 2.80
N ASP J 84 -37.53 -27.04 1.97
CA ASP J 84 -37.61 -25.61 2.24
C ASP J 84 -38.97 -25.19 2.77
N GLU J 85 -39.82 -26.14 3.16
CA GLU J 85 -41.14 -25.83 3.69
C GLU J 85 -40.98 -25.37 5.13
N ALA J 86 -40.73 -24.07 5.31
CA ALA J 86 -40.54 -23.50 6.63
C ALA J 86 -40.87 -22.01 6.56
N ASP J 87 -41.01 -21.40 7.73
CA ASP J 87 -41.32 -19.98 7.80
C ASP J 87 -40.10 -19.15 7.42
N TYR J 88 -40.30 -18.16 6.57
CA TYR J 88 -39.25 -17.23 6.16
C TYR J 88 -39.55 -15.86 6.75
N TYR J 89 -38.55 -15.27 7.41
CA TYR J 89 -38.71 -14.00 8.11
C TYR J 89 -37.84 -12.94 7.47
N CYS J 90 -38.39 -11.73 7.37
CA CYS J 90 -37.68 -10.57 6.83
C CYS J 90 -37.15 -9.75 7.99
N GLN J 91 -35.83 -9.61 8.06
CA GLN J 91 -35.18 -8.91 9.15
C GLN J 91 -34.49 -7.67 8.62
N SER J 92 -34.70 -6.54 9.30
CA SER J 92 -34.06 -5.28 8.95
C SER J 92 -33.92 -4.46 10.23
N TYR J 93 -33.58 -3.19 10.07
CA TYR J 93 -33.45 -2.27 11.19
C TYR J 93 -34.24 -1.02 10.89
N ASP J 94 -34.67 -0.33 11.96
CA ASP J 94 -35.50 0.86 11.85
C ASP J 94 -34.68 2.08 12.23
N SER J 95 -34.74 3.11 11.40
CA SER J 95 -34.10 4.37 11.75
C SER J 95 -34.73 4.97 13.00
N ARG J 96 -36.06 4.90 13.09
CA ARG J 96 -36.75 5.24 14.33
C ARG J 96 -36.51 4.15 15.36
N LEU J 97 -37.05 4.36 16.56
CA LEU J 97 -36.91 3.43 17.68
C LEU J 97 -35.47 3.22 18.10
N ARG J 98 -34.57 4.11 17.69
CA ARG J 98 -33.16 4.08 18.09
C ARG J 98 -32.47 2.81 17.62
N ASP J 99 -32.62 2.50 16.34
CA ASP J 99 -31.92 1.40 15.67
C ASP J 99 -32.18 0.06 16.38
N GLN J 100 -33.44 -0.36 16.35
CA GLN J 100 -33.84 -1.64 16.90
C GLN J 100 -34.22 -2.58 15.76
N TRP J 101 -33.84 -3.85 15.90
CA TRP J 101 -34.14 -4.83 14.87
C TRP J 101 -35.64 -5.02 14.73
N VAL J 102 -36.09 -5.13 13.48
CA VAL J 102 -37.50 -5.36 13.17
C VAL J 102 -37.60 -6.62 12.33
N PHE J 103 -38.45 -7.55 12.74
CA PHE J 103 -38.68 -8.79 12.04
C PHE J 103 -40.04 -8.77 11.35
N GLY J 104 -40.14 -9.45 10.21
CA GLY J 104 -41.39 -9.52 9.49
C GLY J 104 -42.37 -10.47 10.14
N GLY J 105 -43.59 -10.47 9.60
CA GLY J 105 -44.63 -11.35 10.13
C GLY J 105 -44.37 -12.82 9.88
N GLY J 106 -43.51 -13.15 8.92
CA GLY J 106 -43.20 -14.53 8.63
C GLY J 106 -44.07 -15.13 7.55
N THR J 107 -43.44 -15.66 6.51
CA THR J 107 -44.14 -16.30 5.39
C THR J 107 -43.90 -17.80 5.47
N LYS J 108 -44.99 -18.57 5.59
CA LYS J 108 -44.91 -20.02 5.67
C LYS J 108 -44.98 -20.58 4.26
N LEU J 109 -43.81 -20.82 3.67
CA LEU J 109 -43.75 -21.37 2.32
C LEU J 109 -44.19 -22.83 2.34
N THR J 110 -45.12 -23.17 1.45
CA THR J 110 -45.66 -24.52 1.36
C THR J 110 -45.33 -25.08 -0.02
N VAL J 111 -44.81 -26.31 -0.03
CA VAL J 111 -44.45 -26.99 -1.27
C VAL J 111 -45.62 -27.85 -1.71
N LEU J 112 -46.13 -27.59 -2.91
CA LEU J 112 -47.27 -28.33 -3.44
C LEU J 112 -46.83 -29.63 -4.09
N ILE K 1 13.07 6.00 -22.96
CA ILE K 1 11.69 5.78 -23.33
C ILE K 1 11.32 6.64 -24.53
N PRO K 2 10.87 6.00 -25.61
CA PRO K 2 10.48 6.77 -26.80
C PRO K 2 9.32 7.71 -26.52
N LEU K 3 9.34 8.85 -27.21
CA LEU K 3 8.31 9.86 -27.08
C LEU K 3 7.77 10.20 -28.45
N GLY K 4 6.50 10.62 -28.50
CA GLY K 4 5.87 10.93 -29.76
C GLY K 4 5.40 12.36 -29.88
N VAL K 5 5.89 13.07 -30.88
CA VAL K 5 5.51 14.46 -31.14
C VAL K 5 4.72 14.50 -32.44
N ILE K 6 3.52 15.07 -32.39
CA ILE K 6 2.62 15.12 -33.53
C ILE K 6 2.99 16.37 -34.33
N HIS K 7 3.87 16.18 -35.32
CA HIS K 7 4.28 17.26 -36.21
C HIS K 7 3.34 17.29 -37.41
N ASN K 8 2.73 18.46 -37.65
CA ASN K 8 1.78 18.69 -38.74
C ASN K 8 0.83 17.51 -38.94
N SER K 9 0.15 17.15 -37.84
CA SER K 9 -0.81 16.05 -37.81
C SER K 9 -0.18 14.72 -38.23
N THR K 10 1.11 14.55 -37.94
CA THR K 10 1.81 13.30 -38.23
C THR K 10 2.71 12.97 -37.03
N LEU K 11 2.63 11.73 -36.57
CA LEU K 11 3.38 11.30 -35.39
C LEU K 11 4.78 10.86 -35.79
N GLN K 12 5.77 11.28 -34.99
CA GLN K 12 7.15 10.90 -35.19
C GLN K 12 7.76 10.56 -33.83
N VAL K 13 8.57 9.50 -33.79
CA VAL K 13 9.20 9.09 -32.54
C VAL K 13 10.29 10.09 -32.19
N SER K 14 10.18 10.69 -31.00
CA SER K 14 11.13 11.70 -30.54
C SER K 14 12.24 11.01 -29.77
N ASP K 15 13.14 10.34 -30.51
CA ASP K 15 14.30 9.72 -29.90
C ASP K 15 15.37 10.73 -29.53
N VAL K 16 15.31 11.94 -30.04
CA VAL K 16 16.27 13.00 -29.73
C VAL K 16 15.49 14.22 -29.26
N ASP K 17 15.85 14.74 -28.09
CA ASP K 17 15.18 15.90 -27.54
C ASP K 17 15.57 17.19 -28.27
N LYS K 18 16.67 17.17 -29.01
CA LYS K 18 17.15 18.33 -29.76
C LYS K 18 16.52 18.44 -31.16
N LEU K 19 15.33 17.87 -31.35
CA LEU K 19 14.72 17.85 -32.69
C LEU K 19 14.58 19.25 -33.27
N VAL K 20 13.75 20.09 -32.65
CA VAL K 20 13.48 21.43 -33.16
C VAL K 20 12.76 22.25 -32.09
N CYS K 21 12.97 23.56 -32.10
CA CYS K 21 12.21 24.46 -31.25
C CYS K 21 10.74 24.56 -31.68
N ARG K 22 10.39 24.04 -32.85
CA ARG K 22 9.02 24.03 -33.29
C ARG K 22 8.13 23.24 -32.33
N ASP K 23 8.65 22.14 -31.80
CA ASP K 23 7.91 21.37 -30.79
C ASP K 23 7.69 22.22 -29.55
N LYS K 24 6.43 22.31 -29.13
CA LYS K 24 6.03 23.16 -28.01
C LYS K 24 5.40 22.31 -26.92
N LEU K 25 5.81 22.54 -25.67
CA LEU K 25 5.22 21.88 -24.51
C LEU K 25 4.84 22.99 -23.53
N SER K 26 3.64 23.54 -23.71
CA SER K 26 3.19 24.64 -22.88
C SER K 26 2.75 24.16 -21.49
N SER K 27 2.13 23.00 -21.42
CA SER K 27 1.62 22.47 -20.16
C SER K 27 1.67 20.96 -20.19
N THR K 28 1.50 20.35 -19.01
CA THR K 28 1.49 18.90 -18.89
C THR K 28 0.30 18.26 -19.56
N ASN K 29 -0.74 19.03 -19.90
CA ASN K 29 -1.89 18.47 -20.59
C ASN K 29 -1.51 17.93 -21.97
N GLN K 30 -0.49 18.51 -22.61
CA GLN K 30 -0.02 17.98 -23.87
C GLN K 30 0.58 16.59 -23.71
N LEU K 31 1.30 16.36 -22.61
CA LEU K 31 1.82 15.04 -22.33
C LEU K 31 0.67 14.08 -22.00
N ARG K 32 0.67 12.93 -22.66
CA ARG K 32 -0.38 11.94 -22.46
C ARG K 32 0.19 10.56 -22.71
N SER K 33 -0.22 9.61 -21.89
CA SER K 33 0.19 8.21 -22.02
C SER K 33 -1.03 7.41 -22.47
N VAL K 34 -1.00 6.94 -23.72
CA VAL K 34 -2.11 6.22 -24.32
C VAL K 34 -1.79 4.73 -24.28
N GLY K 35 -2.69 3.95 -23.69
CA GLY K 35 -2.53 2.51 -23.65
C GLY K 35 -3.31 1.82 -24.74
N LEU K 36 -2.62 1.38 -25.78
CA LEU K 36 -3.27 0.76 -26.95
C LEU K 36 -3.23 -0.75 -26.80
N ASN K 37 -4.36 -1.39 -27.10
CA ASN K 37 -4.46 -2.84 -27.00
C ASN K 37 -3.70 -3.51 -28.14
N LEU K 38 -3.43 -4.80 -27.96
CA LEU K 38 -2.75 -5.57 -29.00
C LEU K 38 -3.69 -6.08 -30.08
N GLU K 39 -5.01 -6.01 -29.86
CA GLU K 39 -5.95 -6.44 -30.89
C GLU K 39 -5.86 -5.57 -32.13
N GLY K 40 -5.59 -4.28 -31.95
CA GLY K 40 -5.41 -3.40 -33.10
C GLY K 40 -4.21 -3.78 -33.94
N ASN K 41 -3.16 -4.30 -33.31
CA ASN K 41 -1.97 -4.73 -34.03
C ASN K 41 -2.19 -5.99 -34.87
N GLY K 42 -3.33 -6.67 -34.70
CA GLY K 42 -3.65 -7.84 -35.48
C GLY K 42 -3.31 -9.17 -34.84
N VAL K 43 -3.00 -9.20 -33.55
CA VAL K 43 -2.69 -10.47 -32.90
C VAL K 43 -3.96 -11.29 -32.73
N ALA K 44 -3.77 -12.59 -32.52
CA ALA K 44 -4.90 -13.50 -32.35
C ALA K 44 -5.63 -13.22 -31.05
N THR K 45 -6.95 -13.05 -31.13
CA THR K 45 -7.78 -12.75 -29.97
C THR K 45 -8.45 -13.98 -29.39
N ASP K 46 -8.25 -15.16 -29.97
CA ASP K 46 -8.88 -16.37 -29.47
C ASP K 46 -8.30 -16.74 -28.11
N VAL K 47 -9.17 -17.25 -27.23
CA VAL K 47 -8.73 -17.66 -25.90
C VAL K 47 -7.65 -18.74 -25.96
N PRO K 48 -7.81 -19.82 -26.75
CA PRO K 48 -6.70 -20.80 -26.83
C PRO K 48 -5.42 -20.22 -27.39
N SER K 49 -5.50 -19.13 -28.16
CA SER K 49 -4.31 -18.49 -28.71
C SER K 49 -3.79 -17.36 -27.82
N ALA K 50 -4.67 -16.67 -27.09
CA ALA K 50 -4.22 -15.58 -26.23
C ALA K 50 -3.53 -16.10 -24.98
N THR K 51 -4.05 -17.19 -24.40
CA THR K 51 -3.47 -17.74 -23.18
C THR K 51 -2.07 -18.29 -23.39
N LYS K 52 -1.71 -18.65 -24.63
CA LYS K 52 -0.36 -19.13 -24.91
C LYS K 52 0.67 -18.01 -24.79
N ARG K 53 0.26 -16.76 -24.87
CA ARG K 53 1.17 -15.63 -24.73
C ARG K 53 1.40 -15.23 -23.28
N TRP K 54 0.75 -15.89 -22.34
CA TRP K 54 0.89 -15.59 -20.92
C TRP K 54 1.64 -16.74 -20.23
N GLY K 55 2.67 -16.39 -19.47
CA GLY K 55 3.46 -17.39 -18.77
C GLY K 55 3.65 -17.01 -17.32
N PHE K 56 3.88 -18.04 -16.51
CA PHE K 56 4.07 -17.87 -15.07
C PHE K 56 5.55 -17.90 -14.74
N ARG K 57 6.00 -16.95 -13.93
CA ARG K 57 7.39 -16.87 -13.50
C ARG K 57 7.44 -16.44 -12.05
N SER K 58 8.54 -16.78 -11.38
CA SER K 58 8.77 -16.42 -9.99
C SER K 58 10.09 -15.68 -9.87
N GLY K 59 10.14 -14.69 -8.99
CA GLY K 59 11.32 -13.91 -8.76
C GLY K 59 11.31 -12.53 -9.38
N VAL K 60 10.37 -12.25 -10.27
CA VAL K 60 10.25 -10.93 -10.91
C VAL K 60 9.10 -10.19 -10.24
N PRO K 61 9.37 -9.11 -9.50
CA PRO K 61 8.28 -8.38 -8.85
C PRO K 61 7.36 -7.75 -9.88
N PRO K 62 6.06 -7.66 -9.59
CA PRO K 62 5.15 -6.97 -10.50
C PRO K 62 5.43 -5.48 -10.56
N LYS K 63 5.18 -4.89 -11.73
CA LYS K 63 5.35 -3.46 -11.96
C LYS K 63 4.11 -2.90 -12.62
N VAL K 64 3.72 -1.70 -12.20
CA VAL K 64 2.51 -1.05 -12.69
C VAL K 64 2.90 0.34 -13.22
N VAL K 65 2.45 0.66 -14.44
CA VAL K 65 2.70 1.95 -15.06
C VAL K 65 1.37 2.57 -15.41
N ASN K 66 1.20 3.85 -15.07
CA ASN K 66 -0.05 4.55 -15.28
C ASN K 66 -0.17 5.06 -16.71
N TYR K 67 -1.37 4.92 -17.28
CA TYR K 67 -1.70 5.51 -18.57
C TYR K 67 -3.05 6.20 -18.45
N GLU K 68 -3.14 7.42 -18.97
CA GLU K 68 -4.37 8.20 -18.85
C GLU K 68 -5.39 7.79 -19.92
N ALA K 69 -5.04 7.97 -21.19
CA ALA K 69 -5.94 7.63 -22.27
C ALA K 69 -5.82 6.15 -22.63
N GLY K 70 -6.94 5.54 -23.01
CA GLY K 70 -6.97 4.14 -23.38
C GLY K 70 -7.64 3.95 -24.73
N GLU K 71 -7.77 2.68 -25.11
CA GLU K 71 -8.41 2.29 -26.35
C GLU K 71 -9.52 1.29 -26.06
N TRP K 72 -10.64 1.45 -26.75
CA TRP K 72 -11.75 0.50 -26.62
C TRP K 72 -11.28 -0.89 -27.05
N ALA K 73 -11.52 -1.88 -26.20
CA ALA K 73 -11.05 -3.25 -26.42
C ALA K 73 -12.24 -4.11 -26.84
N GLU K 74 -12.10 -4.77 -27.99
CA GLU K 74 -13.13 -5.68 -28.46
C GLU K 74 -13.00 -7.08 -27.88
N ASN K 75 -11.88 -7.38 -27.20
CA ASN K 75 -11.67 -8.69 -26.61
C ASN K 75 -10.89 -8.52 -25.31
N CYS K 76 -11.58 -8.65 -24.19
CA CYS K 76 -10.96 -8.59 -22.87
C CYS K 76 -10.97 -9.96 -22.23
N TYR K 77 -10.11 -10.14 -21.22
CA TYR K 77 -9.96 -11.41 -20.54
C TYR K 77 -10.10 -11.21 -19.03
N ASN K 78 -10.70 -12.19 -18.36
CA ASN K 78 -10.90 -12.15 -16.91
C ASN K 78 -10.51 -13.54 -16.38
N LEU K 79 -9.25 -13.68 -16.00
CA LEU K 79 -8.74 -14.97 -15.54
C LEU K 79 -9.15 -15.21 -14.09
N GLU K 80 -9.79 -16.35 -13.85
CA GLU K 80 -10.14 -16.79 -12.50
C GLU K 80 -9.62 -18.20 -12.25
N ILE K 81 -8.46 -18.53 -12.81
CA ILE K 81 -7.92 -19.87 -12.72
C ILE K 81 -7.43 -20.15 -11.31
N LYS K 82 -7.41 -21.43 -10.94
CA LYS K 82 -6.94 -21.87 -9.64
C LYS K 82 -6.11 -23.14 -9.83
N LYS K 83 -5.30 -23.46 -8.83
CA LYS K 83 -4.52 -24.67 -8.86
C LYS K 83 -5.44 -25.88 -8.79
N PRO K 84 -5.00 -27.04 -9.30
CA PRO K 84 -5.88 -28.21 -9.34
C PRO K 84 -6.35 -28.67 -7.96
N ASP K 85 -5.63 -28.33 -6.90
CA ASP K 85 -6.07 -28.66 -5.54
C ASP K 85 -6.92 -27.57 -4.91
N GLY K 86 -7.25 -26.52 -5.66
CA GLY K 86 -8.05 -25.42 -5.15
C GLY K 86 -7.27 -24.24 -4.64
N SER K 87 -5.94 -24.28 -4.70
CA SER K 87 -5.13 -23.16 -4.24
C SER K 87 -5.22 -21.99 -5.21
N GLU K 88 -4.97 -20.79 -4.69
CA GLU K 88 -4.97 -19.60 -5.52
C GLU K 88 -3.81 -19.62 -6.50
N CYS K 89 -4.08 -19.19 -7.73
CA CYS K 89 -3.08 -19.17 -8.79
C CYS K 89 -2.61 -17.77 -9.15
N LEU K 90 -3.48 -16.77 -9.04
CA LEU K 90 -3.15 -15.39 -9.38
C LEU K 90 -3.30 -14.50 -8.16
N PRO K 91 -2.44 -13.50 -7.99
CA PRO K 91 -2.58 -12.59 -6.85
C PRO K 91 -3.85 -11.77 -6.94
N ALA K 92 -4.40 -11.43 -5.78
CA ALA K 92 -5.59 -10.58 -5.73
C ALA K 92 -5.25 -9.17 -6.20
N ALA K 93 -6.22 -8.53 -6.82
CA ALA K 93 -6.01 -7.18 -7.34
C ALA K 93 -5.89 -6.21 -6.17
N PRO K 94 -4.79 -5.45 -6.07
CA PRO K 94 -4.64 -4.51 -4.96
C PRO K 94 -5.59 -3.32 -5.10
N ASP K 95 -5.61 -2.45 -4.09
CA ASP K 95 -6.43 -1.26 -4.16
C ASP K 95 -5.98 -0.36 -5.30
N GLY K 96 -6.95 0.13 -6.07
CA GLY K 96 -6.68 0.93 -7.24
C GLY K 96 -6.64 0.17 -8.54
N ILE K 97 -6.61 -1.15 -8.50
CA ILE K 97 -6.63 -1.99 -9.69
C ILE K 97 -8.06 -2.46 -9.91
N ARG K 98 -8.65 -2.07 -11.03
CA ARG K 98 -10.00 -2.45 -11.39
C ARG K 98 -10.00 -3.04 -12.79
N GLY K 99 -11.15 -3.57 -13.21
CA GLY K 99 -11.27 -4.14 -14.53
C GLY K 99 -11.15 -3.09 -15.62
N PHE K 100 -10.84 -3.56 -16.82
CA PHE K 100 -10.73 -2.66 -17.97
C PHE K 100 -12.08 -2.00 -18.21
N PRO K 101 -12.12 -0.67 -18.38
CA PRO K 101 -13.42 0.02 -18.40
C PRO K 101 -14.31 -0.35 -19.57
N ARG K 102 -13.78 -0.30 -20.79
CA ARG K 102 -14.57 -0.51 -22.00
C ARG K 102 -14.15 -1.84 -22.65
N CYS K 103 -15.05 -2.81 -22.62
CA CYS K 103 -14.79 -4.14 -23.17
C CYS K 103 -16.03 -4.61 -23.92
N ARG K 104 -15.89 -4.81 -25.22
CA ARG K 104 -16.99 -5.38 -25.99
C ARG K 104 -17.29 -6.80 -25.56
N TYR K 105 -16.26 -7.61 -25.36
CA TYR K 105 -16.40 -8.97 -24.86
C TYR K 105 -15.41 -9.19 -23.72
N VAL K 106 -15.86 -9.90 -22.69
CA VAL K 106 -15.04 -10.21 -21.52
C VAL K 106 -14.91 -11.73 -21.47
N HIS K 107 -13.79 -12.26 -21.96
CA HIS K 107 -13.55 -13.70 -21.95
C HIS K 107 -13.14 -14.11 -20.54
N LYS K 108 -14.15 -14.39 -19.71
CA LYS K 108 -13.92 -14.79 -18.32
C LYS K 108 -13.50 -16.25 -18.32
N VAL K 109 -12.20 -16.49 -18.32
CA VAL K 109 -11.64 -17.83 -18.39
C VAL K 109 -11.38 -18.33 -16.97
N SER K 110 -12.12 -19.37 -16.58
CA SER K 110 -11.94 -20.02 -15.29
C SER K 110 -11.52 -21.47 -15.52
N GLY K 111 -11.07 -22.11 -14.46
CA GLY K 111 -10.69 -23.51 -14.52
C GLY K 111 -9.45 -23.76 -13.70
N THR K 112 -8.76 -24.85 -14.02
CA THR K 112 -7.57 -25.27 -13.31
C THR K 112 -6.38 -25.32 -14.26
N GLY K 113 -5.19 -25.14 -13.69
CA GLY K 113 -3.97 -25.22 -14.46
C GLY K 113 -2.74 -25.10 -13.58
N PRO K 114 -1.60 -25.55 -14.09
CA PRO K 114 -0.35 -25.41 -13.33
C PRO K 114 0.01 -23.95 -13.15
N CYS K 115 0.58 -23.63 -11.98
CA CYS K 115 0.98 -22.27 -11.63
C CYS K 115 2.42 -22.35 -11.13
N ALA K 116 3.37 -22.29 -12.07
CA ALA K 116 4.78 -22.44 -11.75
C ALA K 116 5.40 -21.18 -11.18
N GLY K 117 4.69 -20.05 -11.20
CA GLY K 117 5.24 -18.82 -10.67
C GLY K 117 4.19 -18.07 -9.88
N ASP K 118 4.67 -17.13 -9.06
CA ASP K 118 3.76 -16.32 -8.25
C ASP K 118 2.94 -15.37 -9.10
N PHE K 119 3.43 -14.99 -10.28
CA PHE K 119 2.73 -14.04 -11.14
C PHE K 119 2.74 -14.54 -12.57
N ALA K 120 1.75 -14.11 -13.33
CA ALA K 120 1.60 -14.49 -14.74
C ALA K 120 2.05 -13.31 -15.60
N PHE K 121 3.15 -13.49 -16.32
CA PHE K 121 3.71 -12.45 -17.16
C PHE K 121 3.31 -12.67 -18.62
N HIS K 122 3.66 -11.71 -19.46
CA HIS K 122 3.37 -11.76 -20.88
C HIS K 122 4.62 -12.17 -21.63
N LYS K 123 4.53 -13.24 -22.42
CA LYS K 123 5.70 -13.76 -23.12
C LYS K 123 6.22 -12.79 -24.18
N GLU K 124 5.35 -11.97 -24.75
CA GLU K 124 5.77 -10.99 -25.74
C GLU K 124 6.30 -9.70 -25.12
N GLY K 125 6.28 -9.59 -23.79
CA GLY K 125 6.75 -8.40 -23.11
C GLY K 125 5.73 -7.29 -22.98
N ALA K 126 4.50 -7.50 -23.47
CA ALA K 126 3.49 -6.46 -23.39
C ALA K 126 2.92 -6.36 -21.97
N PHE K 127 2.07 -5.37 -21.77
CA PHE K 127 1.44 -5.12 -20.48
C PHE K 127 0.01 -5.65 -20.47
N PHE K 128 -0.55 -5.73 -19.28
CA PHE K 128 -1.94 -6.11 -19.07
C PHE K 128 -2.69 -4.86 -18.64
N LEU K 129 -3.41 -4.25 -19.57
CA LEU K 129 -4.07 -2.98 -19.28
C LEU K 129 -5.26 -3.20 -18.33
N TYR K 130 -5.43 -2.27 -17.41
CA TYR K 130 -6.52 -2.30 -16.45
C TYR K 130 -7.31 -1.00 -16.51
N ASP K 131 -8.15 -0.77 -15.50
CA ASP K 131 -9.02 0.41 -15.44
C ASP K 131 -8.30 1.69 -15.88
N ARG K 132 -7.20 2.01 -15.20
CA ARG K 132 -6.37 3.13 -15.63
C ARG K 132 -4.89 2.86 -15.41
N LEU K 133 -4.52 1.60 -15.15
CA LEU K 133 -3.14 1.23 -14.87
C LEU K 133 -2.73 0.05 -15.72
N ALA K 134 -1.48 0.05 -16.17
CA ALA K 134 -0.93 -1.03 -16.96
C ALA K 134 0.04 -1.82 -16.09
N SER K 135 -0.22 -3.11 -15.93
CA SER K 135 0.59 -3.98 -15.09
C SER K 135 1.20 -5.09 -15.93
N THR K 136 2.38 -5.53 -15.53
CA THR K 136 3.07 -6.62 -16.21
C THR K 136 2.59 -7.99 -15.78
N VAL K 137 1.69 -8.08 -14.79
CA VAL K 137 1.22 -9.34 -14.27
C VAL K 137 -0.31 -9.37 -14.37
N ILE K 138 -0.86 -10.57 -14.16
CA ILE K 138 -2.30 -10.81 -14.23
C ILE K 138 -2.82 -10.98 -12.81
N TYR K 139 -3.89 -10.26 -12.49
CA TYR K 139 -4.51 -10.33 -11.17
C TYR K 139 -5.80 -11.15 -11.24
N ARG K 140 -6.09 -11.84 -10.15
CA ARG K 140 -7.23 -12.75 -10.11
C ARG K 140 -8.54 -11.98 -10.18
N GLY K 141 -9.46 -12.45 -11.01
CA GLY K 141 -10.80 -11.90 -11.07
C GLY K 141 -10.86 -10.44 -11.44
N THR K 142 -10.01 -10.00 -12.38
CA THR K 142 -9.99 -8.62 -12.82
C THR K 142 -9.93 -8.60 -14.34
N THR K 143 -10.89 -7.92 -14.96
CA THR K 143 -10.92 -7.83 -16.42
C THR K 143 -9.72 -7.03 -16.91
N PHE K 144 -9.06 -7.53 -17.95
CA PHE K 144 -7.89 -6.86 -18.50
C PHE K 144 -7.83 -7.12 -20.00
N ALA K 145 -7.11 -6.23 -20.69
CA ALA K 145 -6.84 -6.37 -22.11
C ALA K 145 -5.34 -6.25 -22.32
N GLU K 146 -4.74 -7.26 -22.93
CA GLU K 146 -3.31 -7.23 -23.19
C GLU K 146 -2.99 -6.14 -24.20
N GLY K 147 -2.15 -5.19 -23.82
CA GLY K 147 -1.86 -4.07 -24.67
C GLY K 147 -0.53 -3.45 -24.32
N VAL K 148 -0.26 -2.31 -24.96
CA VAL K 148 1.00 -1.59 -24.80
C VAL K 148 0.70 -0.12 -24.57
N VAL K 149 1.66 0.58 -23.96
CA VAL K 149 1.51 1.97 -23.55
C VAL K 149 2.45 2.83 -24.38
N ALA K 150 1.93 3.95 -24.87
CA ALA K 150 2.70 4.91 -25.64
C ALA K 150 2.66 6.28 -24.97
N PHE K 151 3.80 6.97 -24.95
CA PHE K 151 3.90 8.31 -24.41
C PHE K 151 4.07 9.29 -25.56
N LEU K 152 3.22 10.32 -25.61
CA LEU K 152 3.21 11.25 -26.71
C LEU K 152 2.95 12.67 -26.19
N ILE K 153 3.29 13.66 -27.02
CA ILE K 153 3.02 15.06 -26.75
C ILE K 153 1.88 15.49 -27.65
N LEU K 154 0.75 15.89 -27.06
CA LEU K 154 -0.38 16.34 -27.84
C LEU K 154 -0.15 17.76 -28.34
N PRO K 155 -0.72 18.12 -29.48
CA PRO K 155 -0.57 19.49 -30.00
C PRO K 155 -1.32 20.49 -29.13
N GLN K 156 -1.08 21.77 -29.42
CA GLN K 156 -1.72 22.85 -28.70
C GLN K 156 -3.23 22.84 -28.91
N TYR K 181 -22.92 1.12 -24.77
CA TYR K 181 -21.85 0.32 -24.16
C TYR K 181 -22.43 -0.87 -23.38
N TYR K 182 -22.07 -2.07 -23.82
CA TYR K 182 -22.49 -3.28 -23.14
C TYR K 182 -21.43 -4.35 -23.35
N SER K 183 -21.14 -5.12 -22.29
CA SER K 183 -20.14 -6.18 -22.32
C SER K 183 -20.84 -7.53 -22.31
N THR K 184 -20.41 -8.42 -23.20
CA THR K 184 -20.96 -9.77 -23.31
C THR K 184 -19.92 -10.74 -22.75
N THR K 185 -20.10 -11.13 -21.50
CA THR K 185 -19.17 -12.06 -20.86
C THR K 185 -19.30 -13.44 -21.48
N ILE K 186 -18.16 -14.08 -21.73
CA ILE K 186 -18.11 -15.43 -22.29
C ILE K 186 -17.42 -16.33 -21.28
N ARG K 187 -18.04 -17.47 -20.98
CA ARG K 187 -17.56 -18.37 -19.95
C ARG K 187 -16.69 -19.45 -20.57
N TYR K 188 -15.52 -19.70 -19.98
CA TYR K 188 -14.61 -20.74 -20.42
C TYR K 188 -14.21 -21.60 -19.23
N GLN K 189 -14.04 -22.89 -19.48
CA GLN K 189 -13.54 -23.84 -18.49
C GLN K 189 -12.27 -24.47 -19.03
N ALA K 190 -11.12 -24.02 -18.55
CA ALA K 190 -9.82 -24.45 -19.05
C ALA K 190 -9.18 -25.40 -18.06
N THR K 191 -8.70 -26.54 -18.56
CA THR K 191 -7.97 -27.51 -17.76
C THR K 191 -6.55 -27.60 -18.31
N GLY K 192 -5.56 -27.31 -17.47
CA GLY K 192 -4.19 -27.28 -17.91
C GLY K 192 -3.79 -25.94 -18.48
N PHE K 193 -4.05 -24.87 -17.73
CA PHE K 193 -3.73 -23.52 -18.18
C PHE K 193 -2.22 -23.34 -18.25
N GLY K 194 -1.74 -22.89 -19.41
CA GLY K 194 -0.31 -22.67 -19.60
C GLY K 194 0.46 -23.84 -20.15
N THR K 195 -0.23 -24.89 -20.61
CA THR K 195 0.42 -26.06 -21.18
C THR K 195 -0.16 -26.34 -22.56
N ASN K 196 0.62 -27.07 -23.37
CA ASN K 196 0.18 -27.38 -24.73
C ASN K 196 -1.00 -28.35 -24.74
N GLU K 197 -1.27 -29.04 -23.63
CA GLU K 197 -2.43 -29.90 -23.50
C GLU K 197 -3.46 -29.15 -22.65
N THR K 198 -4.25 -28.31 -23.30
CA THR K 198 -5.27 -27.51 -22.63
C THR K 198 -6.61 -27.76 -23.30
N GLU K 199 -7.63 -28.03 -22.49
CA GLU K 199 -8.98 -28.30 -22.98
C GLU K 199 -9.90 -27.20 -22.49
N TYR K 200 -10.71 -26.66 -23.39
CA TYR K 200 -11.66 -25.59 -23.08
C TYR K 200 -13.07 -26.13 -23.22
N LEU K 201 -13.89 -25.90 -22.19
CA LEU K 201 -15.29 -26.35 -22.16
C LEU K 201 -15.40 -27.85 -22.39
N ALA L 2 9.60 9.99 -38.48
CA ALA L 2 9.24 8.94 -39.44
C ALA L 2 8.99 7.62 -38.73
N ILE L 3 7.76 7.14 -38.79
CA ILE L 3 7.35 5.89 -38.17
C ILE L 3 6.91 4.91 -39.25
N VAL L 4 7.52 3.73 -39.26
CA VAL L 4 7.16 2.67 -40.19
C VAL L 4 6.43 1.59 -39.41
N ASN L 5 5.16 1.37 -39.75
CA ASN L 5 4.33 0.40 -39.04
C ASN L 5 4.67 -1.00 -39.54
N ALA L 6 5.31 -1.79 -38.70
CA ALA L 6 5.67 -3.16 -39.05
C ALA L 6 4.63 -4.18 -38.61
N GLN L 7 3.52 -3.73 -38.03
CA GLN L 7 2.48 -4.64 -37.59
C GLN L 7 1.79 -5.28 -38.79
N PRO L 8 1.38 -6.54 -38.68
CA PRO L 8 0.69 -7.19 -39.81
C PRO L 8 -0.60 -6.50 -40.21
N LYS L 9 -1.33 -5.92 -39.25
CA LYS L 9 -2.59 -5.27 -39.54
C LYS L 9 -2.76 -4.09 -38.59
N CYS L 10 -3.17 -2.95 -39.14
CA CYS L 10 -3.44 -1.75 -38.37
C CYS L 10 -4.93 -1.44 -38.41
N ASN L 11 -5.49 -1.05 -37.27
CA ASN L 11 -6.89 -0.66 -37.20
C ASN L 11 -6.98 0.84 -37.47
N PRO L 12 -7.59 1.26 -38.58
CA PRO L 12 -7.64 2.71 -38.88
C PRO L 12 -8.40 3.51 -37.85
N ASN L 13 -9.43 2.94 -37.22
CA ASN L 13 -10.25 3.66 -36.26
C ASN L 13 -9.73 3.42 -34.85
N LEU L 14 -9.52 4.51 -34.11
CA LEU L 14 -9.04 4.45 -32.73
C LEU L 14 -10.19 4.92 -31.83
N HIS L 15 -10.98 3.96 -31.35
CA HIS L 15 -12.04 4.26 -30.40
C HIS L 15 -11.42 4.34 -29.01
N TYR L 16 -11.31 5.55 -28.47
CA TYR L 16 -10.55 5.80 -27.26
C TYR L 16 -11.47 6.21 -26.12
N TRP L 17 -11.13 5.76 -24.91
CA TRP L 17 -11.80 6.18 -23.69
C TRP L 17 -10.82 6.96 -22.83
N THR L 18 -11.30 8.02 -22.20
CA THR L 18 -10.47 8.87 -21.36
C THR L 18 -11.32 9.44 -20.25
N THR L 19 -10.66 9.88 -19.18
CA THR L 19 -11.36 10.57 -18.11
C THR L 19 -11.80 11.96 -18.58
N GLN L 20 -12.56 12.63 -17.74
CA GLN L 20 -13.05 13.96 -18.08
C GLN L 20 -11.89 14.95 -18.19
N ASP L 21 -12.12 16.02 -18.94
CA ASP L 21 -11.08 17.00 -19.23
C ASP L 21 -10.59 17.74 -18.01
N GLU L 22 -11.31 17.68 -16.88
CA GLU L 22 -10.98 18.31 -15.61
C GLU L 22 -11.13 19.83 -15.67
N GLY L 23 -11.42 20.39 -16.84
CA GLY L 23 -11.63 21.82 -16.98
C GLY L 23 -12.90 22.14 -17.73
N ALA L 24 -13.61 21.10 -18.16
CA ALA L 24 -14.86 21.27 -18.89
C ALA L 24 -15.99 21.63 -17.93
N ALA L 25 -17.16 21.93 -18.50
CA ALA L 25 -18.30 22.32 -17.70
C ALA L 25 -18.82 21.13 -16.89
N ILE L 26 -19.04 21.35 -15.59
CA ILE L 26 -19.56 20.34 -14.70
C ILE L 26 -20.65 20.96 -13.84
N GLY L 27 -21.54 20.10 -13.33
CA GLY L 27 -22.61 20.56 -12.47
C GLY L 27 -22.42 20.12 -11.04
N LEU L 28 -23.23 19.16 -10.58
CA LEU L 28 -23.07 18.57 -9.27
C LEU L 28 -22.26 17.28 -9.32
N ALA L 29 -21.79 16.86 -10.50
CA ALA L 29 -21.09 15.59 -10.65
C ALA L 29 -19.66 15.64 -10.12
N TRP L 30 -19.11 16.83 -9.89
CA TRP L 30 -17.75 16.90 -9.35
C TRP L 30 -17.70 16.46 -7.89
N ILE L 31 -18.81 16.55 -7.18
CA ILE L 31 -18.86 16.04 -5.80
C ILE L 31 -18.84 14.51 -5.84
N PRO L 32 -17.93 13.86 -5.12
CA PRO L 32 -17.91 12.38 -5.14
C PRO L 32 -19.20 11.75 -4.67
N TYR L 33 -19.89 12.36 -3.71
CA TYR L 33 -21.14 11.77 -3.23
C TYR L 33 -22.22 11.79 -4.30
N PHE L 34 -22.32 12.87 -5.06
CA PHE L 34 -23.30 12.97 -6.13
C PHE L 34 -22.74 12.59 -7.50
N GLY L 35 -21.45 12.32 -7.59
CA GLY L 35 -20.83 12.01 -8.87
C GLY L 35 -21.10 10.60 -9.30
N PRO L 36 -20.71 10.30 -10.54
CA PRO L 36 -20.90 8.94 -11.07
C PRO L 36 -19.90 7.97 -10.47
N ALA L 37 -20.15 6.69 -10.73
CA ALA L 37 -19.26 5.64 -10.26
C ALA L 37 -17.96 5.65 -11.08
N ALA L 38 -17.08 4.70 -10.77
CA ALA L 38 -15.79 4.64 -11.46
C ALA L 38 -15.96 4.37 -12.95
N GLU L 39 -17.02 3.67 -13.34
CA GLU L 39 -17.25 3.39 -14.75
C GLU L 39 -17.78 4.60 -15.50
N GLY L 40 -18.61 5.43 -14.85
CA GLY L 40 -19.26 6.53 -15.53
C GLY L 40 -18.41 7.76 -15.78
N ILE L 41 -17.23 7.84 -15.16
CA ILE L 41 -16.41 9.03 -15.29
C ILE L 41 -15.72 9.10 -16.65
N TYR L 42 -15.62 7.99 -17.37
CA TYR L 42 -14.92 7.97 -18.64
C TYR L 42 -15.79 8.58 -19.75
N THR L 43 -15.14 9.32 -20.65
CA THR L 43 -15.79 9.87 -21.83
C THR L 43 -15.15 9.23 -23.07
N GLU L 44 -15.98 8.79 -23.99
CA GLU L 44 -15.52 8.07 -25.17
C GLU L 44 -15.39 9.01 -26.37
N GLY L 45 -14.81 8.49 -27.43
CA GLY L 45 -14.66 9.25 -28.66
C GLY L 45 -14.06 8.39 -29.74
N LEU L 46 -14.02 8.96 -30.94
CA LEU L 46 -13.43 8.31 -32.11
C LEU L 46 -12.33 9.20 -32.66
N MET L 47 -11.22 8.57 -33.06
CA MET L 47 -10.02 9.28 -33.49
C MET L 47 -9.55 8.78 -34.85
N HIS L 48 -10.47 8.71 -35.80
CA HIS L 48 -10.14 8.36 -37.19
C HIS L 48 -9.47 9.57 -37.83
N ASN L 49 -8.20 9.78 -37.47
CA ASN L 49 -7.44 10.97 -37.86
C ASN L 49 -6.43 10.56 -38.94
N GLN L 50 -6.87 10.62 -40.20
CA GLN L 50 -6.03 10.53 -41.39
C GLN L 50 -5.34 9.17 -41.54
N ASP L 51 -5.57 8.28 -40.57
CA ASP L 51 -5.05 6.91 -40.53
C ASP L 51 -3.54 6.85 -40.37
N GLY L 52 -2.85 7.99 -40.40
CA GLY L 52 -1.41 8.00 -40.23
C GLY L 52 -1.00 8.23 -38.80
N LEU L 53 -1.84 8.96 -38.06
CA LEU L 53 -1.62 9.20 -36.64
C LEU L 53 -1.94 7.98 -35.78
N ILE L 54 -2.66 7.01 -36.33
CA ILE L 54 -3.09 5.84 -35.57
C ILE L 54 -2.16 4.65 -35.79
N CYS L 55 -1.84 4.34 -37.05
CA CYS L 55 -0.93 3.23 -37.32
C CYS L 55 0.48 3.52 -36.84
N GLY L 56 0.89 4.80 -36.87
CA GLY L 56 2.16 5.17 -36.28
C GLY L 56 2.14 5.22 -34.77
N LEU L 57 0.95 5.37 -34.17
CA LEU L 57 0.84 5.31 -32.72
C LEU L 57 0.92 3.87 -32.21
N ARG L 58 0.33 2.93 -32.94
CA ARG L 58 0.41 1.53 -32.57
C ARG L 58 1.83 0.98 -32.73
N GLN L 59 2.65 1.61 -33.56
CA GLN L 59 4.05 1.24 -33.66
C GLN L 59 4.92 1.96 -32.63
N LEU L 60 4.57 3.20 -32.29
CA LEU L 60 5.28 3.89 -31.22
C LEU L 60 5.09 3.18 -29.89
N ALA L 61 3.87 2.71 -29.62
CA ALA L 61 3.62 1.94 -28.40
C ALA L 61 4.41 0.65 -28.40
N ASN L 62 4.53 0.00 -29.57
CA ASN L 62 5.30 -1.24 -29.65
C ASN L 62 6.77 -1.00 -29.31
N GLU L 63 7.35 0.08 -29.83
CA GLU L 63 8.75 0.38 -29.54
C GLU L 63 8.95 0.89 -28.12
N THR L 64 7.95 1.59 -27.58
CA THR L 64 8.06 2.11 -26.21
C THR L 64 8.13 0.99 -25.19
N THR L 65 7.57 -0.18 -25.51
CA THR L 65 7.50 -1.26 -24.54
C THR L 65 8.88 -1.75 -24.12
N GLN L 66 9.81 -1.84 -25.07
CA GLN L 66 11.15 -2.34 -24.74
C GLN L 66 11.84 -1.43 -23.73
N ALA L 67 11.74 -0.12 -23.92
CA ALA L 67 12.34 0.81 -22.98
C ALA L 67 11.52 0.93 -21.70
N LEU L 68 10.20 0.88 -21.81
CA LEU L 68 9.34 1.01 -20.62
C LEU L 68 9.52 -0.17 -19.68
N GLN L 69 9.67 -1.38 -20.22
CA GLN L 69 9.88 -2.55 -19.38
C GLN L 69 11.20 -2.45 -18.61
N LEU L 70 12.25 -1.96 -19.27
CA LEU L 70 13.52 -1.75 -18.59
C LEU L 70 13.39 -0.67 -17.51
N PHE L 71 12.65 0.40 -17.81
CA PHE L 71 12.46 1.46 -16.83
C PHE L 71 11.72 0.97 -15.60
N LEU L 72 10.67 0.17 -15.80
CA LEU L 72 9.91 -0.36 -14.67
C LEU L 72 10.73 -1.34 -13.86
N ARG L 73 11.58 -2.12 -14.53
CA ARG L 73 12.42 -3.09 -13.82
C ARG L 73 13.41 -2.38 -12.91
N ALA L 74 13.98 -1.26 -13.36
CA ALA L 74 14.91 -0.51 -12.53
C ALA L 74 14.21 0.11 -11.33
N THR L 75 13.00 0.62 -11.52
CA THR L 75 12.27 1.25 -10.42
C THR L 75 11.87 0.23 -9.37
N THR L 76 11.92 0.65 -8.11
CA THR L 76 11.57 -0.20 -6.97
C THR L 76 10.17 0.09 -6.45
N GLU L 77 9.39 0.90 -7.14
CA GLU L 77 8.04 1.24 -6.71
C GLU L 77 7.02 0.34 -7.40
N LEU L 78 6.00 -0.06 -6.65
CA LEU L 78 4.97 -0.95 -7.20
C LEU L 78 4.21 -0.27 -8.33
N ARG L 79 3.86 1.01 -8.15
CA ARG L 79 3.15 1.78 -9.15
C ARG L 79 3.95 3.02 -9.52
N THR L 80 3.99 3.33 -10.81
CA THR L 80 4.72 4.49 -11.32
C THR L 80 3.73 5.46 -11.92
N PHE L 81 3.74 6.70 -11.44
CA PHE L 81 2.86 7.75 -11.94
C PHE L 81 3.62 8.97 -12.46
N SER L 82 4.94 9.00 -12.34
CA SER L 82 5.73 10.18 -12.64
C SER L 82 6.48 10.07 -13.97
N ILE L 83 6.07 9.14 -14.85
CA ILE L 83 6.74 9.00 -16.13
C ILE L 83 6.59 10.27 -16.96
N LEU L 84 5.37 10.82 -16.99
CA LEU L 84 5.15 12.07 -17.71
C LEU L 84 5.88 13.23 -17.03
N ASN L 85 5.87 13.25 -15.69
CA ASN L 85 6.59 14.30 -14.97
C ASN L 85 8.08 14.25 -15.25
N ARG L 86 8.66 13.05 -15.25
CA ARG L 86 10.08 12.92 -15.58
C ARG L 86 10.35 13.32 -17.02
N LYS L 87 9.47 12.95 -17.94
CA LYS L 87 9.63 13.35 -19.34
C LYS L 87 9.58 14.86 -19.50
N ALA L 88 8.67 15.53 -18.77
CA ALA L 88 8.62 16.98 -18.80
C ALA L 88 9.91 17.58 -18.24
N ILE L 89 10.42 17.00 -17.15
CA ILE L 89 11.67 17.50 -16.56
C ILE L 89 12.84 17.29 -17.52
N ASP L 90 12.92 16.10 -18.13
CA ASP L 90 14.01 15.83 -19.07
C ASP L 90 13.93 16.75 -20.28
N PHE L 91 12.72 16.98 -20.80
CA PHE L 91 12.56 17.89 -21.92
C PHE L 91 12.95 19.31 -21.53
N LEU L 92 12.55 19.75 -20.34
CA LEU L 92 12.80 21.13 -19.92
C LEU L 92 14.25 21.33 -19.50
N LEU L 93 14.87 20.33 -18.88
CA LEU L 93 16.27 20.44 -18.50
C LEU L 93 17.17 20.58 -19.73
N GLN L 94 16.90 19.80 -20.77
CA GLN L 94 17.72 19.87 -21.97
C GLN L 94 17.44 21.15 -22.77
N ARG L 95 16.19 21.61 -22.78
CA ARG L 95 15.87 22.85 -23.46
C ARG L 95 16.59 24.04 -22.83
N TRP L 96 16.60 24.11 -21.50
CA TRP L 96 17.18 25.23 -20.76
C TRP L 96 16.55 26.55 -21.21
N GLY L 97 15.23 26.53 -21.40
CA GLY L 97 14.51 27.71 -21.84
C GLY L 97 13.15 27.37 -22.42
N GLN M 1 8.71 -4.62 -46.14
CA GLN M 1 9.80 -5.49 -45.70
C GLN M 1 11.02 -4.66 -45.33
N VAL M 2 11.93 -5.27 -44.58
CA VAL M 2 13.15 -4.61 -44.12
C VAL M 2 14.27 -4.90 -45.10
N GLN M 3 14.90 -3.86 -45.63
CA GLN M 3 16.01 -3.98 -46.58
C GLN M 3 17.18 -3.18 -46.04
N LEU M 4 18.27 -3.86 -45.71
CA LEU M 4 19.51 -3.22 -45.25
C LEU M 4 20.48 -3.21 -46.41
N GLN M 5 20.39 -2.16 -47.23
CA GLN M 5 21.27 -2.02 -48.39
C GLN M 5 22.64 -1.51 -47.93
N GLN M 6 23.67 -2.29 -48.21
CA GLN M 6 25.03 -1.95 -47.79
C GLN M 6 25.82 -1.35 -48.94
N SER M 7 26.92 -0.68 -48.59
CA SER M 7 27.72 0.01 -49.59
C SER M 7 28.44 -1.00 -50.49
N GLY M 8 29.10 -0.47 -51.52
CA GLY M 8 29.79 -1.30 -52.48
C GLY M 8 31.14 -1.79 -51.97
N THR M 9 31.79 -2.58 -52.81
CA THR M 9 33.08 -3.16 -52.46
C THR M 9 34.15 -2.07 -52.36
N GLU M 10 35.31 -2.44 -51.84
CA GLU M 10 36.39 -1.50 -51.63
C GLU M 10 37.73 -2.20 -51.78
N LEU M 11 38.75 -1.41 -52.12
CA LEU M 11 40.11 -1.92 -52.31
C LEU M 11 41.14 -0.98 -51.70
N VAL M 12 40.77 -0.29 -50.62
CA VAL M 12 41.65 0.70 -50.01
C VAL M 12 42.98 0.06 -49.63
N LYS M 13 44.06 0.84 -49.76
CA LYS M 13 45.39 0.37 -49.45
C LYS M 13 45.58 0.27 -47.94
N PRO M 14 46.55 -0.54 -47.49
CA PRO M 14 46.79 -0.66 -46.04
C PRO M 14 47.20 0.68 -45.43
N GLY M 15 46.79 0.87 -44.18
CA GLY M 15 47.10 2.08 -43.44
C GLY M 15 46.13 3.22 -43.60
N ALA M 16 45.29 3.20 -44.64
CA ALA M 16 44.28 4.24 -44.83
C ALA M 16 43.04 3.90 -44.00
N SER M 17 41.97 4.67 -44.18
CA SER M 17 40.72 4.46 -43.47
C SER M 17 39.57 4.43 -44.46
N VAL M 18 38.65 3.50 -44.24
CA VAL M 18 37.48 3.32 -45.11
C VAL M 18 36.23 3.41 -44.25
N LYS M 19 35.21 4.11 -44.77
CA LYS M 19 33.95 4.30 -44.09
C LYS M 19 32.87 3.57 -44.89
N LEU M 20 32.37 2.47 -44.35
CA LEU M 20 31.37 1.63 -45.02
C LEU M 20 29.99 2.01 -44.49
N SER M 21 29.18 2.63 -45.34
CA SER M 21 27.86 3.10 -44.95
C SER M 21 26.80 2.11 -45.46
N CYS M 22 26.02 1.56 -44.54
CA CYS M 22 24.97 0.60 -44.84
C CYS M 22 23.62 1.25 -44.62
N LYS M 23 22.88 1.48 -45.70
CA LYS M 23 21.58 2.14 -45.62
C LYS M 23 20.52 1.17 -45.12
N ALA M 24 19.62 1.67 -44.28
CA ALA M 24 18.54 0.89 -43.71
C ALA M 24 17.20 1.50 -44.09
N SER M 25 16.26 0.64 -44.47
CA SER M 25 14.95 1.09 -44.91
C SER M 25 13.90 0.06 -44.51
N GLY M 26 12.64 0.49 -44.52
CA GLY M 26 11.53 -0.39 -44.19
C GLY M 26 11.20 -0.49 -42.73
N TYR M 27 11.89 0.25 -41.86
CA TYR M 27 11.61 0.23 -40.43
C TYR M 27 12.11 1.52 -39.81
N THR M 28 11.65 1.77 -38.58
CA THR M 28 12.09 2.94 -37.84
C THR M 28 13.56 2.74 -37.45
N PHE M 29 14.44 3.54 -38.06
CA PHE M 29 15.87 3.31 -37.90
C PHE M 29 16.31 3.50 -36.46
N THR M 30 15.78 4.51 -35.77
CA THR M 30 16.20 4.78 -34.41
C THR M 30 15.72 3.74 -33.41
N SER M 31 14.69 2.98 -33.76
CA SER M 31 14.10 2.04 -32.80
C SER M 31 14.98 0.80 -32.60
N TYR M 32 15.57 0.28 -33.67
CA TYR M 32 16.33 -0.96 -33.62
C TYR M 32 17.83 -0.68 -33.65
N TRP M 33 18.58 -1.42 -32.86
CA TRP M 33 20.04 -1.33 -32.87
C TRP M 33 20.60 -1.84 -34.19
N MET M 34 21.77 -1.33 -34.55
CA MET M 34 22.48 -1.75 -35.75
C MET M 34 23.76 -2.47 -35.34
N HIS M 35 23.99 -3.65 -35.89
CA HIS M 35 25.14 -4.48 -35.56
C HIS M 35 25.94 -4.76 -36.83
N TRP M 36 27.26 -4.78 -36.69
CA TRP M 36 28.17 -5.04 -37.79
C TRP M 36 28.93 -6.34 -37.54
N VAL M 37 28.97 -7.19 -38.55
CA VAL M 37 29.61 -8.51 -38.46
C VAL M 37 30.64 -8.63 -39.57
N LYS M 38 31.84 -9.08 -39.22
CA LYS M 38 32.91 -9.32 -40.17
C LYS M 38 33.07 -10.82 -40.39
N GLN M 39 33.13 -11.22 -41.66
CA GLN M 39 33.33 -12.63 -42.02
C GLN M 39 34.64 -12.76 -42.77
N ARG M 40 35.64 -13.38 -42.14
CA ARG M 40 36.86 -13.72 -42.84
C ARG M 40 36.59 -14.84 -43.84
N PRO M 41 37.35 -14.89 -44.94
CA PRO M 41 37.09 -15.92 -45.97
C PRO M 41 37.24 -17.34 -45.44
N GLY M 42 36.12 -18.08 -45.43
CA GLY M 42 36.14 -19.46 -44.97
C GLY M 42 36.50 -19.64 -43.52
N GLN M 43 36.13 -18.68 -42.66
CA GLN M 43 36.43 -18.75 -41.24
C GLN M 43 35.18 -18.73 -40.37
N GLY M 44 34.33 -17.73 -40.54
CA GLY M 44 33.13 -17.63 -39.75
C GLY M 44 32.75 -16.17 -39.56
N LEU M 45 31.72 -15.96 -38.75
CA LEU M 45 31.19 -14.63 -38.48
C LEU M 45 31.79 -14.09 -37.19
N GLU M 46 32.31 -12.87 -37.24
CA GLU M 46 32.89 -12.20 -36.09
C GLU M 46 32.09 -10.93 -35.81
N TRP M 47 31.58 -10.81 -34.60
CA TRP M 47 30.82 -9.63 -34.21
C TRP M 47 31.78 -8.47 -33.94
N ILE M 48 31.54 -7.34 -34.59
CA ILE M 48 32.42 -6.18 -34.46
C ILE M 48 31.92 -5.27 -33.35
N GLY M 49 30.71 -4.74 -33.53
CA GLY M 49 30.17 -3.81 -32.55
C GLY M 49 28.73 -3.48 -32.86
N GLU M 50 28.14 -2.67 -31.98
CA GLU M 50 26.75 -2.27 -32.08
C GLU M 50 26.63 -0.77 -31.87
N ILE M 51 25.66 -0.16 -32.56
CA ILE M 51 25.39 1.26 -32.44
C ILE M 51 23.88 1.45 -32.28
N ASN M 52 23.49 2.30 -31.33
CA ASN M 52 22.08 2.57 -31.09
C ASN M 52 21.73 3.92 -31.68
N PRO M 53 20.97 3.97 -32.77
CA PRO M 53 20.61 5.28 -33.36
C PRO M 53 19.79 6.16 -32.43
N ARG M 54 19.02 5.56 -31.52
CA ARG M 54 18.15 6.34 -30.65
C ARG M 54 18.96 7.27 -29.74
N ASN M 55 20.03 6.76 -29.16
CA ASN M 55 20.82 7.52 -28.20
C ASN M 55 22.26 7.76 -28.63
N GLY M 56 22.74 7.10 -29.70
CA GLY M 56 24.11 7.22 -30.11
C GLY M 56 25.09 6.36 -29.33
N ARG M 57 24.60 5.58 -28.37
CA ARG M 57 25.48 4.70 -27.60
C ARG M 57 26.04 3.60 -28.49
N THR M 58 27.33 3.34 -28.37
CA THR M 58 28.00 2.33 -29.18
C THR M 58 28.87 1.45 -28.29
N ASP M 59 28.92 0.16 -28.61
CA ASP M 59 29.73 -0.81 -27.90
C ASP M 59 30.46 -1.67 -28.91
N PHE M 60 31.70 -2.04 -28.59
CA PHE M 60 32.53 -2.83 -29.49
C PHE M 60 33.10 -4.03 -28.75
N SER M 61 33.57 -5.01 -29.52
CA SER M 61 34.32 -6.11 -28.96
C SER M 61 35.67 -5.61 -28.46
N GLU M 62 36.25 -6.35 -27.51
CA GLU M 62 37.53 -5.95 -26.94
C GLU M 62 38.61 -5.85 -28.01
N LYS M 63 38.58 -6.76 -28.98
CA LYS M 63 39.54 -6.69 -30.09
C LYS M 63 39.23 -5.51 -31.01
N PHE M 64 37.96 -5.14 -31.16
CA PHE M 64 37.54 -4.10 -32.09
C PHE M 64 37.25 -2.78 -31.39
N LYS M 65 37.70 -2.61 -30.14
CA LYS M 65 37.43 -1.38 -29.41
C LYS M 65 38.03 -0.17 -30.11
N SER M 66 39.28 -0.28 -30.58
CA SER M 66 39.96 0.82 -31.24
C SER M 66 39.94 0.73 -32.75
N LYS M 67 39.80 -0.48 -33.31
CA LYS M 67 39.85 -0.65 -34.76
C LYS M 67 38.64 0.00 -35.44
N ALA M 68 37.47 -0.14 -34.85
CA ALA M 68 36.21 0.27 -35.49
C ALA M 68 35.57 1.43 -34.74
N THR M 69 35.00 2.36 -35.49
CA THR M 69 34.23 3.47 -34.94
C THR M 69 32.86 3.48 -35.61
N LEU M 70 31.80 3.56 -34.80
CA LEU M 70 30.43 3.48 -35.28
C LEU M 70 29.73 4.82 -35.12
N THR M 71 29.16 5.32 -36.22
CA THR M 71 28.36 6.53 -36.21
C THR M 71 27.12 6.31 -37.09
N VAL M 72 26.04 7.00 -36.74
CA VAL M 72 24.79 6.92 -37.50
C VAL M 72 24.22 8.32 -37.67
N ASP M 73 23.35 8.47 -38.66
CA ASP M 73 22.65 9.72 -38.92
C ASP M 73 21.15 9.43 -38.95
N THR M 74 20.39 10.14 -38.11
CA THR M 74 18.96 9.89 -38.04
C THR M 74 18.25 10.29 -39.33
N SER M 75 18.60 11.45 -39.88
CA SER M 75 17.93 11.92 -41.09
C SER M 75 18.22 11.02 -42.28
N SER M 76 19.47 10.60 -42.45
CA SER M 76 19.83 9.74 -43.58
C SER M 76 19.40 8.30 -43.38
N SER M 77 19.16 7.88 -42.13
CA SER M 77 18.80 6.50 -41.81
C SER M 77 19.84 5.52 -42.35
N THR M 78 21.11 5.90 -42.24
CA THR M 78 22.22 5.10 -42.74
C THR M 78 23.25 4.94 -41.63
N ALA M 79 23.76 3.71 -41.50
CA ALA M 79 24.78 3.39 -40.50
C ALA M 79 26.11 3.20 -41.20
N PHE M 80 27.11 3.97 -40.78
CA PHE M 80 28.45 3.92 -41.37
C PHE M 80 29.47 3.57 -40.31
N ILE M 81 30.40 2.69 -40.65
CA ILE M 81 31.47 2.26 -39.76
C ILE M 81 32.80 2.66 -40.38
N GLN M 82 33.65 3.30 -39.59
CA GLN M 82 34.96 3.75 -40.04
C GLN M 82 36.04 2.93 -39.34
N LEU M 83 36.91 2.32 -40.14
CA LEU M 83 37.98 1.47 -39.63
C LEU M 83 39.31 2.21 -39.69
N SER M 84 40.21 1.86 -38.76
CA SER M 84 41.51 2.48 -38.66
C SER M 84 42.60 1.41 -38.58
N SER M 85 43.78 1.76 -39.09
CA SER M 85 44.94 0.87 -39.10
C SER M 85 44.61 -0.46 -39.79
N LEU M 86 44.07 -0.36 -41.00
CA LEU M 86 43.72 -1.54 -41.77
C LEU M 86 44.96 -2.31 -42.19
N THR M 87 44.88 -3.63 -42.11
CA THR M 87 45.95 -4.53 -42.53
C THR M 87 45.42 -5.52 -43.56
N SER M 88 46.27 -6.47 -43.95
CA SER M 88 45.85 -7.49 -44.90
C SER M 88 44.75 -8.38 -44.32
N GLU M 89 44.89 -8.77 -43.06
CA GLU M 89 43.88 -9.61 -42.42
C GLU M 89 42.60 -8.86 -42.10
N ASP M 90 42.66 -7.53 -41.98
CA ASP M 90 41.46 -6.75 -41.76
C ASP M 90 40.55 -6.73 -42.99
N SER M 91 41.08 -7.06 -44.16
CA SER M 91 40.27 -7.09 -45.38
C SER M 91 39.41 -8.34 -45.38
N ALA M 92 38.09 -8.15 -45.35
CA ALA M 92 37.13 -9.26 -45.32
C ALA M 92 35.78 -8.73 -45.77
N VAL M 93 34.75 -9.55 -45.59
CA VAL M 93 33.38 -9.19 -45.96
C VAL M 93 32.65 -8.71 -44.71
N TYR M 94 32.05 -7.53 -44.80
CA TYR M 94 31.38 -6.90 -43.67
C TYR M 94 29.87 -6.91 -43.90
N TYR M 95 29.13 -7.34 -42.88
CA TYR M 95 27.68 -7.41 -42.93
C TYR M 95 27.07 -6.51 -41.87
N CYS M 96 26.03 -5.78 -42.24
CA CYS M 96 25.24 -5.00 -41.31
C CYS M 96 23.94 -5.75 -41.04
N ALA M 97 23.68 -6.05 -39.78
CA ALA M 97 22.50 -6.81 -39.37
C ALA M 97 21.68 -5.97 -38.41
N ARG M 98 20.37 -5.91 -38.65
CA ARG M 98 19.47 -5.15 -37.78
C ARG M 98 19.16 -5.97 -36.54
N TRP M 99 19.44 -5.39 -35.37
CA TRP M 99 19.10 -6.05 -34.12
C TRP M 99 17.59 -6.07 -33.94
N GLY M 100 17.02 -7.26 -33.85
CA GLY M 100 15.58 -7.39 -33.80
C GLY M 100 14.96 -6.86 -32.53
N TYR M 101 13.63 -6.87 -32.51
CA TYR M 101 12.90 -6.41 -31.33
C TYR M 101 13.19 -7.28 -30.12
N TYR M 102 13.48 -8.56 -30.33
CA TYR M 102 13.80 -9.49 -29.26
C TYR M 102 15.28 -9.86 -29.24
N GLY M 103 16.11 -9.17 -30.01
CA GLY M 103 17.54 -9.42 -30.01
C GLY M 103 18.06 -10.32 -31.10
N SER M 104 17.27 -10.62 -32.12
CA SER M 104 17.69 -11.49 -33.20
C SER M 104 18.04 -10.66 -34.42
N SER M 105 19.26 -10.83 -34.94
CA SER M 105 19.69 -10.13 -36.15
C SER M 105 19.02 -10.80 -37.34
N ASP M 106 17.72 -10.48 -37.51
CA ASP M 106 16.92 -11.16 -38.51
C ASP M 106 17.27 -10.73 -39.92
N TYR M 107 17.43 -9.43 -40.14
CA TYR M 107 17.69 -8.89 -41.47
C TYR M 107 19.15 -8.48 -41.58
N TRP M 108 19.84 -9.00 -42.58
CA TRP M 108 21.25 -8.73 -42.83
C TRP M 108 21.40 -7.90 -44.10
N GLY M 109 22.64 -7.50 -44.36
CA GLY M 109 22.94 -6.72 -45.54
C GLY M 109 23.74 -7.50 -46.56
N GLN M 110 23.77 -7.00 -47.80
CA GLN M 110 24.55 -7.65 -48.85
C GLN M 110 26.04 -7.58 -48.52
N GLY M 111 26.75 -8.65 -48.86
CA GLY M 111 28.17 -8.73 -48.56
C GLY M 111 29.00 -7.63 -49.17
N THR M 112 29.79 -6.95 -48.34
CA THR M 112 30.65 -5.86 -48.78
C THR M 112 32.10 -6.28 -48.56
N ALA M 113 32.81 -6.56 -49.65
CA ALA M 113 34.20 -6.98 -49.57
C ALA M 113 35.10 -5.79 -49.27
N LEU M 114 36.25 -6.08 -48.66
CA LEU M 114 37.23 -5.04 -48.34
C LEU M 114 38.65 -5.58 -48.49
N ALA M 137 34.70 -15.28 -19.30
CA ALA M 137 34.67 -14.06 -18.50
C ALA M 137 33.27 -13.44 -18.52
N SER M 138 33.22 -12.11 -18.57
CA SER M 138 31.94 -11.42 -18.61
C SER M 138 31.17 -11.75 -19.88
N ASP M 139 31.86 -11.81 -21.01
CA ASP M 139 31.20 -12.12 -22.28
C ASP M 139 30.75 -13.57 -22.32
N ILE M 140 29.60 -13.81 -22.92
CA ILE M 140 29.06 -15.16 -23.07
C ILE M 140 29.71 -15.80 -24.30
N VAL M 141 30.27 -16.99 -24.10
CA VAL M 141 30.94 -17.73 -25.18
C VAL M 141 30.03 -18.88 -25.60
N VAL M 142 29.63 -18.89 -26.86
CA VAL M 142 28.80 -19.95 -27.42
C VAL M 142 29.67 -20.76 -28.38
N THR M 143 29.76 -22.06 -28.13
CA THR M 143 30.58 -22.97 -28.94
C THR M 143 29.75 -24.15 -29.39
N GLN M 144 29.84 -24.48 -30.67
CA GLN M 144 29.11 -25.61 -31.22
C GLN M 144 29.94 -26.88 -31.08
N SER M 145 29.23 -28.02 -30.99
CA SER M 145 29.89 -29.29 -30.67
C SER M 145 30.84 -29.72 -31.78
N HIS M 146 30.39 -29.73 -33.02
CA HIS M 146 31.19 -30.19 -34.14
C HIS M 146 31.19 -29.15 -35.25
N LYS M 147 32.38 -28.82 -35.76
CA LYS M 147 32.51 -27.86 -36.84
C LYS M 147 32.19 -28.47 -38.20
N PHE M 148 32.49 -29.75 -38.41
CA PHE M 148 32.40 -30.35 -39.73
C PHE M 148 31.44 -31.53 -39.77
N MET M 149 30.24 -31.36 -39.22
CA MET M 149 29.23 -32.43 -39.28
C MET M 149 28.94 -32.81 -40.73
N SER M 150 28.96 -34.11 -41.00
CA SER M 150 28.74 -34.63 -42.34
C SER M 150 27.61 -35.65 -42.30
N THR M 151 26.72 -35.58 -43.29
CA THR M 151 25.59 -36.51 -43.37
C THR M 151 25.11 -36.57 -44.81
N SER M 152 24.33 -37.61 -45.09
CA SER M 152 23.75 -37.79 -46.42
C SER M 152 22.34 -37.19 -46.46
N VAL M 153 21.79 -37.13 -47.67
CA VAL M 153 20.46 -36.55 -47.85
C VAL M 153 19.41 -37.48 -47.25
N GLY M 154 18.43 -36.89 -46.57
CA GLY M 154 17.35 -37.62 -45.96
C GLY M 154 17.55 -37.98 -44.51
N ASP M 155 18.79 -37.89 -44.01
CA ASP M 155 19.07 -38.22 -42.62
C ASP M 155 18.73 -37.04 -41.71
N ARG M 156 18.69 -37.32 -40.41
CA ARG M 156 18.39 -36.33 -39.39
C ARG M 156 19.63 -36.08 -38.55
N VAL M 157 20.02 -34.81 -38.41
CA VAL M 157 21.18 -34.43 -37.63
C VAL M 157 20.79 -33.32 -36.66
N SER M 158 21.55 -33.21 -35.58
CA SER M 158 21.32 -32.21 -34.55
C SER M 158 22.59 -31.40 -34.34
N ILE M 159 22.45 -30.09 -34.28
CA ILE M 159 23.56 -29.17 -34.00
C ILE M 159 23.36 -28.63 -32.60
N THR M 160 24.35 -28.85 -31.73
CA THR M 160 24.26 -28.48 -30.33
C THR M 160 25.10 -27.25 -30.06
N CYS M 161 24.51 -26.27 -29.39
CA CYS M 161 25.20 -25.04 -29.00
C CYS M 161 25.25 -24.97 -27.48
N LYS M 162 26.44 -24.73 -26.94
CA LYS M 162 26.66 -24.68 -25.50
C LYS M 162 26.91 -23.24 -25.07
N ALA M 163 26.28 -22.85 -23.96
CA ALA M 163 26.41 -21.51 -23.41
C ALA M 163 27.17 -21.57 -22.09
N SER M 164 28.10 -20.63 -21.90
CA SER M 164 28.91 -20.63 -20.69
C SER M 164 28.06 -20.38 -19.45
N GLN M 165 27.12 -19.44 -19.53
CA GLN M 165 26.25 -19.10 -18.42
C GLN M 165 24.81 -19.48 -18.74
N ASP M 166 23.97 -19.49 -17.71
CA ASP M 166 22.57 -19.86 -17.85
C ASP M 166 21.83 -18.72 -18.54
N VAL M 167 21.68 -18.84 -19.86
CA VAL M 167 20.92 -17.88 -20.64
C VAL M 167 19.52 -18.42 -20.85
N SER M 168 18.58 -17.51 -21.11
CA SER M 168 17.20 -17.89 -21.35
C SER M 168 17.10 -18.63 -22.68
N VAL M 169 15.86 -18.96 -23.06
CA VAL M 169 15.59 -19.65 -24.33
C VAL M 169 16.08 -18.87 -25.54
N ALA M 170 16.53 -17.62 -25.35
CA ALA M 170 16.94 -16.76 -26.45
C ALA M 170 18.23 -17.28 -27.08
N VAL M 171 18.10 -17.97 -28.20
CA VAL M 171 19.24 -18.41 -29.00
C VAL M 171 18.89 -18.21 -30.47
N ALA M 172 19.85 -17.73 -31.24
CA ALA M 172 19.63 -17.43 -32.66
C ALA M 172 20.46 -18.39 -33.51
N TRP M 173 19.84 -18.96 -34.54
CA TRP M 173 20.50 -19.87 -35.47
C TRP M 173 20.47 -19.26 -36.86
N TYR M 174 21.64 -19.19 -37.50
CA TYR M 174 21.79 -18.61 -38.82
C TYR M 174 22.45 -19.62 -39.75
N GLN M 175 21.99 -19.67 -41.00
CA GLN M 175 22.64 -20.42 -42.05
C GLN M 175 23.21 -19.45 -43.07
N GLN M 176 24.42 -19.74 -43.55
CA GLN M 176 25.12 -18.88 -44.51
C GLN M 176 25.61 -19.75 -45.67
N LYS M 177 24.78 -19.87 -46.70
CA LYS M 177 25.21 -20.52 -47.92
C LYS M 177 26.30 -19.70 -48.60
N THR M 178 27.20 -20.39 -49.29
CA THR M 178 28.34 -19.72 -49.92
C THR M 178 27.87 -18.67 -50.92
N GLY M 179 28.44 -17.47 -50.79
CA GLY M 179 28.08 -16.37 -51.68
C GLY M 179 26.84 -15.60 -51.29
N GLN M 180 26.25 -15.89 -50.13
CA GLN M 180 25.04 -15.22 -49.68
C GLN M 180 25.19 -14.79 -48.23
N SER M 181 24.45 -13.73 -47.87
CA SER M 181 24.47 -13.24 -46.51
C SER M 181 23.79 -14.24 -45.57
N PRO M 182 24.17 -14.26 -44.30
CA PRO M 182 23.52 -15.18 -43.35
C PRO M 182 22.03 -14.89 -43.22
N LYS M 183 21.25 -15.95 -43.06
CA LYS M 183 19.81 -15.86 -42.93
C LYS M 183 19.39 -16.46 -41.59
N LEU M 184 18.63 -15.70 -40.81
CA LEU M 184 18.13 -16.19 -39.53
C LEU M 184 17.05 -17.24 -39.76
N LEU M 185 17.14 -18.34 -39.00
CA LEU M 185 16.18 -19.43 -39.08
C LEU M 185 15.32 -19.53 -37.82
N ILE M 186 15.96 -19.63 -36.66
CA ILE M 186 15.27 -19.71 -35.38
C ILE M 186 15.77 -18.57 -34.51
N TYR M 187 14.87 -17.66 -34.14
CA TYR M 187 15.26 -16.49 -33.36
C TYR M 187 15.09 -16.68 -31.85
N SER M 188 14.73 -17.88 -31.42
CA SER M 188 14.68 -18.22 -30.00
C SER M 188 15.00 -19.71 -29.89
N ALA M 189 14.65 -20.31 -28.75
CA ALA M 189 14.86 -21.75 -28.60
C ALA M 189 14.09 -22.53 -29.65
N SER M 190 12.83 -22.15 -29.88
CA SER M 190 11.98 -22.84 -30.85
C SER M 190 11.20 -21.91 -31.77
N TYR M 191 11.34 -20.59 -31.61
CA TYR M 191 10.57 -19.66 -32.43
C TYR M 191 11.13 -19.64 -33.84
N ARG M 192 10.39 -20.20 -34.78
CA ARG M 192 10.85 -20.36 -36.15
C ARG M 192 10.46 -19.16 -36.99
N ILE M 193 11.42 -18.64 -37.76
CA ILE M 193 11.16 -17.53 -38.66
C ILE M 193 10.22 -17.97 -39.77
N THR M 194 9.23 -17.12 -40.08
CA THR M 194 8.29 -17.43 -41.15
C THR M 194 9.02 -17.51 -42.49
N GLY M 195 8.54 -18.41 -43.34
CA GLY M 195 9.16 -18.68 -44.63
C GLY M 195 10.27 -19.70 -44.58
N VAL M 196 10.85 -19.95 -43.42
CA VAL M 196 11.85 -21.02 -43.27
C VAL M 196 11.16 -22.37 -43.42
N PRO M 197 11.74 -23.33 -44.15
CA PRO M 197 11.10 -24.64 -44.27
C PRO M 197 10.91 -25.30 -42.91
N ASP M 198 9.81 -26.04 -42.77
CA ASP M 198 9.47 -26.68 -41.52
C ASP M 198 10.47 -27.77 -41.12
N ARG M 199 11.33 -28.21 -42.05
CA ARG M 199 12.33 -29.21 -41.72
C ARG M 199 13.34 -28.70 -40.71
N PHE M 200 13.54 -27.37 -40.65
CA PHE M 200 14.46 -26.77 -39.68
C PHE M 200 13.72 -26.58 -38.37
N THR M 201 13.93 -27.50 -37.43
CA THR M 201 13.29 -27.46 -36.13
C THR M 201 14.36 -27.37 -35.05
N GLY M 202 14.23 -26.38 -34.17
CA GLY M 202 15.17 -26.18 -33.09
C GLY M 202 14.47 -26.13 -31.75
N SER M 203 15.16 -26.61 -30.73
CA SER M 203 14.62 -26.61 -29.38
C SER M 203 15.78 -26.69 -28.39
N GLY M 204 15.62 -26.02 -27.26
CA GLY M 204 16.64 -26.04 -26.22
C GLY M 204 16.20 -25.21 -25.04
N SER M 205 16.96 -25.34 -23.96
CA SER M 205 16.70 -24.57 -22.75
C SER M 205 17.97 -24.54 -21.91
N GLY M 206 18.02 -23.57 -21.00
CA GLY M 206 19.19 -23.43 -20.15
C GLY M 206 20.43 -23.12 -20.96
N THR M 207 21.49 -23.91 -20.74
CA THR M 207 22.75 -23.72 -21.43
C THR M 207 22.91 -24.64 -22.63
N ASP M 208 21.90 -25.46 -22.95
CA ASP M 208 21.98 -26.40 -24.06
C ASP M 208 20.87 -26.09 -25.06
N PHE M 209 21.25 -25.91 -26.32
CA PHE M 209 20.32 -25.66 -27.41
C PHE M 209 20.66 -26.56 -28.58
N THR M 210 19.63 -27.16 -29.19
CA THR M 210 19.79 -28.09 -30.28
C THR M 210 19.07 -27.58 -31.52
N PHE M 211 19.78 -27.55 -32.64
CA PHE M 211 19.20 -27.22 -33.95
C PHE M 211 19.19 -28.49 -34.78
N THR M 212 17.99 -28.91 -35.20
CA THR M 212 17.81 -30.18 -35.88
C THR M 212 17.17 -29.98 -37.25
N ILE M 213 17.54 -30.83 -38.19
CA ILE M 213 16.95 -30.86 -39.53
C ILE M 213 16.29 -32.22 -39.69
N SER M 214 14.98 -32.22 -39.96
CA SER M 214 14.25 -33.47 -40.09
C SER M 214 14.76 -34.28 -41.28
N SER M 215 14.99 -33.62 -42.42
CA SER M 215 15.47 -34.29 -43.62
C SER M 215 16.45 -33.33 -44.31
N VAL M 216 17.74 -33.62 -44.19
CA VAL M 216 18.76 -32.77 -44.81
C VAL M 216 18.67 -32.91 -46.32
N GLN M 217 18.65 -31.77 -47.01
CA GLN M 217 18.57 -31.73 -48.46
C GLN M 217 19.84 -31.11 -49.04
N ALA M 218 19.96 -31.19 -50.37
CA ALA M 218 21.13 -30.64 -51.04
C ALA M 218 21.22 -29.13 -50.93
N GLU M 219 20.10 -28.45 -50.66
CA GLU M 219 20.09 -27.01 -50.49
C GLU M 219 20.27 -26.58 -49.04
N ASP M 220 20.37 -27.53 -48.11
CA ASP M 220 20.49 -27.22 -46.69
C ASP M 220 21.92 -27.33 -46.17
N MET M 221 22.90 -27.58 -47.04
CA MET M 221 24.28 -27.70 -46.63
C MET M 221 24.92 -26.30 -46.63
N ALA M 222 25.22 -25.79 -45.45
CA ALA M 222 25.81 -24.47 -45.29
C ALA M 222 26.42 -24.38 -43.90
N VAL M 223 27.09 -23.27 -43.63
CA VAL M 223 27.69 -23.04 -42.31
C VAL M 223 26.60 -22.49 -41.38
N TYR M 224 26.39 -23.17 -40.27
CA TYR M 224 25.38 -22.78 -39.30
C TYR M 224 26.03 -22.13 -38.09
N TYR M 225 25.47 -20.99 -37.68
CA TYR M 225 26.02 -20.19 -36.60
C TYR M 225 25.03 -20.11 -35.45
N CYS M 226 25.56 -20.04 -34.23
CA CYS M 226 24.77 -19.92 -33.01
C CYS M 226 25.08 -18.59 -32.35
N GLN M 227 24.04 -17.80 -32.10
CA GLN M 227 24.20 -16.51 -31.44
C GLN M 227 23.26 -16.44 -30.24
N GLN M 228 23.82 -16.03 -29.10
CA GLN M 228 23.05 -15.85 -27.88
C GLN M 228 22.72 -14.38 -27.70
N HIS M 229 21.46 -14.08 -27.42
CA HIS M 229 21.01 -12.70 -27.19
C HIS M 229 20.21 -12.66 -25.90
N TYR M 230 20.92 -12.52 -24.77
CA TYR M 230 20.27 -12.41 -23.47
C TYR M 230 21.16 -11.54 -22.57
N SER M 231 20.87 -10.24 -22.54
CA SER M 231 21.50 -9.30 -21.61
C SER M 231 23.02 -9.35 -21.66
N THR M 232 23.57 -9.62 -22.85
CA THR M 232 25.02 -9.70 -23.03
C THR M 232 25.46 -8.69 -24.08
N PRO M 233 26.10 -7.60 -23.70
CA PRO M 233 26.49 -6.58 -24.69
C PRO M 233 27.37 -7.16 -25.80
N PRO M 234 28.30 -8.08 -25.51
CA PRO M 234 28.99 -8.78 -26.61
C PRO M 234 28.13 -9.91 -27.16
N TRP M 235 27.61 -9.72 -28.37
CA TRP M 235 26.79 -10.73 -29.04
C TRP M 235 27.64 -11.59 -29.97
N THR M 236 28.58 -12.32 -29.37
CA THR M 236 29.49 -13.15 -30.16
C THR M 236 28.74 -14.31 -30.79
N PHE M 237 29.08 -14.60 -32.05
CA PHE M 237 28.48 -15.70 -32.78
C PHE M 237 29.16 -17.01 -32.39
N GLY M 238 28.62 -18.12 -32.93
CA GLY M 238 29.23 -19.41 -32.70
C GLY M 238 30.37 -19.70 -33.66
N GLY M 239 31.06 -20.80 -33.39
CA GLY M 239 32.19 -21.18 -34.23
C GLY M 239 31.77 -21.52 -35.65
N GLY M 240 30.65 -22.25 -35.79
CA GLY M 240 30.17 -22.63 -37.10
C GLY M 240 29.96 -24.13 -37.24
N THR M 241 29.22 -24.54 -38.28
CA THR M 241 29.02 -25.96 -38.55
C THR M 241 28.71 -26.11 -40.03
N LYS M 242 29.66 -26.68 -40.77
CA LYS M 242 29.51 -26.87 -42.20
C LYS M 242 29.03 -28.30 -42.48
N LEU M 243 27.98 -28.42 -43.27
CA LEU M 243 27.43 -29.72 -43.64
C LEU M 243 27.93 -30.17 -45.00
N VAL N 2 -11.53 -28.67 13.41
CA VAL N 2 -11.67 -29.02 12.01
C VAL N 2 -11.43 -30.52 11.81
N GLN N 3 -12.50 -31.25 11.49
CA GLN N 3 -12.40 -32.69 11.28
C GLN N 3 -13.46 -33.10 10.27
N LEU N 4 -13.22 -34.25 9.64
CA LEU N 4 -14.14 -34.83 8.67
C LEU N 4 -14.44 -36.27 9.04
N VAL N 5 -15.67 -36.68 8.79
CA VAL N 5 -16.13 -38.04 9.08
C VAL N 5 -16.83 -38.59 7.85
N GLU N 6 -16.64 -39.89 7.61
CA GLU N 6 -17.26 -40.58 6.49
C GLU N 6 -18.28 -41.59 7.01
N SER N 7 -19.39 -41.70 6.30
CA SER N 7 -20.47 -42.60 6.68
C SER N 7 -20.82 -43.51 5.51
N GLY N 8 -21.29 -44.71 5.84
CA GLY N 8 -21.64 -45.68 4.83
C GLY N 8 -20.58 -46.76 4.67
N GLY N 9 -20.53 -47.38 3.50
CA GLY N 9 -19.52 -48.39 3.24
C GLY N 9 -19.86 -49.79 3.70
N ASP N 10 -21.15 -50.10 3.86
CA ASP N 10 -21.54 -51.45 4.23
C ASP N 10 -21.27 -52.41 3.08
N LEU N 11 -21.37 -53.71 3.37
CA LEU N 11 -21.13 -54.73 2.37
C LEU N 11 -22.16 -54.61 1.25
N VAL N 12 -21.68 -54.62 0.01
CA VAL N 12 -22.52 -54.45 -1.17
C VAL N 12 -22.22 -55.58 -2.15
N GLN N 13 -23.27 -56.17 -2.72
CA GLN N 13 -23.10 -57.19 -3.73
C GLN N 13 -22.46 -56.59 -4.98
N PRO N 14 -21.81 -57.43 -5.81
CA PRO N 14 -21.20 -56.90 -7.03
C PRO N 14 -22.18 -56.18 -7.94
N GLY N 15 -23.46 -56.56 -7.92
CA GLY N 15 -24.47 -55.82 -8.64
C GLY N 15 -25.32 -54.98 -7.72
N GLY N 16 -25.08 -53.67 -7.70
CA GLY N 16 -25.83 -52.79 -6.82
C GLY N 16 -25.22 -51.40 -6.81
N SER N 17 -25.71 -50.59 -5.88
CA SER N 17 -25.27 -49.21 -5.73
C SER N 17 -24.96 -48.93 -4.27
N LEU N 18 -24.04 -47.99 -4.04
CA LEU N 18 -23.62 -47.61 -2.70
C LEU N 18 -23.57 -46.10 -2.59
N ARG N 19 -23.88 -45.59 -1.40
CA ARG N 19 -23.85 -44.17 -1.10
C ARG N 19 -22.85 -43.90 0.01
N LEU N 20 -21.95 -42.95 -0.23
CA LEU N 20 -20.95 -42.54 0.76
C LEU N 20 -21.22 -41.11 1.18
N SER N 21 -21.31 -40.86 2.48
CA SER N 21 -21.61 -39.56 3.03
C SER N 21 -20.39 -39.03 3.79
N CYS N 22 -19.95 -37.83 3.42
CA CYS N 22 -18.85 -37.15 4.11
C CYS N 22 -19.38 -35.90 4.80
N ALA N 23 -19.11 -35.80 6.10
CA ALA N 23 -19.54 -34.67 6.90
C ALA N 23 -18.34 -34.09 7.63
N ALA N 24 -18.40 -32.78 7.90
CA ALA N 24 -17.31 -32.09 8.56
C ALA N 24 -17.86 -31.11 9.58
N SER N 25 -17.02 -30.80 10.58
CA SER N 25 -17.36 -29.84 11.62
C SER N 25 -16.25 -28.81 11.70
N GLY N 26 -16.63 -27.53 11.56
CA GLY N 26 -15.69 -26.44 11.60
C GLY N 26 -15.24 -25.94 10.23
N ILE N 27 -15.48 -26.72 9.17
CA ILE N 27 -15.13 -26.33 7.82
C ILE N 27 -16.33 -26.60 6.93
N THR N 28 -16.67 -25.62 6.09
CA THR N 28 -17.80 -25.74 5.18
C THR N 28 -17.36 -26.41 3.88
N LEU N 29 -18.04 -27.49 3.52
CA LEU N 29 -17.67 -28.22 2.30
C LEU N 29 -17.94 -27.39 1.05
N SER N 30 -18.95 -26.51 1.09
CA SER N 30 -19.28 -25.70 -0.08
C SER N 30 -18.21 -24.67 -0.40
N GLY N 31 -17.40 -24.27 0.58
CA GLY N 31 -16.38 -23.27 0.37
C GLY N 31 -15.02 -23.79 -0.03
N VAL N 32 -14.82 -25.11 -0.02
CA VAL N 32 -13.54 -25.71 -0.34
C VAL N 32 -13.75 -26.84 -1.35
N TRP N 33 -12.66 -27.22 -2.00
CA TRP N 33 -12.69 -28.31 -2.98
C TRP N 33 -12.47 -29.63 -2.25
N MET N 34 -13.42 -30.56 -2.40
CA MET N 34 -13.37 -31.84 -1.70
C MET N 34 -12.95 -32.93 -2.66
N ASN N 35 -11.98 -33.75 -2.25
CA ASN N 35 -11.43 -34.81 -3.08
C ASN N 35 -11.70 -36.16 -2.44
N TRP N 36 -11.96 -37.16 -3.29
CA TRP N 36 -12.15 -38.53 -2.85
C TRP N 36 -11.03 -39.40 -3.42
N VAL N 37 -10.47 -40.26 -2.57
CA VAL N 37 -9.40 -41.16 -2.95
C VAL N 37 -9.74 -42.57 -2.49
N ARG N 38 -9.45 -43.55 -3.34
CA ARG N 38 -9.72 -44.95 -3.06
C ARG N 38 -8.43 -45.64 -2.66
N GLN N 39 -8.44 -46.30 -1.51
CA GLN N 39 -7.27 -47.01 -1.00
C GLN N 39 -7.62 -48.49 -0.92
N ALA N 40 -7.40 -49.21 -2.02
CA ALA N 40 -7.68 -50.63 -2.06
C ALA N 40 -6.64 -51.39 -1.24
N PRO N 41 -7.03 -52.51 -0.64
CA PRO N 41 -6.04 -53.32 0.10
C PRO N 41 -4.98 -53.89 -0.84
N GLY N 42 -3.73 -53.79 -0.40
CA GLY N 42 -2.61 -54.21 -1.23
C GLY N 42 -2.49 -53.42 -2.52
N LYS N 43 -2.82 -52.14 -2.49
CA LYS N 43 -2.80 -51.31 -3.69
C LYS N 43 -2.60 -49.86 -3.26
N GLY N 44 -2.03 -49.07 -4.16
CA GLY N 44 -1.76 -47.68 -3.88
C GLY N 44 -3.02 -46.84 -3.88
N LEU N 45 -2.85 -45.59 -3.44
CA LEU N 45 -3.96 -44.65 -3.41
C LEU N 45 -4.44 -44.35 -4.82
N GLU N 46 -5.77 -44.32 -4.99
CA GLU N 46 -6.40 -44.09 -6.29
C GLU N 46 -7.37 -42.93 -6.16
N TRP N 47 -7.00 -41.78 -6.72
CA TRP N 47 -7.88 -40.63 -6.74
C TRP N 47 -9.03 -40.89 -7.71
N ILE N 48 -10.26 -40.79 -7.21
CA ILE N 48 -11.45 -41.14 -7.98
C ILE N 48 -12.22 -39.91 -8.42
N GLY N 49 -12.48 -38.96 -7.51
CA GLY N 49 -13.31 -37.84 -7.84
C GLY N 49 -12.97 -36.59 -7.04
N ARG N 50 -13.59 -35.49 -7.45
CA ARG N 50 -13.38 -34.20 -6.80
C ARG N 50 -14.57 -33.30 -7.13
N ILE N 51 -15.02 -32.53 -6.14
CA ILE N 51 -16.09 -31.56 -6.31
C ILE N 51 -15.55 -30.18 -5.98
N LYS N 52 -15.80 -29.22 -6.86
CA LYS N 52 -15.32 -27.86 -6.64
C LYS N 52 -16.26 -27.11 -5.71
N SER N 53 -15.78 -25.97 -5.22
CA SER N 53 -16.57 -25.15 -4.31
C SER N 53 -17.73 -24.48 -5.03
N THR N 54 -18.71 -24.03 -4.24
CA THR N 54 -19.85 -23.33 -4.82
C THR N 54 -19.46 -21.99 -5.42
N SER N 55 -18.40 -21.37 -4.91
CA SER N 55 -17.91 -20.13 -5.50
C SER N 55 -17.44 -20.35 -6.93
N ASP N 56 -16.73 -21.45 -7.17
CA ASP N 56 -16.35 -21.85 -8.52
C ASP N 56 -17.48 -22.67 -9.13
N GLY N 57 -17.22 -23.30 -10.27
CA GLY N 57 -18.22 -24.14 -10.92
C GLY N 57 -18.66 -25.30 -10.06
N GLY N 58 -19.97 -25.47 -9.90
CA GLY N 58 -20.50 -26.55 -9.09
C GLY N 58 -20.56 -27.87 -9.83
N ARG N 59 -19.44 -28.28 -10.40
CA ARG N 59 -19.35 -29.52 -11.16
C ARG N 59 -18.28 -30.43 -10.56
N ALA N 60 -18.51 -31.73 -10.69
CA ALA N 60 -17.63 -32.74 -10.11
C ALA N 60 -16.82 -33.40 -11.21
N ASP N 61 -15.51 -33.55 -10.97
CA ASP N 61 -14.61 -34.20 -11.90
C ASP N 61 -14.23 -35.58 -11.37
N PHE N 62 -14.23 -36.57 -12.26
CA PHE N 62 -13.96 -37.95 -11.88
C PHE N 62 -12.90 -38.54 -12.80
N ALA N 63 -12.25 -39.58 -12.30
CA ALA N 63 -11.22 -40.28 -13.06
C ALA N 63 -11.87 -41.25 -14.05
N ALA N 64 -11.02 -41.98 -14.78
CA ALA N 64 -11.54 -42.92 -15.78
C ALA N 64 -12.37 -44.04 -15.18
N PRO N 65 -11.94 -44.75 -14.12
CA PRO N 65 -12.79 -45.83 -13.58
C PRO N 65 -14.09 -45.32 -12.99
N ALA N 66 -14.15 -44.06 -12.54
CA ALA N 66 -15.34 -43.50 -11.91
C ALA N 66 -16.00 -42.44 -12.80
N ARG N 67 -15.81 -42.52 -14.11
CA ARG N 67 -16.28 -41.49 -15.02
C ARG N 67 -17.80 -41.38 -14.99
N GLY N 68 -18.49 -42.46 -15.35
CA GLY N 68 -19.94 -42.43 -15.42
C GLY N 68 -20.62 -43.14 -14.27
N ARG N 69 -19.97 -44.17 -13.74
CA ARG N 69 -20.57 -44.96 -12.66
C ARG N 69 -20.76 -44.12 -11.39
N PHE N 70 -19.78 -43.28 -11.07
CA PHE N 70 -19.81 -42.50 -9.84
C PHE N 70 -20.45 -41.14 -10.07
N THR N 71 -21.28 -40.74 -9.12
CA THR N 71 -21.93 -39.43 -9.13
C THR N 71 -21.85 -38.83 -7.73
N MET N 72 -21.57 -37.54 -7.66
CA MET N 72 -21.36 -36.86 -6.39
C MET N 72 -22.39 -35.76 -6.22
N SER N 73 -23.02 -35.71 -5.04
CA SER N 73 -24.01 -34.70 -4.71
C SER N 73 -23.69 -34.09 -3.36
N ARG N 74 -24.10 -32.84 -3.17
CA ARG N 74 -23.80 -32.09 -1.96
C ARG N 74 -25.08 -31.51 -1.39
N ASP N 75 -25.21 -31.57 -0.06
CA ASP N 75 -26.34 -31.00 0.67
C ASP N 75 -25.81 -29.90 1.57
N GLU N 76 -26.10 -28.65 1.19
CA GLU N 76 -25.59 -27.51 1.95
C GLU N 76 -26.32 -27.32 3.27
N SER N 77 -27.50 -27.93 3.44
CA SER N 77 -28.26 -27.76 4.66
C SER N 77 -27.51 -28.31 5.87
N LYS N 78 -26.89 -29.49 5.72
CA LYS N 78 -26.14 -30.12 6.79
C LYS N 78 -24.65 -30.23 6.47
N ASN N 79 -24.18 -29.43 5.51
CA ASN N 79 -22.79 -29.44 5.04
C ASN N 79 -22.24 -30.85 4.92
N LYS N 80 -23.00 -31.70 4.22
CA LYS N 80 -22.63 -33.08 3.98
C LYS N 80 -22.48 -33.32 2.48
N LEU N 81 -21.48 -34.10 2.11
CA LEU N 81 -21.21 -34.45 0.72
C LEU N 81 -21.54 -35.92 0.51
N PHE N 82 -22.40 -36.20 -0.47
CA PHE N 82 -22.86 -37.55 -0.77
C PHE N 82 -22.23 -38.03 -2.06
N LEU N 83 -21.58 -39.19 -1.99
CA LEU N 83 -20.98 -39.83 -3.16
C LEU N 83 -21.79 -41.06 -3.50
N GLN N 84 -22.42 -41.05 -4.68
CA GLN N 84 -23.22 -42.17 -5.15
C GLN N 84 -22.39 -43.03 -6.09
N MET N 85 -22.39 -44.34 -5.83
CA MET N 85 -21.58 -45.30 -6.57
C MET N 85 -22.53 -46.26 -7.29
N ASN N 86 -22.97 -45.86 -8.47
CA ASN N 86 -23.87 -46.69 -9.27
C ASN N 86 -23.07 -47.72 -10.06
N ASN N 87 -23.69 -48.88 -10.26
CA ASN N 87 -23.07 -49.99 -10.98
C ASN N 87 -21.71 -50.34 -10.39
N LEU N 88 -21.75 -50.76 -9.12
CA LEU N 88 -20.53 -51.05 -8.39
C LEU N 88 -19.85 -52.30 -8.95
N GLY N 89 -18.59 -52.49 -8.54
CA GLY N 89 -17.82 -53.63 -9.00
C GLY N 89 -16.95 -54.18 -7.89
N ILE N 90 -16.39 -55.36 -8.15
CA ILE N 90 -15.54 -56.01 -7.17
C ILE N 90 -14.26 -55.21 -6.93
N GLU N 91 -13.74 -54.57 -7.99
CA GLU N 91 -12.52 -53.78 -7.86
C GLU N 91 -12.72 -52.52 -7.02
N ASP N 92 -13.96 -52.11 -6.78
CA ASP N 92 -14.26 -50.93 -5.97
C ASP N 92 -14.31 -51.31 -4.49
N THR N 93 -13.20 -51.87 -4.00
CA THR N 93 -13.08 -52.33 -2.63
C THR N 93 -11.92 -51.62 -1.96
N GLY N 94 -12.14 -51.12 -0.76
CA GLY N 94 -11.09 -50.44 -0.01
C GLY N 94 -11.60 -49.27 0.80
N MET N 95 -10.70 -48.56 1.47
CA MET N 95 -11.08 -47.41 2.28
C MET N 95 -11.22 -46.17 1.41
N TYR N 96 -12.31 -45.45 1.59
CA TYR N 96 -12.58 -44.21 0.86
C TYR N 96 -12.41 -43.05 1.82
N TYR N 97 -11.55 -42.11 1.46
CA TYR N 97 -11.23 -40.97 2.31
C TYR N 97 -11.85 -39.69 1.75
N CYS N 98 -12.01 -38.71 2.64
CA CYS N 98 -12.62 -37.43 2.30
C CYS N 98 -11.70 -36.34 2.84
N PHE N 99 -11.00 -35.64 1.95
CA PHE N 99 -10.04 -34.62 2.35
C PHE N 99 -10.16 -33.42 1.42
N THR N 100 -9.67 -32.28 1.91
CA THR N 100 -9.74 -31.03 1.16
C THR N 100 -8.47 -30.22 1.39
N ARG N 101 -7.93 -29.65 0.32
CA ARG N 101 -6.77 -28.78 0.40
C ARG N 101 -7.24 -27.37 0.76
N VAL N 102 -7.07 -26.99 2.02
CA VAL N 102 -7.45 -25.67 2.51
C VAL N 102 -6.19 -24.89 2.79
N GLN N 103 -6.00 -23.78 2.10
CA GLN N 103 -4.81 -22.96 2.20
C GLN N 103 -5.11 -21.71 3.00
N ARG N 104 -4.31 -21.47 4.05
CA ARG N 104 -4.45 -20.29 4.89
C ARG N 104 -3.07 -19.67 5.09
N ASP N 105 -2.93 -18.39 4.72
CA ASP N 105 -1.69 -17.64 4.90
C ASP N 105 -0.51 -18.32 4.23
N GLY N 106 -0.75 -18.91 3.06
CA GLY N 106 0.30 -19.55 2.29
C GLY N 106 0.58 -20.99 2.66
N THR N 107 0.06 -21.47 3.78
CA THR N 107 0.24 -22.85 4.22
C THR N 107 -1.08 -23.60 4.08
N LYS N 108 -1.02 -24.81 3.53
CA LYS N 108 -2.21 -25.60 3.28
C LYS N 108 -2.14 -26.92 4.04
N ASP N 109 -3.31 -27.42 4.43
CA ASP N 109 -3.44 -28.70 5.10
C ASP N 109 -4.60 -29.47 4.49
N ASP N 110 -4.54 -30.80 4.60
CA ASP N 110 -5.53 -31.64 3.96
C ASP N 110 -6.72 -31.97 4.86
N PHE N 111 -6.51 -32.10 6.16
CA PHE N 111 -7.56 -32.46 7.11
C PHE N 111 -8.28 -33.73 6.67
N TRP N 112 -7.52 -34.82 6.63
CA TRP N 112 -8.06 -36.10 6.21
C TRP N 112 -9.13 -36.59 7.18
N GLY N 113 -10.16 -37.25 6.64
CA GLY N 113 -11.19 -37.84 7.45
C GLY N 113 -10.79 -39.20 7.98
N ARG N 114 -11.71 -39.80 8.75
CA ARG N 114 -11.47 -41.11 9.31
C ARG N 114 -11.33 -42.16 8.20
N GLY N 115 -12.20 -42.09 7.20
CA GLY N 115 -12.17 -43.05 6.10
C GLY N 115 -13.06 -44.25 6.35
N THR N 116 -13.96 -44.53 5.42
CA THR N 116 -14.87 -45.66 5.52
C THR N 116 -14.41 -46.78 4.62
N LEU N 117 -14.41 -48.00 5.15
CA LEU N 117 -14.02 -49.18 4.39
C LEU N 117 -15.22 -49.73 3.63
N VAL N 118 -15.01 -50.09 2.37
CA VAL N 118 -16.06 -50.62 1.51
C VAL N 118 -15.66 -52.03 1.09
N THR N 119 -16.56 -52.99 1.31
CA THR N 119 -16.34 -54.38 0.94
C THR N 119 -17.37 -54.79 -0.10
N VAL N 120 -16.90 -55.39 -1.19
CA VAL N 120 -17.78 -55.83 -2.25
C VAL N 120 -17.67 -57.34 -2.44
N VAL O 3 -0.12 -41.70 -13.12
CA VAL O 3 0.67 -42.43 -14.09
C VAL O 3 2.15 -42.35 -13.71
N LEU O 4 2.47 -41.36 -12.87
CA LEU O 4 3.84 -41.21 -12.40
C LEU O 4 4.24 -42.39 -11.51
N THR O 5 5.45 -42.89 -11.70
CA THR O 5 5.90 -44.12 -11.07
C THR O 5 6.81 -43.83 -9.88
N GLN O 6 6.91 -44.83 -9.00
CA GLN O 6 7.75 -44.79 -7.82
C GLN O 6 8.48 -46.10 -7.69
N PRO O 7 9.61 -46.13 -6.99
CA PRO O 7 10.26 -47.40 -6.71
C PRO O 7 9.35 -48.30 -5.90
N PRO O 8 9.41 -49.62 -6.12
CA PRO O 8 8.54 -50.52 -5.34
C PRO O 8 8.76 -50.45 -3.85
N SER O 9 10.00 -50.26 -3.41
CA SER O 9 10.31 -50.16 -1.99
C SER O 9 11.68 -49.53 -1.82
N VAL O 10 11.91 -48.95 -0.65
CA VAL O 10 13.19 -48.37 -0.30
C VAL O 10 13.58 -48.82 1.11
N SER O 11 14.87 -48.74 1.40
CA SER O 11 15.39 -49.12 2.70
C SER O 11 16.63 -48.30 3.01
N GLY O 12 16.87 -48.10 4.31
CA GLY O 12 18.03 -47.34 4.74
C GLY O 12 18.21 -47.43 6.23
N ALA O 13 19.45 -47.20 6.67
CA ALA O 13 19.76 -47.20 8.08
C ALA O 13 19.14 -45.98 8.76
N PRO O 14 18.80 -46.09 10.05
CA PRO O 14 18.24 -44.92 10.75
C PRO O 14 19.15 -43.71 10.73
N GLY O 15 20.47 -43.91 10.84
CA GLY O 15 21.39 -42.79 10.78
C GLY O 15 21.60 -42.23 9.39
N GLN O 16 21.33 -43.02 8.35
CA GLN O 16 21.51 -42.57 6.98
C GLN O 16 20.29 -41.77 6.51
N THR O 17 20.46 -41.11 5.37
CA THR O 17 19.39 -40.35 4.74
C THR O 17 18.83 -41.14 3.55
N VAL O 18 17.53 -41.34 3.55
CA VAL O 18 16.85 -42.13 2.52
C VAL O 18 16.16 -41.17 1.55
N THR O 19 16.45 -41.33 0.26
CA THR O 19 15.86 -40.53 -0.79
C THR O 19 14.85 -41.36 -1.56
N ILE O 20 13.63 -40.85 -1.70
CA ILE O 20 12.55 -41.53 -2.40
C ILE O 20 12.36 -40.83 -3.74
N SER O 21 12.49 -41.59 -4.82
CA SER O 21 12.38 -41.04 -6.17
C SER O 21 10.94 -41.04 -6.65
N CYS O 22 10.67 -40.20 -7.65
CA CYS O 22 9.35 -40.11 -8.26
C CYS O 22 9.52 -39.55 -9.66
N THR O 23 9.35 -40.41 -10.67
CA THR O 23 9.52 -40.01 -12.06
C THR O 23 8.16 -39.68 -12.67
N GLY O 24 8.07 -38.51 -13.30
CA GLY O 24 6.84 -38.10 -13.95
C GLY O 24 6.96 -38.07 -15.45
N SER O 25 6.48 -37.01 -16.08
CA SER O 25 6.55 -36.85 -17.53
C SER O 25 6.46 -35.36 -17.85
N TYR O 26 6.28 -35.04 -19.13
CA TYR O 26 6.14 -33.66 -19.54
C TYR O 26 4.86 -33.02 -19.02
N SER O 27 3.86 -33.82 -18.68
CA SER O 27 2.59 -33.31 -18.20
C SER O 27 2.39 -33.47 -16.70
N ASN O 28 2.99 -34.50 -16.09
CA ASN O 28 2.83 -34.71 -14.66
C ASN O 28 3.68 -33.74 -13.84
N ILE O 29 4.99 -33.81 -14.01
CA ILE O 29 5.91 -32.95 -13.27
C ILE O 29 6.62 -31.95 -14.17
N GLY O 30 6.83 -32.27 -15.45
CA GLY O 30 7.46 -31.34 -16.37
C GLY O 30 6.58 -30.19 -16.80
N ALA O 31 5.28 -30.25 -16.51
CA ALA O 31 4.36 -29.17 -16.83
C ALA O 31 4.31 -28.09 -15.76
N GLY O 32 5.06 -28.24 -14.68
CA GLY O 32 5.08 -27.27 -13.61
C GLY O 32 4.15 -27.56 -12.45
N TYR O 33 3.45 -28.69 -12.48
CA TYR O 33 2.55 -29.03 -11.39
C TYR O 33 3.33 -29.33 -10.11
N ASP O 34 2.81 -28.84 -8.99
CA ASP O 34 3.44 -29.10 -7.70
C ASP O 34 3.31 -30.57 -7.33
N VAL O 35 4.36 -31.11 -6.74
CA VAL O 35 4.42 -32.52 -6.35
C VAL O 35 4.27 -32.60 -4.83
N GLN O 36 3.29 -33.40 -4.39
CA GLN O 36 3.01 -33.57 -2.98
C GLN O 36 3.38 -34.98 -2.52
N TRP O 37 3.82 -35.08 -1.28
CA TRP O 37 4.22 -36.34 -0.68
C TRP O 37 3.32 -36.65 0.52
N TYR O 38 2.91 -37.91 0.63
CA TYR O 38 2.04 -38.36 1.70
C TYR O 38 2.68 -39.52 2.45
N GLN O 39 2.49 -39.54 3.76
CA GLN O 39 2.95 -40.63 4.61
C GLN O 39 1.72 -41.41 5.06
N HIS O 40 1.52 -42.60 4.47
CA HIS O 40 0.33 -43.41 4.72
C HIS O 40 0.67 -44.43 5.80
N LEU O 41 0.50 -44.02 7.06
CA LEU O 41 0.66 -44.95 8.16
C LEU O 41 -0.44 -46.00 8.10
N PRO O 42 -0.11 -47.28 8.34
CA PRO O 42 -1.14 -48.32 8.25
C PRO O 42 -2.24 -48.12 9.29
N GLY O 43 -3.49 -48.34 8.86
CA GLY O 43 -4.63 -48.21 9.73
C GLY O 43 -5.10 -46.79 9.96
N THR O 44 -4.46 -45.79 9.35
CA THR O 44 -4.84 -44.40 9.55
C THR O 44 -4.81 -43.69 8.20
N ALA O 45 -5.45 -42.53 8.16
CA ALA O 45 -5.49 -41.73 6.95
C ALA O 45 -4.10 -41.19 6.62
N PRO O 46 -3.80 -41.01 5.33
CA PRO O 46 -2.48 -40.49 4.95
C PRO O 46 -2.26 -39.08 5.48
N LYS O 47 -0.99 -38.77 5.78
CA LYS O 47 -0.59 -37.48 6.29
C LYS O 47 0.31 -36.78 5.28
N LEU O 48 -0.05 -35.55 4.92
CA LEU O 48 0.75 -34.79 3.97
C LEU O 48 2.08 -34.39 4.60
N LEU O 49 3.15 -34.51 3.81
CA LEU O 49 4.49 -34.14 4.25
C LEU O 49 5.07 -32.94 3.53
N ILE O 50 4.90 -32.88 2.21
CA ILE O 50 5.36 -31.75 1.40
C ILE O 50 4.20 -31.31 0.52
N TYR O 51 3.80 -30.04 0.64
CA TYR O 51 2.65 -29.53 -0.09
C TYR O 51 3.02 -28.78 -1.36
N ASP O 52 4.31 -28.68 -1.68
CA ASP O 52 4.76 -28.03 -2.90
C ASP O 52 6.03 -28.73 -3.36
N ASN O 53 6.77 -28.10 -4.26
CA ASN O 53 8.04 -28.67 -4.69
C ASN O 53 9.02 -28.75 -3.52
N VAL O 54 9.10 -27.69 -2.73
CA VAL O 54 9.98 -27.67 -1.56
C VAL O 54 9.28 -27.25 -0.28
N HIS O 55 8.15 -26.55 -0.35
CA HIS O 55 7.50 -26.04 0.85
C HIS O 55 6.88 -27.18 1.65
N ARG O 56 6.95 -27.07 2.98
CA ARG O 56 6.49 -28.10 3.89
C ARG O 56 5.43 -27.55 4.83
N PRO O 57 4.33 -28.26 5.05
CA PRO O 57 3.28 -27.74 5.92
C PRO O 57 3.73 -27.67 7.38
N SER O 58 3.08 -26.78 8.12
CA SER O 58 3.34 -26.67 9.55
C SER O 58 2.88 -27.94 10.27
N GLY O 59 3.61 -28.29 11.33
CA GLY O 59 3.37 -29.50 12.06
C GLY O 59 4.05 -30.73 11.50
N VAL O 60 4.84 -30.59 10.45
CA VAL O 60 5.59 -31.69 9.86
C VAL O 60 7.05 -31.54 10.25
N PRO O 61 7.71 -32.61 10.70
CA PRO O 61 9.11 -32.48 11.12
C PRO O 61 10.00 -32.02 9.97
N ASP O 62 11.05 -31.28 10.32
CA ASP O 62 11.99 -30.76 9.34
C ASP O 62 12.81 -31.87 8.67
N ARG O 63 12.76 -33.09 9.20
CA ARG O 63 13.51 -34.19 8.59
C ARG O 63 13.05 -34.45 7.17
N PHE O 64 11.74 -34.41 6.92
CA PHE O 64 11.21 -34.65 5.59
C PHE O 64 11.41 -33.42 4.73
N SER O 65 12.20 -33.56 3.67
CA SER O 65 12.46 -32.48 2.72
C SER O 65 12.32 -33.02 1.31
N GLY O 66 11.80 -32.17 0.42
CA GLY O 66 11.60 -32.54 -0.96
C GLY O 66 12.27 -31.58 -1.91
N SER O 67 12.49 -32.06 -3.13
CA SER O 67 13.14 -31.24 -4.16
C SER O 67 12.71 -31.77 -5.53
N LYS O 68 12.31 -30.85 -6.40
CA LYS O 68 11.88 -31.20 -7.76
C LYS O 68 12.98 -30.79 -8.74
N SER O 69 13.46 -31.74 -9.52
CA SER O 69 14.50 -31.50 -10.52
C SER O 69 14.02 -32.02 -11.86
N GLY O 70 13.89 -31.12 -12.84
CA GLY O 70 13.43 -31.53 -14.15
C GLY O 70 12.02 -32.08 -14.10
N THR O 71 11.86 -33.30 -14.60
CA THR O 71 10.56 -33.97 -14.63
C THR O 71 10.41 -35.00 -13.50
N SER O 72 11.30 -34.98 -12.52
CA SER O 72 11.27 -35.92 -11.41
C SER O 72 11.34 -35.16 -10.09
N ALA O 73 10.78 -35.76 -9.05
CA ALA O 73 10.78 -35.20 -7.71
C ALA O 73 11.32 -36.23 -6.74
N SER O 74 12.07 -35.76 -5.74
CA SER O 74 12.70 -36.63 -4.77
C SER O 74 12.34 -36.17 -3.36
N LEU O 75 12.07 -37.15 -2.49
CA LEU O 75 11.78 -36.91 -1.09
C LEU O 75 12.93 -37.44 -0.24
N ALA O 76 13.50 -36.59 0.60
CA ALA O 76 14.65 -36.95 1.43
C ALA O 76 14.21 -37.02 2.88
N ILE O 77 14.55 -38.13 3.54
CA ILE O 77 14.24 -38.35 4.95
C ILE O 77 15.57 -38.46 5.69
N THR O 78 15.97 -37.37 6.34
CA THR O 78 17.20 -37.35 7.12
C THR O 78 16.92 -37.67 8.57
N GLY O 79 17.87 -38.35 9.21
CA GLY O 79 17.71 -38.75 10.59
C GLY O 79 16.53 -39.68 10.79
N LEU O 80 16.45 -40.72 9.97
CA LEU O 80 15.32 -41.63 10.00
C LEU O 80 15.16 -42.30 11.35
N GLN O 81 13.92 -42.38 11.82
CA GLN O 81 13.57 -43.11 13.04
C GLN O 81 12.82 -44.39 12.67
N THR O 82 12.38 -45.11 13.70
CA THR O 82 11.63 -46.34 13.51
C THR O 82 10.13 -46.11 13.36
N GLU O 83 9.67 -44.87 13.52
CA GLU O 83 8.25 -44.55 13.39
C GLU O 83 7.86 -44.13 11.98
N ASP O 84 8.81 -44.11 11.04
CA ASP O 84 8.55 -43.70 9.67
C ASP O 84 8.41 -44.89 8.73
N GLU O 85 8.29 -46.10 9.26
CA GLU O 85 8.15 -47.30 8.44
C GLU O 85 6.70 -47.36 7.95
N ALA O 86 6.46 -46.69 6.81
CA ALA O 86 5.13 -46.64 6.22
C ALA O 86 5.27 -46.35 4.74
N ASP O 87 4.16 -46.55 4.02
CA ASP O 87 4.16 -46.31 2.58
C ASP O 87 4.17 -44.81 2.30
N TYR O 88 5.04 -44.40 1.37
CA TYR O 88 5.13 -43.01 0.95
C TYR O 88 4.64 -42.91 -0.49
N TYR O 89 3.72 -41.97 -0.74
CA TYR O 89 3.10 -41.81 -2.04
C TYR O 89 3.47 -40.46 -2.65
N CYS O 90 3.72 -40.48 -3.95
CA CYS O 90 4.03 -39.27 -4.71
C CYS O 90 2.76 -38.80 -5.39
N GLN O 91 2.32 -37.59 -5.06
CA GLN O 91 1.07 -37.04 -5.56
C GLN O 91 1.37 -35.80 -6.39
N SER O 92 0.78 -35.74 -7.59
CA SER O 92 0.90 -34.59 -8.47
C SER O 92 -0.36 -34.51 -9.32
N TYR O 93 -0.32 -33.67 -10.34
CA TYR O 93 -1.44 -33.52 -11.26
C TYR O 93 -0.92 -33.66 -12.70
N ASP O 94 -1.82 -34.06 -13.59
CA ASP O 94 -1.48 -34.31 -14.98
C ASP O 94 -2.10 -33.22 -15.86
N SER O 95 -1.29 -32.66 -16.74
CA SER O 95 -1.81 -31.70 -17.71
C SER O 95 -2.84 -32.37 -18.62
N ARG O 96 -2.55 -33.59 -19.05
CA ARG O 96 -3.55 -34.40 -19.74
C ARG O 96 -4.60 -34.89 -18.74
N LEU O 97 -5.60 -35.60 -19.25
CA LEU O 97 -6.70 -36.14 -18.45
C LEU O 97 -7.50 -35.04 -17.76
N ARG O 98 -7.37 -33.80 -18.22
CA ARG O 98 -8.15 -32.67 -17.74
C ARG O 98 -7.90 -32.40 -16.25
N ASP O 99 -6.61 -32.31 -15.88
CA ASP O 99 -6.18 -31.92 -14.54
C ASP O 99 -6.78 -32.84 -13.46
N GLN O 100 -6.40 -34.11 -13.53
CA GLN O 100 -6.80 -35.10 -12.54
C GLN O 100 -5.60 -35.49 -11.70
N TRP O 101 -5.83 -35.67 -10.40
CA TRP O 101 -4.75 -36.05 -9.50
C TRP O 101 -4.19 -37.42 -9.87
N VAL O 102 -2.87 -37.54 -9.81
CA VAL O 102 -2.18 -38.79 -10.09
C VAL O 102 -1.33 -39.14 -8.86
N PHE O 103 -1.49 -40.36 -8.37
CA PHE O 103 -0.73 -40.85 -7.23
C PHE O 103 0.31 -41.87 -7.69
N GLY O 104 1.44 -41.91 -6.98
CA GLY O 104 2.48 -42.87 -7.30
C GLY O 104 2.13 -44.27 -6.84
N GLY O 105 3.00 -45.21 -7.23
CA GLY O 105 2.80 -46.60 -6.85
C GLY O 105 2.96 -46.87 -5.37
N GLY O 106 3.64 -45.97 -4.65
CA GLY O 106 3.84 -46.14 -3.23
C GLY O 106 5.13 -46.84 -2.89
N THR O 107 5.95 -46.20 -2.06
CA THR O 107 7.22 -46.76 -1.62
C THR O 107 7.10 -47.16 -0.15
N LYS O 108 7.32 -48.44 0.13
CA LYS O 108 7.24 -48.95 1.51
C LYS O 108 8.62 -48.84 2.13
N LEU O 109 8.85 -47.75 2.85
CA LEU O 109 10.13 -47.55 3.51
C LEU O 109 10.26 -48.50 4.69
N THR O 110 11.38 -49.22 4.75
CA THR O 110 11.64 -50.19 5.80
C THR O 110 12.87 -49.76 6.59
N VAL O 111 12.75 -49.76 7.91
CA VAL O 111 13.86 -49.38 8.79
C VAL O 111 14.62 -50.63 9.19
N LEU O 112 15.91 -50.66 8.87
CA LEU O 112 16.75 -51.82 9.18
C LEU O 112 17.26 -51.75 10.61
C1 NAG P . 28.70 11.02 10.35
C2 NAG P . 27.76 10.07 11.07
C3 NAG P . 27.81 10.31 12.58
C4 NAG P . 29.24 10.25 13.08
C5 NAG P . 30.11 11.21 12.27
C6 NAG P . 31.57 11.17 12.63
C7 NAG P . 25.62 9.18 10.23
C8 NAG P . 26.24 7.82 10.37
N2 NAG P . 26.39 10.21 10.57
O3 NAG P . 27.00 9.33 13.23
O4 NAG P . 29.32 10.61 14.45
O5 NAG P . 30.02 10.89 10.88
O6 NAG P . 32.23 12.39 12.32
O7 NAG P . 24.48 9.33 9.82
C1 NAG P . 29.26 9.44 15.30
C2 NAG P . 30.59 9.23 16.02
C3 NAG P . 30.49 8.05 16.98
C4 NAG P . 29.30 8.21 17.92
C5 NAG P . 28.04 8.44 17.10
C6 NAG P . 26.80 8.71 17.95
C7 NAG P . 32.95 9.24 15.35
C8 NAG P . 33.93 8.96 14.24
N2 NAG P . 31.66 9.02 15.06
O3 NAG P . 31.69 7.97 17.75
O4 NAG P . 29.15 7.03 18.70
O5 NAG P . 28.21 9.59 16.25
O6 NAG P . 27.02 9.81 18.81
O7 NAG P . 33.31 9.63 16.45
C1 BMA P . 29.24 7.35 20.10
C2 BMA P . 28.82 6.10 20.88
C3 BMA P . 29.03 6.32 22.39
C4 BMA P . 30.42 6.89 22.69
C5 BMA P . 30.68 8.14 21.83
C6 BMA P . 32.07 8.70 22.03
O2 BMA P . 29.64 4.99 20.53
O3 BMA P . 28.83 5.10 23.11
O4 BMA P . 30.52 7.23 24.06
O5 BMA P . 30.55 7.76 20.45
O6 BMA P . 32.31 9.68 21.03
C1 MAN P . 33.57 10.32 21.32
C2 MAN P . 33.60 11.69 20.55
C3 MAN P . 33.93 11.48 19.06
C4 MAN P . 35.13 10.55 18.89
C5 MAN P . 34.83 9.21 19.57
C6 MAN P . 35.94 8.21 19.42
O2 MAN P . 34.63 12.54 21.05
O3 MAN P . 34.16 12.72 18.41
O4 MAN P . 35.39 10.32 17.51
O5 MAN P . 34.66 9.46 20.98
O6 MAN P . 35.45 6.93 19.82
C1 MAN P . 33.32 12.82 17.24
C2 MAN P . 33.86 13.98 16.37
C3 MAN P . 33.56 15.33 17.02
C4 MAN P . 32.08 15.44 17.39
C5 MAN P . 31.70 14.27 18.31
C6 MAN P . 30.22 14.28 18.69
O2 MAN P . 33.23 14.02 15.10
O3 MAN P . 33.93 16.41 16.18
O4 MAN P . 31.84 16.66 18.07
O5 MAN P . 31.97 13.03 17.63
O6 MAN P . 29.47 14.04 17.50
C1 MAN P . 27.61 5.22 23.88
C2 MAN P . 27.60 4.06 24.93
C3 MAN P . 27.27 2.73 24.26
C4 MAN P . 26.01 2.85 23.40
C5 MAN P . 26.24 3.93 22.34
C6 MAN P . 25.05 4.12 21.43
O2 MAN P . 26.59 4.26 25.91
O3 MAN P . 27.12 1.68 25.21
O4 MAN P . 25.74 1.61 22.76
O5 MAN P . 26.47 5.17 23.03
O6 MAN P . 24.76 2.87 20.80
C1 NAG Q . -17.95 27.03 -0.78
C2 NAG Q . -18.38 25.64 -0.32
C3 NAG Q . -19.84 25.39 -0.67
C4 NAG Q . -20.72 26.51 -0.13
C5 NAG Q . -20.18 27.85 -0.63
C6 NAG Q . -20.93 29.04 -0.07
C7 NAG Q . -16.99 23.61 -0.20
C8 NAG Q . -17.30 23.59 1.27
N2 NAG Q . -17.53 24.61 -0.90
O3 NAG Q . -20.24 24.13 -0.13
O4 NAG Q . -22.06 26.36 -0.59
O5 NAG Q . -18.81 28.00 -0.21
O6 NAG Q . -20.84 30.16 -0.92
O7 NAG Q . -16.27 22.76 -0.72
C1 NAG Q . -22.84 25.64 0.39
C2 NAG Q . -23.91 26.56 0.99
C3 NAG Q . -24.82 25.78 1.94
C4 NAG Q . -25.37 24.53 1.26
C5 NAG Q . -24.23 23.70 0.68
C6 NAG Q . -24.69 22.49 -0.10
C7 NAG Q . -23.95 28.84 1.90
C8 NAG Q . -23.16 29.89 2.63
N2 NAG Q . -23.31 27.68 1.67
O3 NAG Q . -25.90 26.60 2.37
O4 NAG Q . -26.07 23.73 2.22
O5 NAG Q . -23.47 24.51 -0.23
O6 NAG Q . -25.58 22.87 -1.15
O7 NAG Q . -25.10 29.02 1.54
C1 BMA Q . -27.44 23.57 1.81
C2 BMA Q . -28.07 22.52 2.75
C3 BMA Q . -29.57 22.39 2.47
C4 BMA Q . -30.26 23.77 2.40
C5 BMA Q . -29.52 24.70 1.43
C6 BMA Q . -30.10 26.09 1.38
O2 BMA Q . -27.96 22.94 4.10
O3 BMA Q . -30.21 21.58 3.43
O4 BMA Q . -31.61 23.61 1.98
O5 BMA Q . -28.15 24.80 1.86
O6 BMA Q . -29.22 26.93 0.66
C1 MAN Q . -29.87 28.21 0.51
C2 MAN Q . -29.14 28.97 -0.66
C3 MAN Q . -27.81 29.56 -0.21
C4 MAN Q . -27.97 30.32 1.11
C5 MAN Q . -28.52 29.37 2.16
C6 MAN Q . -28.67 30.01 3.52
O2 MAN Q . -29.92 30.07 -1.13
O3 MAN Q . -27.26 30.42 -1.21
O4 MAN Q . -26.72 30.83 1.54
O5 MAN Q . -29.82 28.94 1.73
O6 MAN Q . -28.89 28.98 4.48
C1 MAN Q . -25.90 30.01 -1.48
C2 MAN Q . -25.23 31.18 -2.28
C3 MAN Q . -25.75 31.22 -3.71
C4 MAN Q . -25.68 29.85 -4.37
C5 MAN Q . -26.44 28.83 -3.53
C6 MAN Q . -26.38 27.42 -4.09
O2 MAN Q . -23.81 30.97 -2.40
O3 MAN Q . -25.06 32.19 -4.49
O4 MAN Q . -26.25 29.89 -5.66
O5 MAN Q . -25.87 28.79 -2.21
O6 MAN Q . -25.02 26.98 -4.02
C1 MAN Q . -30.60 20.33 2.81
C2 MAN Q . -31.60 19.62 3.77
C3 MAN Q . -30.86 19.00 4.96
C4 MAN Q . -29.68 18.15 4.48
C5 MAN Q . -28.74 19.02 3.67
C6 MAN Q . -27.52 18.28 3.15
O2 MAN Q . -32.26 18.53 3.12
O3 MAN Q . -31.73 18.21 5.77
O4 MAN Q . -28.99 17.61 5.60
O5 MAN Q . -29.46 19.52 2.52
O6 MAN Q . -26.83 17.73 4.27
C1 NAG R . 5.61 -5.54 -31.45
C2 NAG R . 5.29 -6.56 -30.37
C3 NAG R . 6.04 -7.87 -30.64
C4 NAG R . 5.77 -8.36 -32.06
C5 NAG R . 6.09 -7.24 -33.05
C6 NAG R . 5.77 -7.61 -34.49
C7 NAG R . 4.79 -6.12 -28.00
C8 NAG R . 3.47 -6.79 -28.26
N2 NAG R . 5.62 -6.05 -29.05
O3 NAG R . 5.62 -8.84 -29.68
O4 NAG R . 6.57 -9.49 -32.37
O5 NAG R . 5.32 -6.08 -32.74
O6 NAG R . 6.57 -6.87 -35.39
O7 NAG R . 5.09 -5.68 -26.90
C1 NAG R . 5.84 -10.71 -32.08
C2 NAG R . 5.55 -11.47 -33.38
C3 NAG R . 4.88 -12.80 -33.09
C4 NAG R . 5.69 -13.61 -32.07
C5 NAG R . 5.95 -12.76 -30.83
C6 NAG R . 6.84 -13.44 -29.81
C7 NAG R . 4.66 -10.85 -35.59
C8 NAG R . 3.74 -9.94 -36.34
N2 NAG R . 4.72 -10.67 -34.27
O3 NAG R . 4.74 -13.56 -34.29
O4 NAG R . 4.97 -14.77 -31.69
O5 NAG R . 6.62 -11.55 -31.21
O6 NAG R . 8.09 -13.81 -30.38
O7 NAG R . 5.32 -11.72 -36.15
C1 BMA R . 5.75 -15.95 -32.01
C2 BMA R . 5.03 -17.15 -31.37
C3 BMA R . 5.73 -18.46 -31.77
C4 BMA R . 5.97 -18.53 -33.29
C5 BMA R . 6.67 -17.25 -33.78
C6 BMA R . 6.87 -17.24 -35.27
O2 BMA R . 3.69 -17.24 -31.84
O3 BMA R . 4.99 -19.60 -31.33
O4 BMA R . 6.75 -19.66 -33.60
O5 BMA R . 5.88 -16.12 -33.41
O6 BMA R . 7.31 -15.94 -35.65
C1 MAN R . 7.63 -15.97 -37.06
C2 MAN R . 8.54 -14.74 -37.37
C3 MAN R . 7.74 -13.45 -37.47
C4 MAN R . 6.51 -13.64 -38.37
C5 MAN R . 5.66 -14.78 -37.80
C6 MAN R . 4.39 -15.01 -38.59
O2 MAN R . 9.20 -14.88 -38.63
O3 MAN R . 8.53 -12.37 -37.96
O4 MAN R . 5.73 -12.46 -38.41
O5 MAN R . 6.43 -15.98 -37.84
O6 MAN R . 3.54 -15.88 -37.83
C1 MAN R . 8.43 -11.26 -37.04
C2 MAN R . 9.00 -10.00 -37.78
C3 MAN R . 10.52 -10.11 -37.90
C4 MAN R . 11.16 -10.41 -36.53
C5 MAN R . 10.55 -11.69 -35.96
C6 MAN R . 11.10 -12.03 -34.58
O2 MAN R . 8.75 -8.81 -37.05
O3 MAN R . 11.08 -8.93 -38.45
O4 MAN R . 12.55 -10.58 -36.68
O5 MAN R . 9.12 -11.53 -35.84
O6 MAN R . 10.68 -11.00 -33.68
C1 MAN R . 5.70 -20.24 -30.27
C2 MAN R . 5.07 -21.66 -30.06
C3 MAN R . 3.74 -21.54 -29.34
C4 MAN R . 3.87 -20.69 -28.08
C5 MAN R . 4.38 -19.31 -28.46
C6 MAN R . 4.54 -18.38 -27.28
O2 MAN R . 5.89 -22.47 -29.22
O3 MAN R . 3.20 -22.82 -29.02
O4 MAN R . 2.61 -20.57 -27.44
O5 MAN R . 5.67 -19.45 -29.08
O6 MAN R . 3.29 -18.28 -26.61
C1 NAG S . 23.55 -2.38 32.64
C2 NAG S . 24.96 -2.69 33.13
C3 NAG S . 25.02 -2.62 34.65
C4 NAG S . 24.47 -1.29 35.15
C5 NAG S . 23.07 -1.04 34.57
C6 NAG S . 22.53 0.32 34.92
C7 NAG S . 26.59 -4.15 32.03
C8 NAG S . 26.91 -5.55 31.61
N2 NAG S . 25.43 -3.98 32.65
O3 NAG S . 26.35 -2.79 35.08
O4 NAG S . 24.39 -1.30 36.57
O5 NAG S . 23.12 -1.12 33.13
O6 NAG S . 23.43 1.36 34.56
O7 NAG S . 27.36 -3.21 31.82
C1 NAG T . -37.88 11.56 7.49
C2 NAG T . -38.73 12.58 8.23
C3 NAG T . -40.20 12.28 8.04
C4 NAG T . -40.54 12.18 6.55
C5 NAG T . -39.61 11.18 5.88
C6 NAG T . -39.79 11.11 4.38
C7 NAG T . -38.11 13.75 10.31
C8 NAG T . -37.78 13.60 11.76
N2 NAG T . -38.39 12.62 9.64
O3 NAG T . -40.99 13.31 8.64
O4 NAG T . -41.89 11.74 6.39
O5 NAG T . -38.24 11.56 6.10
O6 NAG T . -39.67 12.40 3.78
O7 NAG T . -38.13 14.85 9.75
C1 NAG U . 3.26 -31.21 -25.30
C2 NAG U . 2.79 -31.78 -26.62
C3 NAG U . 3.37 -33.17 -26.84
C4 NAG U . 4.89 -33.13 -26.70
C5 NAG U . 5.29 -32.49 -25.38
C6 NAG U . 6.78 -32.29 -25.24
C7 NAG U . 0.62 -31.33 -27.70
C8 NAG U . -0.86 -31.46 -27.59
N2 NAG U . 1.33 -31.83 -26.68
O3 NAG U . 3.01 -33.65 -28.13
O4 NAG U . 5.42 -34.45 -26.76
O5 NAG U . 4.69 -31.19 -25.27
O6 NAG U . 7.32 -31.57 -26.34
O7 NAG U . 1.17 -30.78 -28.66
#